data_1ZNY
# 
_entry.id   1ZNY 
# 
_audit_conform.dict_name       mmcif_pdbx.dic 
_audit_conform.dict_version    5.399 
_audit_conform.dict_location   http://mmcif.pdb.org/dictionaries/ascii/mmcif_pdbx.dic 
# 
loop_
_database_2.database_id 
_database_2.database_code 
_database_2.pdbx_database_accession 
_database_2.pdbx_DOI 
PDB   1ZNY         pdb_00001zny 10.2210/pdb1zny/pdb 
RCSB  RCSB032938   ?            ?                   
WWPDB D_1000032938 ?            ?                   
# 
loop_
_pdbx_audit_revision_history.ordinal 
_pdbx_audit_revision_history.data_content_type 
_pdbx_audit_revision_history.major_revision 
_pdbx_audit_revision_history.minor_revision 
_pdbx_audit_revision_history.revision_date 
1 'Structure model' 1 0 2005-11-29 
2 'Structure model' 1 1 2008-04-30 
3 'Structure model' 1 2 2011-07-13 
4 'Structure model' 1 3 2023-10-25 
5 'Structure model' 1 4 2024-11-20 
# 
_pdbx_audit_revision_details.ordinal             1 
_pdbx_audit_revision_details.revision_ordinal    1 
_pdbx_audit_revision_details.data_content_type   'Structure model' 
_pdbx_audit_revision_details.provider            repository 
_pdbx_audit_revision_details.type                'Initial release' 
_pdbx_audit_revision_details.description         ? 
_pdbx_audit_revision_details.details             ? 
# 
loop_
_pdbx_audit_revision_group.ordinal 
_pdbx_audit_revision_group.revision_ordinal 
_pdbx_audit_revision_group.data_content_type 
_pdbx_audit_revision_group.group 
1 2 'Structure model' 'Version format compliance' 
2 3 'Structure model' Advisory                    
3 3 'Structure model' 'Version format compliance' 
4 4 'Structure model' 'Data collection'           
5 4 'Structure model' 'Database references'       
6 4 'Structure model' 'Derived calculations'      
7 4 'Structure model' 'Refinement description'    
8 5 'Structure model' 'Structure summary'         
# 
loop_
_pdbx_audit_revision_category.ordinal 
_pdbx_audit_revision_category.revision_ordinal 
_pdbx_audit_revision_category.data_content_type 
_pdbx_audit_revision_category.category 
1 4 'Structure model' chem_comp_atom                
2 4 'Structure model' chem_comp_bond                
3 4 'Structure model' database_2                    
4 4 'Structure model' pdbx_initial_refinement_model 
5 4 'Structure model' struct_site                   
6 5 'Structure model' pdbx_entry_details            
7 5 'Structure model' pdbx_modification_feature     
# 
loop_
_pdbx_audit_revision_item.ordinal 
_pdbx_audit_revision_item.revision_ordinal 
_pdbx_audit_revision_item.data_content_type 
_pdbx_audit_revision_item.item 
1 4 'Structure model' '_database_2.pdbx_DOI'                
2 4 'Structure model' '_database_2.pdbx_database_accession' 
3 4 'Structure model' '_struct_site.pdbx_auth_asym_id'      
4 4 'Structure model' '_struct_site.pdbx_auth_comp_id'      
5 4 'Structure model' '_struct_site.pdbx_auth_seq_id'       
# 
_pdbx_database_status.status_code                     REL 
_pdbx_database_status.entry_id                        1ZNY 
_pdbx_database_status.recvd_initial_deposition_date   2005-05-12 
_pdbx_database_status.deposit_site                    RCSB 
_pdbx_database_status.process_site                    PDBJ 
_pdbx_database_status.status_code_sf                  REL 
_pdbx_database_status.status_code_mr                  ? 
_pdbx_database_status.SG_entry                        ? 
_pdbx_database_status.pdb_format_compatible           Y 
_pdbx_database_status.status_code_cs                  ? 
_pdbx_database_status.status_code_nmr_data            ? 
_pdbx_database_status.methods_development_category    ? 
# 
loop_
_pdbx_database_related.db_name 
_pdbx_database_related.db_id 
_pdbx_database_related.details 
_pdbx_database_related.content_type 
PDB 1ZNW 'Crystal structure of the M.tuberculosis protein with no ligand'                        unspecified 
PDB 1ZNX 'Crystal structure of the M.tuberculosis protein liganded with GMP'                     unspecified 
PDB 1ZNZ 'Crystal structure of the reduced form of the M.tuberculosis protein liganded with GDP' unspecified 
# 
loop_
_audit_author.name 
_audit_author.pdbx_ordinal 
'Hible, G.'          1 
'Christova, P.'      2 
'Renault, L.'        3 
'Seclaman, E.'       4 
'Thompson, A.'       5 
'Girard, E.'         6 
'Munier-Lehmann, H.' 7 
'Cherfils, J.'       8 
# 
_citation.id                        primary 
_citation.title                     'Unique GMP-binding site in Mycobacterium tuberculosis guanosine monophosphate kinase' 
_citation.journal_abbrev            Proteins 
_citation.journal_volume            62 
_citation.page_first                489 
_citation.page_last                 500 
_citation.year                      2006 
_citation.journal_id_ASTM           PSFGEY 
_citation.country                   US 
_citation.journal_id_ISSN           0887-3585 
_citation.journal_id_CSD            0867 
_citation.book_publisher            ? 
_citation.pdbx_database_id_PubMed   16288457 
_citation.pdbx_database_id_DOI      10.1002/prot.20662 
# 
loop_
_citation_author.citation_id 
_citation_author.name 
_citation_author.ordinal 
_citation_author.identifier_ORCID 
primary 'Hible, G.'          1 ? 
primary 'Christova, P.'      2 ? 
primary 'Renault, L.'        3 ? 
primary 'Seclaman, E.'       4 ? 
primary 'Thompson, A.'       5 ? 
primary 'Girard, E.'         6 ? 
primary 'Munier-Lehmann, H.' 7 ? 
primary 'Cherfils, J.'       8 ? 
# 
loop_
_entity.id 
_entity.type 
_entity.src_method 
_entity.pdbx_description 
_entity.formula_weight 
_entity.pdbx_number_of_molecules 
_entity.pdbx_ec 
_entity.pdbx_mutation 
_entity.pdbx_fragment 
_entity.details 
1 polymer     man 'Guanylate kinase'         21991.045 1  2.7.4.8 ? ? ? 
2 non-polymer syn "GUANOSINE-5'-DIPHOSPHATE" 443.201   1  ?       ? ? ? 
3 water       nat water                      18.015    57 ?       ? ? ? 
# 
_entity_name_com.entity_id   1 
_entity_name_com.name        'GMP kinase' 
# 
_entity_poly.entity_id                      1 
_entity_poly.type                           'polypeptide(L)' 
_entity_poly.nstd_linkage                   no 
_entity_poly.nstd_monomer                   no 
_entity_poly.pdbx_seq_one_letter_code       
;SVGEGPDTKPTARGQPAAVGRVVVLSGPSAVGKSTVVRCLRERIPNLHFSVSATTRAPRPGEVDGVDYHFIDPTRFQQLI
DQGELLEWAEIHGGLHRSGTLAQPVRAAAATGVPVLIEVDLAGARAIKKTMPEAVTVFLAPPSWQDLQARLIGRGTETAD
VIQRRLDTARIELAAQGDFDKVVVNRRLESACAELVSLLVGTAPGSP
;
_entity_poly.pdbx_seq_one_letter_code_can   
;SVGEGPDTKPTARGQPAAVGRVVVLSGPSAVGKSTVVRCLRERIPNLHFSVSATTRAPRPGEVDGVDYHFIDPTRFQQLI
DQGELLEWAEIHGGLHRSGTLAQPVRAAAATGVPVLIEVDLAGARAIKKTMPEAVTVFLAPPSWQDLQARLIGRGTETAD
VIQRRLDTARIELAAQGDFDKVVVNRRLESACAELVSLLVGTAPGSP
;
_entity_poly.pdbx_strand_id                 A 
_entity_poly.pdbx_target_identifier         ? 
# 
loop_
_pdbx_entity_nonpoly.entity_id 
_pdbx_entity_nonpoly.name 
_pdbx_entity_nonpoly.comp_id 
2 "GUANOSINE-5'-DIPHOSPHATE" GDP 
3 water                      HOH 
# 
loop_
_entity_poly_seq.entity_id 
_entity_poly_seq.num 
_entity_poly_seq.mon_id 
_entity_poly_seq.hetero 
1 1   SER n 
1 2   VAL n 
1 3   GLY n 
1 4   GLU n 
1 5   GLY n 
1 6   PRO n 
1 7   ASP n 
1 8   THR n 
1 9   LYS n 
1 10  PRO n 
1 11  THR n 
1 12  ALA n 
1 13  ARG n 
1 14  GLY n 
1 15  GLN n 
1 16  PRO n 
1 17  ALA n 
1 18  ALA n 
1 19  VAL n 
1 20  GLY n 
1 21  ARG n 
1 22  VAL n 
1 23  VAL n 
1 24  VAL n 
1 25  LEU n 
1 26  SER n 
1 27  GLY n 
1 28  PRO n 
1 29  SER n 
1 30  ALA n 
1 31  VAL n 
1 32  GLY n 
1 33  LYS n 
1 34  SER n 
1 35  THR n 
1 36  VAL n 
1 37  VAL n 
1 38  ARG n 
1 39  CYS n 
1 40  LEU n 
1 41  ARG n 
1 42  GLU n 
1 43  ARG n 
1 44  ILE n 
1 45  PRO n 
1 46  ASN n 
1 47  LEU n 
1 48  HIS n 
1 49  PHE n 
1 50  SER n 
1 51  VAL n 
1 52  SER n 
1 53  ALA n 
1 54  THR n 
1 55  THR n 
1 56  ARG n 
1 57  ALA n 
1 58  PRO n 
1 59  ARG n 
1 60  PRO n 
1 61  GLY n 
1 62  GLU n 
1 63  VAL n 
1 64  ASP n 
1 65  GLY n 
1 66  VAL n 
1 67  ASP n 
1 68  TYR n 
1 69  HIS n 
1 70  PHE n 
1 71  ILE n 
1 72  ASP n 
1 73  PRO n 
1 74  THR n 
1 75  ARG n 
1 76  PHE n 
1 77  GLN n 
1 78  GLN n 
1 79  LEU n 
1 80  ILE n 
1 81  ASP n 
1 82  GLN n 
1 83  GLY n 
1 84  GLU n 
1 85  LEU n 
1 86  LEU n 
1 87  GLU n 
1 88  TRP n 
1 89  ALA n 
1 90  GLU n 
1 91  ILE n 
1 92  HIS n 
1 93  GLY n 
1 94  GLY n 
1 95  LEU n 
1 96  HIS n 
1 97  ARG n 
1 98  SER n 
1 99  GLY n 
1 100 THR n 
1 101 LEU n 
1 102 ALA n 
1 103 GLN n 
1 104 PRO n 
1 105 VAL n 
1 106 ARG n 
1 107 ALA n 
1 108 ALA n 
1 109 ALA n 
1 110 ALA n 
1 111 THR n 
1 112 GLY n 
1 113 VAL n 
1 114 PRO n 
1 115 VAL n 
1 116 LEU n 
1 117 ILE n 
1 118 GLU n 
1 119 VAL n 
1 120 ASP n 
1 121 LEU n 
1 122 ALA n 
1 123 GLY n 
1 124 ALA n 
1 125 ARG n 
1 126 ALA n 
1 127 ILE n 
1 128 LYS n 
1 129 LYS n 
1 130 THR n 
1 131 MET n 
1 132 PRO n 
1 133 GLU n 
1 134 ALA n 
1 135 VAL n 
1 136 THR n 
1 137 VAL n 
1 138 PHE n 
1 139 LEU n 
1 140 ALA n 
1 141 PRO n 
1 142 PRO n 
1 143 SER n 
1 144 TRP n 
1 145 GLN n 
1 146 ASP n 
1 147 LEU n 
1 148 GLN n 
1 149 ALA n 
1 150 ARG n 
1 151 LEU n 
1 152 ILE n 
1 153 GLY n 
1 154 ARG n 
1 155 GLY n 
1 156 THR n 
1 157 GLU n 
1 158 THR n 
1 159 ALA n 
1 160 ASP n 
1 161 VAL n 
1 162 ILE n 
1 163 GLN n 
1 164 ARG n 
1 165 ARG n 
1 166 LEU n 
1 167 ASP n 
1 168 THR n 
1 169 ALA n 
1 170 ARG n 
1 171 ILE n 
1 172 GLU n 
1 173 LEU n 
1 174 ALA n 
1 175 ALA n 
1 176 GLN n 
1 177 GLY n 
1 178 ASP n 
1 179 PHE n 
1 180 ASP n 
1 181 LYS n 
1 182 VAL n 
1 183 VAL n 
1 184 VAL n 
1 185 ASN n 
1 186 ARG n 
1 187 ARG n 
1 188 LEU n 
1 189 GLU n 
1 190 SER n 
1 191 ALA n 
1 192 CYS n 
1 193 ALA n 
1 194 GLU n 
1 195 LEU n 
1 196 VAL n 
1 197 SER n 
1 198 LEU n 
1 199 LEU n 
1 200 VAL n 
1 201 GLY n 
1 202 THR n 
1 203 ALA n 
1 204 PRO n 
1 205 GLY n 
1 206 SER n 
1 207 PRO n 
# 
_entity_src_gen.entity_id                          1 
_entity_src_gen.pdbx_src_id                        1 
_entity_src_gen.pdbx_alt_source_flag               sample 
_entity_src_gen.pdbx_seq_type                      ? 
_entity_src_gen.pdbx_beg_seq_num                   ? 
_entity_src_gen.pdbx_end_seq_num                   ? 
_entity_src_gen.gene_src_common_name               ? 
_entity_src_gen.gene_src_genus                     Mycobacterium 
_entity_src_gen.pdbx_gene_src_gene                 'gmk (RV1389)' 
_entity_src_gen.gene_src_species                   ? 
_entity_src_gen.gene_src_strain                    ? 
_entity_src_gen.gene_src_tissue                    ? 
_entity_src_gen.gene_src_tissue_fraction           ? 
_entity_src_gen.gene_src_details                   ? 
_entity_src_gen.pdbx_gene_src_fragment             ? 
_entity_src_gen.pdbx_gene_src_scientific_name      'Mycobacterium tuberculosis' 
_entity_src_gen.pdbx_gene_src_ncbi_taxonomy_id     1773 
_entity_src_gen.pdbx_gene_src_variant              ? 
_entity_src_gen.pdbx_gene_src_cell_line            ? 
_entity_src_gen.pdbx_gene_src_atcc                 ? 
_entity_src_gen.pdbx_gene_src_organ                ? 
_entity_src_gen.pdbx_gene_src_organelle            ? 
_entity_src_gen.pdbx_gene_src_cell                 ? 
_entity_src_gen.pdbx_gene_src_cellular_location    ? 
_entity_src_gen.host_org_common_name               ? 
_entity_src_gen.pdbx_host_org_scientific_name      'Escherichia coli' 
_entity_src_gen.pdbx_host_org_ncbi_taxonomy_id     562 
_entity_src_gen.host_org_genus                     Escherichia 
_entity_src_gen.pdbx_host_org_gene                 ? 
_entity_src_gen.pdbx_host_org_organ                ? 
_entity_src_gen.host_org_species                   ? 
_entity_src_gen.pdbx_host_org_tissue               ? 
_entity_src_gen.pdbx_host_org_tissue_fraction      ? 
_entity_src_gen.pdbx_host_org_strain               ? 
_entity_src_gen.pdbx_host_org_variant              ? 
_entity_src_gen.pdbx_host_org_cell_line            ? 
_entity_src_gen.pdbx_host_org_atcc                 ? 
_entity_src_gen.pdbx_host_org_culture_collection   ? 
_entity_src_gen.pdbx_host_org_cell                 ? 
_entity_src_gen.pdbx_host_org_organelle            ? 
_entity_src_gen.pdbx_host_org_cellular_location    ? 
_entity_src_gen.pdbx_host_org_vector_type          plasmid 
_entity_src_gen.pdbx_host_org_vector               ? 
_entity_src_gen.host_org_details                   ? 
_entity_src_gen.expression_system_id               ? 
_entity_src_gen.plasmid_name                       pET22b 
_entity_src_gen.plasmid_details                    ? 
_entity_src_gen.pdbx_description                   ? 
# 
loop_
_chem_comp.id 
_chem_comp.type 
_chem_comp.mon_nstd_flag 
_chem_comp.name 
_chem_comp.pdbx_synonyms 
_chem_comp.formula 
_chem_comp.formula_weight 
ALA 'L-peptide linking' y ALANINE                    ? 'C3 H7 N O2'        89.093  
ARG 'L-peptide linking' y ARGININE                   ? 'C6 H15 N4 O2 1'    175.209 
ASN 'L-peptide linking' y ASPARAGINE                 ? 'C4 H8 N2 O3'       132.118 
ASP 'L-peptide linking' y 'ASPARTIC ACID'            ? 'C4 H7 N O4'        133.103 
CYS 'L-peptide linking' y CYSTEINE                   ? 'C3 H7 N O2 S'      121.158 
GDP 'RNA linking'       n "GUANOSINE-5'-DIPHOSPHATE" ? 'C10 H15 N5 O11 P2' 443.201 
GLN 'L-peptide linking' y GLUTAMINE                  ? 'C5 H10 N2 O3'      146.144 
GLU 'L-peptide linking' y 'GLUTAMIC ACID'            ? 'C5 H9 N O4'        147.129 
GLY 'peptide linking'   y GLYCINE                    ? 'C2 H5 N O2'        75.067  
HIS 'L-peptide linking' y HISTIDINE                  ? 'C6 H10 N3 O2 1'    156.162 
HOH non-polymer         . WATER                      ? 'H2 O'              18.015  
ILE 'L-peptide linking' y ISOLEUCINE                 ? 'C6 H13 N O2'       131.173 
LEU 'L-peptide linking' y LEUCINE                    ? 'C6 H13 N O2'       131.173 
LYS 'L-peptide linking' y LYSINE                     ? 'C6 H15 N2 O2 1'    147.195 
MET 'L-peptide linking' y METHIONINE                 ? 'C5 H11 N O2 S'     149.211 
PHE 'L-peptide linking' y PHENYLALANINE              ? 'C9 H11 N O2'       165.189 
PRO 'L-peptide linking' y PROLINE                    ? 'C5 H9 N O2'        115.130 
SER 'L-peptide linking' y SERINE                     ? 'C3 H7 N O3'        105.093 
THR 'L-peptide linking' y THREONINE                  ? 'C4 H9 N O3'        119.119 
TRP 'L-peptide linking' y TRYPTOPHAN                 ? 'C11 H12 N2 O2'     204.225 
TYR 'L-peptide linking' y TYROSINE                   ? 'C9 H11 N O3'       181.189 
VAL 'L-peptide linking' y VALINE                     ? 'C5 H11 N O2'       117.146 
# 
loop_
_pdbx_poly_seq_scheme.asym_id 
_pdbx_poly_seq_scheme.entity_id 
_pdbx_poly_seq_scheme.seq_id 
_pdbx_poly_seq_scheme.mon_id 
_pdbx_poly_seq_scheme.ndb_seq_num 
_pdbx_poly_seq_scheme.pdb_seq_num 
_pdbx_poly_seq_scheme.auth_seq_num 
_pdbx_poly_seq_scheme.pdb_mon_id 
_pdbx_poly_seq_scheme.auth_mon_id 
_pdbx_poly_seq_scheme.pdb_strand_id 
_pdbx_poly_seq_scheme.pdb_ins_code 
_pdbx_poly_seq_scheme.hetero 
A 1 1   SER 1   2   ?   ?   ?   A . n 
A 1 2   VAL 2   3   ?   ?   ?   A . n 
A 1 3   GLY 3   4   ?   ?   ?   A . n 
A 1 4   GLU 4   5   ?   ?   ?   A . n 
A 1 5   GLY 5   6   ?   ?   ?   A . n 
A 1 6   PRO 6   7   ?   ?   ?   A . n 
A 1 7   ASP 7   8   ?   ?   ?   A . n 
A 1 8   THR 8   9   ?   ?   ?   A . n 
A 1 9   LYS 9   10  ?   ?   ?   A . n 
A 1 10  PRO 10  11  ?   ?   ?   A . n 
A 1 11  THR 11  12  ?   ?   ?   A . n 
A 1 12  ALA 12  13  ?   ?   ?   A . n 
A 1 13  ARG 13  14  ?   ?   ?   A . n 
A 1 14  GLY 14  15  ?   ?   ?   A . n 
A 1 15  GLN 15  16  ?   ?   ?   A . n 
A 1 16  PRO 16  17  ?   ?   ?   A . n 
A 1 17  ALA 17  18  ?   ?   ?   A . n 
A 1 18  ALA 18  19  ?   ?   ?   A . n 
A 1 19  VAL 19  20  20  VAL VAL A . n 
A 1 20  GLY 20  21  21  GLY GLY A . n 
A 1 21  ARG 21  22  22  ARG ARG A . n 
A 1 22  VAL 22  23  23  VAL VAL A . n 
A 1 23  VAL 23  24  24  VAL VAL A . n 
A 1 24  VAL 24  25  25  VAL VAL A . n 
A 1 25  LEU 25  26  26  LEU LEU A . n 
A 1 26  SER 26  27  27  SER SER A . n 
A 1 27  GLY 27  28  28  GLY GLY A . n 
A 1 28  PRO 28  29  29  PRO PRO A . n 
A 1 29  SER 29  30  30  SER SER A . n 
A 1 30  ALA 30  31  31  ALA ALA A . n 
A 1 31  VAL 31  32  32  VAL VAL A . n 
A 1 32  GLY 32  33  33  GLY GLY A . n 
A 1 33  LYS 33  34  34  LYS LYS A . n 
A 1 34  SER 34  35  35  SER SER A . n 
A 1 35  THR 35  36  36  THR THR A . n 
A 1 36  VAL 36  37  37  VAL VAL A . n 
A 1 37  VAL 37  38  38  VAL VAL A . n 
A 1 38  ARG 38  39  39  ARG ARG A . n 
A 1 39  CYS 39  40  40  CYS CYS A . n 
A 1 40  LEU 40  41  41  LEU LEU A . n 
A 1 41  ARG 41  42  42  ARG ARG A . n 
A 1 42  GLU 42  43  43  GLU GLU A . n 
A 1 43  ARG 43  44  44  ARG ARG A . n 
A 1 44  ILE 44  45  45  ILE ILE A . n 
A 1 45  PRO 45  46  46  PRO PRO A . n 
A 1 46  ASN 46  47  47  ASN ASN A . n 
A 1 47  LEU 47  48  48  LEU LEU A . n 
A 1 48  HIS 48  49  49  HIS HIS A . n 
A 1 49  PHE 49  50  50  PHE PHE A . n 
A 1 50  SER 50  51  51  SER SER A . n 
A 1 51  VAL 51  52  52  VAL VAL A . n 
A 1 52  SER 52  53  53  SER SER A . n 
A 1 53  ALA 53  54  54  ALA ALA A . n 
A 1 54  THR 54  55  55  THR THR A . n 
A 1 55  THR 55  56  56  THR THR A . n 
A 1 56  ARG 56  57  57  ARG ARG A . n 
A 1 57  ALA 57  58  58  ALA ALA A . n 
A 1 58  PRO 58  59  59  PRO PRO A . n 
A 1 59  ARG 59  60  60  ARG ARG A . n 
A 1 60  PRO 60  61  61  PRO PRO A . n 
A 1 61  GLY 61  62  62  GLY GLY A . n 
A 1 62  GLU 62  63  63  GLU GLU A . n 
A 1 63  VAL 63  64  64  VAL VAL A . n 
A 1 64  ASP 64  65  65  ASP ASP A . n 
A 1 65  GLY 65  66  66  GLY GLY A . n 
A 1 66  VAL 66  67  67  VAL VAL A . n 
A 1 67  ASP 67  68  68  ASP ASP A . n 
A 1 68  TYR 68  69  69  TYR TYR A . n 
A 1 69  HIS 69  70  70  HIS HIS A . n 
A 1 70  PHE 70  71  71  PHE PHE A . n 
A 1 71  ILE 71  72  72  ILE ILE A . n 
A 1 72  ASP 72  73  73  ASP ASP A . n 
A 1 73  PRO 73  74  74  PRO PRO A . n 
A 1 74  THR 74  75  75  THR THR A . n 
A 1 75  ARG 75  76  76  ARG ARG A . n 
A 1 76  PHE 76  77  77  PHE PHE A . n 
A 1 77  GLN 77  78  78  GLN GLN A . n 
A 1 78  GLN 78  79  79  GLN GLN A . n 
A 1 79  LEU 79  80  80  LEU LEU A . n 
A 1 80  ILE 80  81  81  ILE ILE A . n 
A 1 81  ASP 81  82  82  ASP ASP A . n 
A 1 82  GLN 82  83  83  GLN GLN A . n 
A 1 83  GLY 83  84  84  GLY GLY A . n 
A 1 84  GLU 84  85  85  GLU GLU A . n 
A 1 85  LEU 85  86  86  LEU LEU A . n 
A 1 86  LEU 86  87  87  LEU LEU A . n 
A 1 87  GLU 87  88  88  GLU GLU A . n 
A 1 88  TRP 88  89  89  TRP TRP A . n 
A 1 89  ALA 89  90  90  ALA ALA A . n 
A 1 90  GLU 90  91  91  GLU GLU A . n 
A 1 91  ILE 91  92  92  ILE ILE A . n 
A 1 92  HIS 92  93  93  HIS HIS A . n 
A 1 93  GLY 93  94  94  GLY GLY A . n 
A 1 94  GLY 94  95  95  GLY GLY A . n 
A 1 95  LEU 95  96  96  LEU LEU A . n 
A 1 96  HIS 96  97  97  HIS HIS A . n 
A 1 97  ARG 97  98  98  ARG ARG A . n 
A 1 98  SER 98  99  99  SER SER A . n 
A 1 99  GLY 99  100 100 GLY GLY A . n 
A 1 100 THR 100 101 101 THR THR A . n 
A 1 101 LEU 101 102 102 LEU LEU A . n 
A 1 102 ALA 102 103 103 ALA ALA A . n 
A 1 103 GLN 103 104 104 GLN GLN A . n 
A 1 104 PRO 104 105 105 PRO PRO A . n 
A 1 105 VAL 105 106 106 VAL VAL A . n 
A 1 106 ARG 106 107 107 ARG ARG A . n 
A 1 107 ALA 107 108 108 ALA ALA A . n 
A 1 108 ALA 108 109 109 ALA ALA A . n 
A 1 109 ALA 109 110 110 ALA ALA A . n 
A 1 110 ALA 110 111 111 ALA ALA A . n 
A 1 111 THR 111 112 112 THR THR A . n 
A 1 112 GLY 112 113 113 GLY GLY A . n 
A 1 113 VAL 113 114 114 VAL VAL A . n 
A 1 114 PRO 114 115 115 PRO PRO A . n 
A 1 115 VAL 115 116 116 VAL VAL A . n 
A 1 116 LEU 116 117 117 LEU LEU A . n 
A 1 117 ILE 117 118 118 ILE ILE A . n 
A 1 118 GLU 118 119 119 GLU GLU A . n 
A 1 119 VAL 119 120 120 VAL VAL A . n 
A 1 120 ASP 120 121 121 ASP ASP A . n 
A 1 121 LEU 121 122 122 LEU LEU A . n 
A 1 122 ALA 122 123 123 ALA ALA A . n 
A 1 123 GLY 123 124 124 GLY GLY A . n 
A 1 124 ALA 124 125 125 ALA ALA A . n 
A 1 125 ARG 125 126 126 ARG ARG A . n 
A 1 126 ALA 126 127 127 ALA ALA A . n 
A 1 127 ILE 127 128 128 ILE ILE A . n 
A 1 128 LYS 128 129 129 LYS LYS A . n 
A 1 129 LYS 129 130 130 LYS LYS A . n 
A 1 130 THR 130 131 131 THR THR A . n 
A 1 131 MET 131 132 132 MET MET A . n 
A 1 132 PRO 132 133 133 PRO PRO A . n 
A 1 133 GLU 133 134 134 GLU GLU A . n 
A 1 134 ALA 134 135 135 ALA ALA A . n 
A 1 135 VAL 135 136 136 VAL VAL A . n 
A 1 136 THR 136 137 137 THR THR A . n 
A 1 137 VAL 137 138 138 VAL VAL A . n 
A 1 138 PHE 138 139 139 PHE PHE A . n 
A 1 139 LEU 139 140 140 LEU LEU A . n 
A 1 140 ALA 140 141 141 ALA ALA A . n 
A 1 141 PRO 141 142 142 PRO PRO A . n 
A 1 142 PRO 142 143 143 PRO PRO A . n 
A 1 143 SER 143 144 144 SER SER A . n 
A 1 144 TRP 144 145 145 TRP TRP A . n 
A 1 145 GLN 145 146 146 GLN GLN A . n 
A 1 146 ASP 146 147 147 ASP ASP A . n 
A 1 147 LEU 147 148 148 LEU LEU A . n 
A 1 148 GLN 148 149 149 GLN GLN A . n 
A 1 149 ALA 149 150 150 ALA ALA A . n 
A 1 150 ARG 150 151 151 ARG ARG A . n 
A 1 151 LEU 151 152 152 LEU LEU A . n 
A 1 152 ILE 152 153 153 ILE ILE A . n 
A 1 153 GLY 153 154 154 GLY GLY A . n 
A 1 154 ARG 154 155 155 ARG ARG A . n 
A 1 155 GLY 155 156 156 GLY GLY A . n 
A 1 156 THR 156 157 157 THR THR A . n 
A 1 157 GLU 157 158 158 GLU GLU A . n 
A 1 158 THR 158 159 159 THR THR A . n 
A 1 159 ALA 159 160 160 ALA ALA A . n 
A 1 160 ASP 160 161 161 ASP ASP A . n 
A 1 161 VAL 161 162 162 VAL VAL A . n 
A 1 162 ILE 162 163 163 ILE ILE A . n 
A 1 163 GLN 163 164 164 GLN GLN A . n 
A 1 164 ARG 164 165 165 ARG ARG A . n 
A 1 165 ARG 165 166 166 ARG ARG A . n 
A 1 166 LEU 166 167 167 LEU LEU A . n 
A 1 167 ASP 167 168 168 ASP ASP A . n 
A 1 168 THR 168 169 169 THR THR A . n 
A 1 169 ALA 169 170 170 ALA ALA A . n 
A 1 170 ARG 170 171 171 ARG ARG A . n 
A 1 171 ILE 171 172 172 ILE ILE A . n 
A 1 172 GLU 172 173 173 GLU GLU A . n 
A 1 173 LEU 173 174 174 LEU LEU A . n 
A 1 174 ALA 174 175 175 ALA ALA A . n 
A 1 175 ALA 175 176 176 ALA ALA A . n 
A 1 176 GLN 176 177 177 GLN GLN A . n 
A 1 177 GLY 177 178 178 GLY GLY A . n 
A 1 178 ASP 178 179 179 ASP ASP A . n 
A 1 179 PHE 179 180 180 PHE PHE A . n 
A 1 180 ASP 180 181 181 ASP ASP A . n 
A 1 181 LYS 181 182 182 LYS LYS A . n 
A 1 182 VAL 182 183 183 VAL VAL A . n 
A 1 183 VAL 183 184 184 VAL VAL A . n 
A 1 184 VAL 184 185 185 VAL VAL A . n 
A 1 185 ASN 185 186 186 ASN ASN A . n 
A 1 186 ARG 186 187 187 ARG ARG A . n 
A 1 187 ARG 187 188 188 ARG ARG A . n 
A 1 188 LEU 188 189 189 LEU LEU A . n 
A 1 189 GLU 189 190 190 GLU GLU A . n 
A 1 190 SER 190 191 191 SER SER A . n 
A 1 191 ALA 191 192 192 ALA ALA A . n 
A 1 192 CYS 192 193 193 CYS CYS A . n 
A 1 193 ALA 193 194 194 ALA ALA A . n 
A 1 194 GLU 194 195 195 GLU GLU A . n 
A 1 195 LEU 195 196 196 LEU LEU A . n 
A 1 196 VAL 196 197 197 VAL VAL A . n 
A 1 197 SER 197 198 198 SER SER A . n 
A 1 198 LEU 198 199 199 LEU LEU A . n 
A 1 199 LEU 199 200 200 LEU LEU A . n 
A 1 200 VAL 200 201 201 VAL VAL A . n 
A 1 201 GLY 201 202 202 GLY GLY A . n 
A 1 202 THR 202 203 ?   ?   ?   A . n 
A 1 203 ALA 203 204 ?   ?   ?   A . n 
A 1 204 PRO 204 205 ?   ?   ?   A . n 
A 1 205 GLY 205 206 ?   ?   ?   A . n 
A 1 206 SER 206 207 ?   ?   ?   A . n 
A 1 207 PRO 207 208 ?   ?   ?   A . n 
# 
loop_
_pdbx_nonpoly_scheme.asym_id 
_pdbx_nonpoly_scheme.entity_id 
_pdbx_nonpoly_scheme.mon_id 
_pdbx_nonpoly_scheme.ndb_seq_num 
_pdbx_nonpoly_scheme.pdb_seq_num 
_pdbx_nonpoly_scheme.auth_seq_num 
_pdbx_nonpoly_scheme.pdb_mon_id 
_pdbx_nonpoly_scheme.auth_mon_id 
_pdbx_nonpoly_scheme.pdb_strand_id 
_pdbx_nonpoly_scheme.pdb_ins_code 
B 2 GDP 1  300 300 GDP GDP A . 
C 3 HOH 1  301 1   HOH HOH A . 
C 3 HOH 2  302 2   HOH HOH A . 
C 3 HOH 3  303 3   HOH HOH A . 
C 3 HOH 4  304 4   HOH HOH A . 
C 3 HOH 5  305 5   HOH HOH A . 
C 3 HOH 6  306 6   HOH HOH A . 
C 3 HOH 7  307 7   HOH HOH A . 
C 3 HOH 8  308 8   HOH HOH A . 
C 3 HOH 9  309 9   HOH HOH A . 
C 3 HOH 10 310 10  HOH HOH A . 
C 3 HOH 11 311 11  HOH HOH A . 
C 3 HOH 12 312 12  HOH HOH A . 
C 3 HOH 13 313 13  HOH HOH A . 
C 3 HOH 14 314 14  HOH HOH A . 
C 3 HOH 15 315 15  HOH HOH A . 
C 3 HOH 16 316 16  HOH HOH A . 
C 3 HOH 17 317 17  HOH HOH A . 
C 3 HOH 18 318 18  HOH HOH A . 
C 3 HOH 19 319 19  HOH HOH A . 
C 3 HOH 20 320 20  HOH HOH A . 
C 3 HOH 21 321 21  HOH HOH A . 
C 3 HOH 22 322 22  HOH HOH A . 
C 3 HOH 23 323 23  HOH HOH A . 
C 3 HOH 24 324 24  HOH HOH A . 
C 3 HOH 25 325 25  HOH HOH A . 
C 3 HOH 26 326 26  HOH HOH A . 
C 3 HOH 27 327 27  HOH HOH A . 
C 3 HOH 28 328 28  HOH HOH A . 
C 3 HOH 29 329 29  HOH HOH A . 
C 3 HOH 30 330 31  HOH HOH A . 
C 3 HOH 31 331 32  HOH HOH A . 
C 3 HOH 32 332 34  HOH HOH A . 
C 3 HOH 33 333 35  HOH HOH A . 
C 3 HOH 34 334 36  HOH HOH A . 
C 3 HOH 35 335 37  HOH HOH A . 
C 3 HOH 36 336 38  HOH HOH A . 
C 3 HOH 37 337 39  HOH HOH A . 
C 3 HOH 38 338 40  HOH HOH A . 
C 3 HOH 39 339 41  HOH HOH A . 
C 3 HOH 40 340 43  HOH HOH A . 
C 3 HOH 41 341 44  HOH HOH A . 
C 3 HOH 42 342 46  HOH HOH A . 
C 3 HOH 43 343 47  HOH HOH A . 
C 3 HOH 44 344 48  HOH HOH A . 
C 3 HOH 45 345 49  HOH HOH A . 
C 3 HOH 46 346 53  HOH HOH A . 
C 3 HOH 47 347 54  HOH HOH A . 
C 3 HOH 48 348 56  HOH HOH A . 
C 3 HOH 49 349 57  HOH HOH A . 
C 3 HOH 50 350 62  HOH HOH A . 
C 3 HOH 51 351 65  HOH HOH A . 
C 3 HOH 52 352 66  HOH HOH A . 
C 3 HOH 53 353 67  HOH HOH A . 
C 3 HOH 54 354 68  HOH HOH A . 
C 3 HOH 55 355 69  HOH HOH A . 
C 3 HOH 56 356 70  HOH HOH A . 
C 3 HOH 57 357 71  HOH HOH A . 
# 
loop_
_software.name 
_software.classification 
_software.version 
_software.citation_id 
_software.pdbx_ordinal 
REFMAC refinement       5.1.24     ? 1 
XDS    'data reduction' .          ? 2 
XDS    'data scaling'   .          ? 3 
XSCALE 'data scaling'   .          ? 4 
CCP4   phasing          '(MOLREP)' ? 5 
# 
_cell.entry_id           1ZNY 
_cell.length_a           113.046 
_cell.length_b           113.046 
_cell.length_c           113.046 
_cell.angle_alpha        90.00 
_cell.angle_beta         90.00 
_cell.angle_gamma        90.00 
_cell.Z_PDB              24 
_cell.pdbx_unique_axis   ? 
# 
_symmetry.entry_id                         1ZNY 
_symmetry.space_group_name_H-M             'I 2 3' 
_symmetry.pdbx_full_space_group_name_H-M   ? 
_symmetry.cell_setting                     ? 
_symmetry.Int_Tables_number                197 
_symmetry.space_group_name_Hall            ? 
# 
_exptl.entry_id          1ZNY 
_exptl.method            'X-RAY DIFFRACTION' 
_exptl.crystals_number   1 
# 
_exptl_crystal.id                    1 
_exptl_crystal.density_meas          ? 
_exptl_crystal.density_Matthews      2.74 
_exptl_crystal.density_percent_sol   55.03 
_exptl_crystal.description           ? 
_exptl_crystal.F_000                 ? 
_exptl_crystal.preparation           ? 
# 
_exptl_crystal_grow.crystal_id      1 
_exptl_crystal_grow.method          'VAPOR DIFFUSION, HANGING DROP' 
_exptl_crystal_grow.temp            293.0 
_exptl_crystal_grow.temp_details    ? 
_exptl_crystal_grow.pH              7.5 
_exptl_crystal_grow.pdbx_details    
'15% (w/v) xylitol, 3.5M sodium chloride, 0.1M sodium Hepes, pH 7.5, VAPOR DIFFUSION, HANGING DROP, temperature 293.0K' 
_exptl_crystal_grow.pdbx_pH_range   . 
# 
_diffrn.id                     1 
_diffrn.ambient_temp           100 
_diffrn.ambient_temp_details   ? 
_diffrn.crystal_id             1 
# 
_diffrn_detector.diffrn_id              1 
_diffrn_detector.detector               CCD 
_diffrn_detector.type                   'ADSC QUANTUM 4' 
_diffrn_detector.pdbx_collection_date   2003-12-14 
_diffrn_detector.details                mirrors 
# 
_diffrn_radiation.diffrn_id                        1 
_diffrn_radiation.wavelength_id                    1 
_diffrn_radiation.pdbx_monochromatic_or_laue_m_l   M 
_diffrn_radiation.monochromator                    'Si(311) monochromator crystal' 
_diffrn_radiation.pdbx_diffrn_protocol             'SINGLE WAVELENGTH' 
_diffrn_radiation.pdbx_scattering_type             x-ray 
# 
_diffrn_radiation_wavelength.id           1 
_diffrn_radiation_wavelength.wavelength   0.9756 
_diffrn_radiation_wavelength.wt           1.0 
# 
_diffrn_source.diffrn_id                   1 
_diffrn_source.source                      SYNCHROTRON 
_diffrn_source.type                        'ESRF BEAMLINE ID29' 
_diffrn_source.pdbx_synchrotron_site       ESRF 
_diffrn_source.pdbx_synchrotron_beamline   ID29 
_diffrn_source.pdbx_wavelength             ? 
_diffrn_source.pdbx_wavelength_list        0.9756 
# 
_reflns.entry_id                     1ZNY 
_reflns.observed_criterion_sigma_F   0.0 
_reflns.observed_criterion_sigma_I   0.0 
_reflns.d_resolution_high            2.3 
_reflns.d_resolution_low             20 
_reflns.number_all                   10829 
_reflns.number_obs                   10829 
_reflns.percent_possible_obs         99.7 
_reflns.pdbx_Rmerge_I_obs            ? 
_reflns.pdbx_Rsym_value              0.083 
_reflns.pdbx_netI_over_sigmaI        32.2 
_reflns.B_iso_Wilson_estimate        47.0 
_reflns.pdbx_redundancy              32.8 
_reflns.R_free_details               ? 
_reflns.limit_h_max                  ? 
_reflns.limit_h_min                  ? 
_reflns.limit_k_max                  ? 
_reflns.limit_k_min                  ? 
_reflns.limit_l_max                  ? 
_reflns.limit_l_min                  ? 
_reflns.observed_criterion_F_max     ? 
_reflns.observed_criterion_F_min     ? 
_reflns.pdbx_chi_squared             ? 
_reflns.pdbx_scaling_rejects         ? 
_reflns.pdbx_ordinal                 1 
_reflns.pdbx_diffrn_id               1 
# 
_reflns_shell.d_res_high             2.301 
_reflns_shell.d_res_low              2.360 
_reflns_shell.percent_possible_all   100 
_reflns_shell.Rmerge_I_obs           ? 
_reflns_shell.pdbx_Rsym_value        0.458 
_reflns_shell.meanI_over_sigI_obs    10.3 
_reflns_shell.pdbx_redundancy        33.3 
_reflns_shell.percent_possible_obs   ? 
_reflns_shell.number_unique_all      791 
_reflns_shell.number_measured_all    ? 
_reflns_shell.number_measured_obs    ? 
_reflns_shell.number_unique_obs      ? 
_reflns_shell.pdbx_chi_squared       ? 
_reflns_shell.pdbx_ordinal           1 
_reflns_shell.pdbx_diffrn_id         1 
# 
_refine.entry_id                                 1ZNY 
_refine.ls_number_reflns_obs                     10297 
_refine.ls_number_reflns_all                     10834 
_refine.pdbx_ls_sigma_I                          ? 
_refine.pdbx_ls_sigma_F                          0.0 
_refine.pdbx_data_cutoff_high_absF               ? 
_refine.pdbx_data_cutoff_low_absF                ? 
_refine.pdbx_data_cutoff_high_rms_absF           ? 
_refine.ls_d_res_low                             20.00 
_refine.ls_d_res_high                            2.30 
_refine.ls_percent_reflns_obs                    99.91 
_refine.ls_R_factor_obs                          0.18641 
_refine.ls_R_factor_all                          0.18641 
_refine.ls_R_factor_R_work                       0.18392 
_refine.ls_R_factor_R_free                       0.23581 
_refine.ls_R_factor_R_free_error                 ? 
_refine.ls_R_factor_R_free_error_details         ? 
_refine.ls_percent_reflns_R_free                 5.0 
_refine.ls_number_reflns_R_free                  537 
_refine.ls_number_parameters                     ? 
_refine.ls_number_restraints                     ? 
_refine.occupancy_min                            ? 
_refine.occupancy_max                            ? 
_refine.correlation_coeff_Fo_to_Fc               0.956 
_refine.correlation_coeff_Fo_to_Fc_free          0.934 
_refine.B_iso_mean                               24.798 
_refine.aniso_B[1][1]                            ? 
_refine.aniso_B[2][2]                            ? 
_refine.aniso_B[3][3]                            ? 
_refine.aniso_B[1][2]                            ? 
_refine.aniso_B[1][3]                            ? 
_refine.aniso_B[2][3]                            ? 
_refine.solvent_model_details                    'BABINET MODEL WITH MASK' 
_refine.solvent_model_param_ksol                 ? 
_refine.solvent_model_param_bsol                 ? 
_refine.pdbx_solvent_vdw_probe_radii             1.40 
_refine.pdbx_solvent_ion_probe_radii             0.80 
_refine.pdbx_solvent_shrinkage_radii             0.80 
_refine.pdbx_ls_cross_valid_method               THROUGHOUT 
_refine.details                                  'HYDROGENS HAVE BEEN ADDED IN THE RIDING POSITIONS' 
_refine.pdbx_starting_model                      1ZNW 
_refine.pdbx_method_to_determine_struct          'MOLECULAR REPLACEMENT' 
_refine.pdbx_isotropic_thermal_model             isotropic 
_refine.pdbx_stereochemistry_target_values       'MAXIMUM LIKELIHOOD' 
_refine.pdbx_stereochem_target_val_spec_case     ? 
_refine.pdbx_R_Free_selection_details            RANDOM 
_refine.pdbx_overall_ESU_R                       0.249 
_refine.pdbx_overall_ESU_R_Free                  0.209 
_refine.overall_SU_ML                            0.145 
_refine.overall_SU_B                             5.867 
_refine.ls_redundancy_reflns_obs                 ? 
_refine.B_iso_min                                ? 
_refine.B_iso_max                                ? 
_refine.overall_SU_R_Cruickshank_DPI             ? 
_refine.overall_SU_R_free                        ? 
_refine.ls_wR_factor_R_free                      ? 
_refine.ls_wR_factor_R_work                      ? 
_refine.overall_FOM_free_R_set                   ? 
_refine.overall_FOM_work_R_set                   ? 
_refine.pdbx_refine_id                           'X-RAY DIFFRACTION' 
_refine.pdbx_TLS_residual_ADP_flag               'LIKELY RESIDUAL' 
_refine.pdbx_diffrn_id                           1 
_refine.pdbx_overall_phase_error                 ? 
_refine.pdbx_overall_SU_R_free_Cruickshank_DPI   ? 
_refine.pdbx_overall_SU_R_Blow_DPI               ? 
_refine.pdbx_overall_SU_R_free_Blow_DPI          ? 
# 
_refine_hist.pdbx_refine_id                   'X-RAY DIFFRACTION' 
_refine_hist.cycle_id                         LAST 
_refine_hist.pdbx_number_atoms_protein        1389 
_refine_hist.pdbx_number_atoms_nucleic_acid   0 
_refine_hist.pdbx_number_atoms_ligand         28 
_refine_hist.number_atoms_solvent             57 
_refine_hist.number_atoms_total               1474 
_refine_hist.d_res_high                       2.30 
_refine_hist.d_res_low                        20.00 
# 
loop_
_refine_ls_restr.type 
_refine_ls_restr.dev_ideal 
_refine_ls_restr.dev_ideal_target 
_refine_ls_restr.weight 
_refine_ls_restr.number 
_refine_ls_restr.pdbx_refine_id 
_refine_ls_restr.pdbx_restraint_function 
r_bond_refined_d             0.016 0.021 ? 1443 'X-RAY DIFFRACTION' ? 
r_bond_other_d               0.002 0.020 ? 1371 'X-RAY DIFFRACTION' ? 
r_angle_refined_deg          1.572 1.986 ? 1970 'X-RAY DIFFRACTION' ? 
r_angle_other_deg            0.883 3.000 ? 3157 'X-RAY DIFFRACTION' ? 
r_dihedral_angle_1_deg       5.909 5.000 ? 182  'X-RAY DIFFRACTION' ? 
r_dihedral_angle_2_deg       ?     ?     ? ?    'X-RAY DIFFRACTION' ? 
r_dihedral_angle_3_deg       ?     ?     ? ?    'X-RAY DIFFRACTION' ? 
r_dihedral_angle_4_deg       ?     ?     ? ?    'X-RAY DIFFRACTION' ? 
r_chiral_restr               0.092 0.200 ? 233  'X-RAY DIFFRACTION' ? 
r_gen_planes_refined         0.005 0.020 ? 1590 'X-RAY DIFFRACTION' ? 
r_gen_planes_other           0.003 0.020 ? 287  'X-RAY DIFFRACTION' ? 
r_nbd_refined                0.213 0.200 ? 236  'X-RAY DIFFRACTION' ? 
r_nbd_other                  0.231 0.200 ? 1400 'X-RAY DIFFRACTION' ? 
r_nbtor_refined              ?     ?     ? ?    'X-RAY DIFFRACTION' ? 
r_nbtor_other                0.081 0.200 ? 847  'X-RAY DIFFRACTION' ? 
r_xyhbond_nbd_refined        0.167 0.200 ? 39   'X-RAY DIFFRACTION' ? 
r_xyhbond_nbd_other          ?     ?     ? ?    'X-RAY DIFFRACTION' ? 
r_metal_ion_refined          ?     ?     ? ?    'X-RAY DIFFRACTION' ? 
r_metal_ion_other            ?     ?     ? ?    'X-RAY DIFFRACTION' ? 
r_symmetry_vdw_refined       0.043 0.200 ? 2    'X-RAY DIFFRACTION' ? 
r_symmetry_vdw_other         0.228 0.200 ? 26   'X-RAY DIFFRACTION' ? 
r_symmetry_hbond_refined     0.158 0.200 ? 5    'X-RAY DIFFRACTION' ? 
r_symmetry_hbond_other       ?     ?     ? ?    'X-RAY DIFFRACTION' ? 
r_symmetry_metal_ion_refined ?     ?     ? ?    'X-RAY DIFFRACTION' ? 
r_symmetry_metal_ion_other   ?     ?     ? ?    'X-RAY DIFFRACTION' ? 
r_mcbond_it                  0.667 1.500 ? 909  'X-RAY DIFFRACTION' ? 
r_mcbond_other               ?     ?     ? ?    'X-RAY DIFFRACTION' ? 
r_mcangle_it                 1.253 2.000 ? 1467 'X-RAY DIFFRACTION' ? 
r_scbond_it                  2.023 3.000 ? 534  'X-RAY DIFFRACTION' ? 
r_scangle_it                 3.335 4.500 ? 503  'X-RAY DIFFRACTION' ? 
r_rigid_bond_restr           ?     ?     ? ?    'X-RAY DIFFRACTION' ? 
r_sphericity_free            ?     ?     ? ?    'X-RAY DIFFRACTION' ? 
r_sphericity_bonded          ?     ?     ? ?    'X-RAY DIFFRACTION' ? 
# 
_refine_ls_shell.pdbx_total_number_of_bins_used   20 
_refine_ls_shell.d_res_high                       2.301 
_refine_ls_shell.d_res_low                        2.360 
_refine_ls_shell.number_reflns_R_work             754 
_refine_ls_shell.R_factor_R_work                  0.199 
_refine_ls_shell.percent_reflns_obs               100 
_refine_ls_shell.R_factor_R_free                  0.205 
_refine_ls_shell.R_factor_R_free_error            ? 
_refine_ls_shell.percent_reflns_R_free            ? 
_refine_ls_shell.number_reflns_R_free             37 
_refine_ls_shell.number_reflns_obs                791 
_refine_ls_shell.redundancy_reflns_obs            ? 
_refine_ls_shell.number_reflns_all                ? 
_refine_ls_shell.R_factor_all                     ? 
_refine_ls_shell.pdbx_refine_id                   'X-RAY DIFFRACTION' 
# 
_struct.entry_id                  1ZNY 
_struct.title                     'Crystal Structure Of Mycobacterium tuberculosis Guanylate Kinase In Complex With GDP' 
_struct.pdbx_model_details        ? 
_struct.pdbx_CASP_flag            ? 
_struct.pdbx_model_type_details   ? 
# 
_struct_keywords.entry_id        1ZNY 
_struct_keywords.pdbx_keywords   TRANSFERASE 
_struct_keywords.text            'Guanylate kinase, GMP kinase, ATP:GMP-phosphotransferase, Transferase' 
# 
loop_
_struct_asym.id 
_struct_asym.pdbx_blank_PDB_chainid_flag 
_struct_asym.pdbx_modified 
_struct_asym.entity_id 
_struct_asym.details 
A N N 1 ? 
B N N 2 ? 
C N N 3 ? 
# 
_struct_ref.id                         1 
_struct_ref.db_name                    UNP 
_struct_ref.db_code                    KGUA_MYCTU 
_struct_ref.pdbx_db_accession          P0A5I4 
_struct_ref.entity_id                  1 
_struct_ref.pdbx_seq_one_letter_code   
;SVGEGPDTKPTARGQPAAVGRVVVLSGPSAVGKSTVVRCLRERIPNLHFSVSATTRAPRPGEVDGVDYHFIDPTRFQQLI
DQGELLEWAEIHGGLHRSGTLAQPVRAAAATGVPVLIEVDLAGARAIKKTMPEAVTVFLAPPSWQDLQARLIGRGTETAD
VIQRRLDTARIELAAQGDFDKVVVNRRLESACAELVSLLVGTAPGSP
;
_struct_ref.pdbx_align_begin           2 
_struct_ref.pdbx_db_isoform            ? 
# 
_struct_ref_seq.align_id                      1 
_struct_ref_seq.ref_id                        1 
_struct_ref_seq.pdbx_PDB_id_code              1ZNY 
_struct_ref_seq.pdbx_strand_id                A 
_struct_ref_seq.seq_align_beg                 1 
_struct_ref_seq.pdbx_seq_align_beg_ins_code   ? 
_struct_ref_seq.seq_align_end                 207 
_struct_ref_seq.pdbx_seq_align_end_ins_code   ? 
_struct_ref_seq.pdbx_db_accession             P0A5I4 
_struct_ref_seq.db_align_beg                  2 
_struct_ref_seq.pdbx_db_align_beg_ins_code    ? 
_struct_ref_seq.db_align_end                  208 
_struct_ref_seq.pdbx_db_align_end_ins_code    ? 
_struct_ref_seq.pdbx_auth_seq_align_beg       2 
_struct_ref_seq.pdbx_auth_seq_align_end       208 
# 
_pdbx_struct_assembly.id                   1 
_pdbx_struct_assembly.details              author_defined_assembly 
_pdbx_struct_assembly.method_details       ? 
_pdbx_struct_assembly.oligomeric_details   monomeric 
_pdbx_struct_assembly.oligomeric_count     1 
# 
_pdbx_struct_assembly_gen.assembly_id       1 
_pdbx_struct_assembly_gen.oper_expression   1 
_pdbx_struct_assembly_gen.asym_id_list      A,B,C 
# 
_pdbx_struct_oper_list.id                   1 
_pdbx_struct_oper_list.type                 'identity operation' 
_pdbx_struct_oper_list.name                 1_555 
_pdbx_struct_oper_list.symmetry_operation   x,y,z 
_pdbx_struct_oper_list.matrix[1][1]         1.0000000000 
_pdbx_struct_oper_list.matrix[1][2]         0.0000000000 
_pdbx_struct_oper_list.matrix[1][3]         0.0000000000 
_pdbx_struct_oper_list.vector[1]            0.0000000000 
_pdbx_struct_oper_list.matrix[2][1]         0.0000000000 
_pdbx_struct_oper_list.matrix[2][2]         1.0000000000 
_pdbx_struct_oper_list.matrix[2][3]         0.0000000000 
_pdbx_struct_oper_list.vector[2]            0.0000000000 
_pdbx_struct_oper_list.matrix[3][1]         0.0000000000 
_pdbx_struct_oper_list.matrix[3][2]         0.0000000000 
_pdbx_struct_oper_list.matrix[3][3]         1.0000000000 
_pdbx_struct_oper_list.vector[3]            0.0000000000 
# 
_struct_biol.id                    1 
_struct_biol.details               'The biological unit is monomeric' 
_struct_biol.pdbx_parent_biol_id   ? 
# 
loop_
_struct_conf.conf_type_id 
_struct_conf.id 
_struct_conf.pdbx_PDB_helix_id 
_struct_conf.beg_label_comp_id 
_struct_conf.beg_label_asym_id 
_struct_conf.beg_label_seq_id 
_struct_conf.pdbx_beg_PDB_ins_code 
_struct_conf.end_label_comp_id 
_struct_conf.end_label_asym_id 
_struct_conf.end_label_seq_id 
_struct_conf.pdbx_end_PDB_ins_code 
_struct_conf.beg_auth_comp_id 
_struct_conf.beg_auth_asym_id 
_struct_conf.beg_auth_seq_id 
_struct_conf.end_auth_comp_id 
_struct_conf.end_auth_asym_id 
_struct_conf.end_auth_seq_id 
_struct_conf.pdbx_PDB_helix_class 
_struct_conf.details 
_struct_conf.pdbx_PDB_helix_length 
HELX_P HELX_P1 1 LYS A 33  ? ILE A 44  ? LYS A 34  ILE A 45  1 ? 12 
HELX_P HELX_P2 2 ASP A 72  ? GLN A 82  ? ASP A 73  GLN A 83  1 ? 11 
HELX_P HELX_P3 3 ALA A 102 ? THR A 111 ? ALA A 103 THR A 112 1 ? 10 
HELX_P HELX_P4 4 ASP A 120 ? MET A 131 ? ASP A 121 MET A 132 1 ? 12 
HELX_P HELX_P5 5 SER A 143 ? GLY A 153 ? SER A 144 GLY A 154 1 ? 11 
HELX_P HELX_P6 6 THR A 158 ? ALA A 174 ? THR A 159 ALA A 175 1 ? 17 
HELX_P HELX_P7 7 ALA A 175 ? PHE A 179 ? ALA A 176 PHE A 180 5 ? 5  
HELX_P HELX_P8 8 ARG A 187 ? GLY A 201 ? ARG A 188 GLY A 202 1 ? 15 
# 
_struct_conf_type.id          HELX_P 
_struct_conf_type.criteria    ? 
_struct_conf_type.reference   ? 
# 
_struct_conn.id                            disulf1 
_struct_conn.conn_type_id                  disulf 
_struct_conn.pdbx_leaving_atom_flag        ? 
_struct_conn.pdbx_PDB_id                   ? 
_struct_conn.ptnr1_label_asym_id           A 
_struct_conn.ptnr1_label_comp_id           CYS 
_struct_conn.ptnr1_label_seq_id            39 
_struct_conn.ptnr1_label_atom_id           SG 
_struct_conn.pdbx_ptnr1_label_alt_id       ? 
_struct_conn.pdbx_ptnr1_PDB_ins_code       ? 
_struct_conn.pdbx_ptnr1_standard_comp_id   ? 
_struct_conn.ptnr1_symmetry                1_555 
_struct_conn.ptnr2_label_asym_id           A 
_struct_conn.ptnr2_label_comp_id           CYS 
_struct_conn.ptnr2_label_seq_id            192 
_struct_conn.ptnr2_label_atom_id           SG 
_struct_conn.pdbx_ptnr2_label_alt_id       ? 
_struct_conn.pdbx_ptnr2_PDB_ins_code       ? 
_struct_conn.ptnr1_auth_asym_id            A 
_struct_conn.ptnr1_auth_comp_id            CYS 
_struct_conn.ptnr1_auth_seq_id             40 
_struct_conn.ptnr2_auth_asym_id            A 
_struct_conn.ptnr2_auth_comp_id            CYS 
_struct_conn.ptnr2_auth_seq_id             193 
_struct_conn.ptnr2_symmetry                1_555 
_struct_conn.pdbx_ptnr3_label_atom_id      ? 
_struct_conn.pdbx_ptnr3_label_seq_id       ? 
_struct_conn.pdbx_ptnr3_label_comp_id      ? 
_struct_conn.pdbx_ptnr3_label_asym_id      ? 
_struct_conn.pdbx_ptnr3_label_alt_id       ? 
_struct_conn.pdbx_ptnr3_PDB_ins_code       ? 
_struct_conn.details                       ? 
_struct_conn.pdbx_dist_value               2.101 
_struct_conn.pdbx_value_order              ? 
_struct_conn.pdbx_role                     ? 
# 
_struct_conn_type.id          disulf 
_struct_conn_type.criteria    ? 
_struct_conn_type.reference   ? 
# 
_pdbx_modification_feature.ordinal                            1 
_pdbx_modification_feature.label_comp_id                      CYS 
_pdbx_modification_feature.label_asym_id                      A 
_pdbx_modification_feature.label_seq_id                       39 
_pdbx_modification_feature.label_alt_id                       ? 
_pdbx_modification_feature.modified_residue_label_comp_id     CYS 
_pdbx_modification_feature.modified_residue_label_asym_id     A 
_pdbx_modification_feature.modified_residue_label_seq_id      192 
_pdbx_modification_feature.modified_residue_label_alt_id      ? 
_pdbx_modification_feature.auth_comp_id                       CYS 
_pdbx_modification_feature.auth_asym_id                       A 
_pdbx_modification_feature.auth_seq_id                        40 
_pdbx_modification_feature.PDB_ins_code                       ? 
_pdbx_modification_feature.symmetry                           1_555 
_pdbx_modification_feature.modified_residue_auth_comp_id      CYS 
_pdbx_modification_feature.modified_residue_auth_asym_id      A 
_pdbx_modification_feature.modified_residue_auth_seq_id       193 
_pdbx_modification_feature.modified_residue_PDB_ins_code      ? 
_pdbx_modification_feature.modified_residue_symmetry          1_555 
_pdbx_modification_feature.comp_id_linking_atom               SG 
_pdbx_modification_feature.modified_residue_id_linking_atom   SG 
_pdbx_modification_feature.modified_residue_id                . 
_pdbx_modification_feature.ref_pcm_id                         . 
_pdbx_modification_feature.ref_comp_id                        . 
_pdbx_modification_feature.type                               None 
_pdbx_modification_feature.category                           'Disulfide bridge' 
# 
loop_
_struct_sheet.id 
_struct_sheet.type 
_struct_sheet.number_strands 
_struct_sheet.details 
A ? 5 ? 
B ? 4 ? 
# 
loop_
_struct_sheet_order.sheet_id 
_struct_sheet_order.range_id_1 
_struct_sheet_order.range_id_2 
_struct_sheet_order.offset 
_struct_sheet_order.sense 
A 1 2 ? parallel      
A 2 3 ? parallel      
A 3 4 ? parallel      
A 4 5 ? parallel      
B 1 2 ? parallel      
B 2 3 ? anti-parallel 
B 3 4 ? anti-parallel 
# 
loop_
_struct_sheet_range.sheet_id 
_struct_sheet_range.id 
_struct_sheet_range.beg_label_comp_id 
_struct_sheet_range.beg_label_asym_id 
_struct_sheet_range.beg_label_seq_id 
_struct_sheet_range.pdbx_beg_PDB_ins_code 
_struct_sheet_range.end_label_comp_id 
_struct_sheet_range.end_label_asym_id 
_struct_sheet_range.end_label_seq_id 
_struct_sheet_range.pdbx_end_PDB_ins_code 
_struct_sheet_range.beg_auth_comp_id 
_struct_sheet_range.beg_auth_asym_id 
_struct_sheet_range.beg_auth_seq_id 
_struct_sheet_range.end_auth_comp_id 
_struct_sheet_range.end_auth_asym_id 
_struct_sheet_range.end_auth_seq_id 
A 1 HIS A 48  ? PHE A 49  ? HIS A 49  PHE A 50  
A 2 VAL A 115 ? GLU A 118 ? VAL A 116 GLU A 119 
A 3 VAL A 22  ? SER A 26  ? VAL A 23  SER A 27  
A 4 VAL A 135 ? ALA A 140 ? VAL A 136 ALA A 141 
A 5 LYS A 181 ? VAL A 184 ? LYS A 182 VAL A 185 
B 1 HIS A 69  ? PHE A 70  ? HIS A 70  PHE A 71  
B 2 ALA A 53  ? THR A 54  ? ALA A 54  THR A 55  
B 3 HIS A 96  ? LEU A 101 ? HIS A 97  LEU A 102 
B 4 LEU A 85  ? ILE A 91  ? LEU A 86  ILE A 92  
# 
loop_
_pdbx_struct_sheet_hbond.sheet_id 
_pdbx_struct_sheet_hbond.range_id_1 
_pdbx_struct_sheet_hbond.range_id_2 
_pdbx_struct_sheet_hbond.range_1_label_atom_id 
_pdbx_struct_sheet_hbond.range_1_label_comp_id 
_pdbx_struct_sheet_hbond.range_1_label_asym_id 
_pdbx_struct_sheet_hbond.range_1_label_seq_id 
_pdbx_struct_sheet_hbond.range_1_PDB_ins_code 
_pdbx_struct_sheet_hbond.range_1_auth_atom_id 
_pdbx_struct_sheet_hbond.range_1_auth_comp_id 
_pdbx_struct_sheet_hbond.range_1_auth_asym_id 
_pdbx_struct_sheet_hbond.range_1_auth_seq_id 
_pdbx_struct_sheet_hbond.range_2_label_atom_id 
_pdbx_struct_sheet_hbond.range_2_label_comp_id 
_pdbx_struct_sheet_hbond.range_2_label_asym_id 
_pdbx_struct_sheet_hbond.range_2_label_seq_id 
_pdbx_struct_sheet_hbond.range_2_PDB_ins_code 
_pdbx_struct_sheet_hbond.range_2_auth_atom_id 
_pdbx_struct_sheet_hbond.range_2_auth_comp_id 
_pdbx_struct_sheet_hbond.range_2_auth_asym_id 
_pdbx_struct_sheet_hbond.range_2_auth_seq_id 
A 1 2 N HIS A 48  ? N HIS A 49  O LEU A 116 ? O LEU A 117 
A 2 3 O ILE A 117 ? O ILE A 118 N LEU A 25  ? N LEU A 26  
A 3 4 N VAL A 24  ? N VAL A 25  O VAL A 135 ? O VAL A 136 
A 4 5 N PHE A 138 ? N PHE A 139 O LYS A 181 ? O LYS A 182 
B 1 2 O HIS A 69  ? O HIS A 70  N THR A 54  ? N THR A 55  
B 2 3 N ALA A 53  ? N ALA A 54  O GLY A 99  ? O GLY A 100 
B 3 4 O HIS A 96  ? O HIS A 97  N ILE A 91  ? N ILE A 92  
# 
_struct_site.id                   AC1 
_struct_site.pdbx_evidence_code   Software 
_struct_site.pdbx_auth_asym_id    A 
_struct_site.pdbx_auth_comp_id    GDP 
_struct_site.pdbx_auth_seq_id     300 
_struct_site.pdbx_auth_ins_code   ? 
_struct_site.pdbx_num_residues    8 
_struct_site.details              'BINDING SITE FOR RESIDUE GDP A 300' 
# 
loop_
_struct_site_gen.id 
_struct_site_gen.site_id 
_struct_site_gen.pdbx_num_res 
_struct_site_gen.label_comp_id 
_struct_site_gen.label_asym_id 
_struct_site_gen.label_seq_id 
_struct_site_gen.pdbx_auth_ins_code 
_struct_site_gen.auth_comp_id 
_struct_site_gen.auth_asym_id 
_struct_site_gen.auth_seq_id 
_struct_site_gen.label_atom_id 
_struct_site_gen.label_alt_id 
_struct_site_gen.symmetry 
_struct_site_gen.details 
1 AC1 8 SER A 52 ? SER A 53  . ? 1_555 ? 
2 AC1 8 ARG A 56 ? ARG A 57  . ? 1_555 ? 
3 AC1 8 ARG A 59 ? ARG A 60  . ? 1_555 ? 
4 AC1 8 TYR A 68 ? TYR A 69  . ? 1_555 ? 
5 AC1 8 GLU A 87 ? GLU A 88  . ? 1_555 ? 
6 AC1 8 GLY A 99 ? GLY A 100 . ? 1_555 ? 
7 AC1 8 HOH C .  ? HOH A 319 . ? 1_555 ? 
8 AC1 8 HOH C .  ? HOH A 347 . ? 1_555 ? 
# 
_pdbx_entry_details.entry_id                   1ZNY 
_pdbx_entry_details.compound_details           ? 
_pdbx_entry_details.source_details             ? 
_pdbx_entry_details.nonpolymer_details         ? 
_pdbx_entry_details.sequence_details           ? 
_pdbx_entry_details.has_ligand_of_interest     ? 
_pdbx_entry_details.has_protein_modification   Y 
# 
loop_
_pdbx_validate_torsion.id 
_pdbx_validate_torsion.PDB_model_num 
_pdbx_validate_torsion.auth_comp_id 
_pdbx_validate_torsion.auth_asym_id 
_pdbx_validate_torsion.auth_seq_id 
_pdbx_validate_torsion.PDB_ins_code 
_pdbx_validate_torsion.label_alt_id 
_pdbx_validate_torsion.phi 
_pdbx_validate_torsion.psi 
1 1 ALA A 31  ? ? 126.64  41.26  
2 1 ARG A 188 ? ? -172.53 129.21 
# 
loop_
_pdbx_struct_special_symmetry.id 
_pdbx_struct_special_symmetry.PDB_model_num 
_pdbx_struct_special_symmetry.auth_asym_id 
_pdbx_struct_special_symmetry.auth_comp_id 
_pdbx_struct_special_symmetry.auth_seq_id 
_pdbx_struct_special_symmetry.PDB_ins_code 
_pdbx_struct_special_symmetry.label_asym_id 
_pdbx_struct_special_symmetry.label_comp_id 
_pdbx_struct_special_symmetry.label_seq_id 
1 1 A HOH 301 ? C HOH . 
2 1 A HOH 305 ? C HOH . 
# 
loop_
_pdbx_refine_tls.id 
_pdbx_refine_tls.details 
_pdbx_refine_tls.method 
_pdbx_refine_tls.origin_x 
_pdbx_refine_tls.origin_y 
_pdbx_refine_tls.origin_z 
_pdbx_refine_tls.T[1][1] 
_pdbx_refine_tls.T[2][2] 
_pdbx_refine_tls.T[3][3] 
_pdbx_refine_tls.T[1][2] 
_pdbx_refine_tls.T[1][3] 
_pdbx_refine_tls.T[2][3] 
_pdbx_refine_tls.L[1][1] 
_pdbx_refine_tls.L[2][2] 
_pdbx_refine_tls.L[3][3] 
_pdbx_refine_tls.L[1][2] 
_pdbx_refine_tls.L[1][3] 
_pdbx_refine_tls.L[2][3] 
_pdbx_refine_tls.S[1][1] 
_pdbx_refine_tls.S[1][2] 
_pdbx_refine_tls.S[1][3] 
_pdbx_refine_tls.S[2][1] 
_pdbx_refine_tls.S[2][2] 
_pdbx_refine_tls.S[2][3] 
_pdbx_refine_tls.S[3][1] 
_pdbx_refine_tls.S[3][2] 
_pdbx_refine_tls.S[3][3] 
_pdbx_refine_tls.pdbx_refine_id 
1 ? refined -0.7839 1.3966   -7.0873 0.0781 0.1368 0.0588 0.0065  -0.0367 0.0135  1.7946 5.3697 4.2448  0.3936  -1.8488 0.9879  -0.2403 -0.1784 -0.1278 -0.1914 0.0022  0.0967 0.1599  -0.0109 0.2381  'X-RAY DIFFRACTION' 
2 ? refined -0.8963 9.9554   10.8480 0.1802 0.1778 0.0524 -0.0122 0.0372  -0.0286 9.3934 2.7862 10.8070 4.0967  1.6790  -2.4214 0.1673  -0.4018 0.0079  0.4295  -0.3327 0.1390 -0.4996 0.0511  0.1655  'X-RAY DIFFRACTION' 
3 ? refined 4.5339  -17.8430 3.5828  0.1945 0.0390 0.1093 -0.0645 0.0940  0.0023  3.3698 5.3730 5.5048  -2.0363 0.5928  -1.5949 -0.0589 -0.0975 0.1828  0.4310  0.0801  0.0524 -0.1552 0.1528  -0.0211 'X-RAY DIFFRACTION' 
# 
loop_
_pdbx_refine_tls_group.id 
_pdbx_refine_tls_group.refine_tls_id 
_pdbx_refine_tls_group.beg_auth_asym_id 
_pdbx_refine_tls_group.beg_auth_seq_id 
_pdbx_refine_tls_group.beg_label_asym_id 
_pdbx_refine_tls_group.beg_label_seq_id 
_pdbx_refine_tls_group.end_auth_asym_id 
_pdbx_refine_tls_group.end_auth_seq_id 
_pdbx_refine_tls_group.end_label_asym_id 
_pdbx_refine_tls_group.end_label_seq_id 
_pdbx_refine_tls_group.selection 
_pdbx_refine_tls_group.pdbx_refine_id 
_pdbx_refine_tls_group.selection_details 
1 1 A 20  A 19  A 50  A 49  ? 'X-RAY DIFFRACTION' ? 
2 1 A 102 A 101 A 140 A 139 ? 'X-RAY DIFFRACTION' ? 
3 1 A 180 A 179 A 201 A 200 ? 'X-RAY DIFFRACTION' ? 
4 2 A 51  A 50  A 101 A 100 ? 'X-RAY DIFFRACTION' ? 
5 2 A 300 B ?   A 300 B ?   ? 'X-RAY DIFFRACTION' ? 
6 3 A 141 A 140 A 179 A 178 ? 'X-RAY DIFFRACTION' ? 
# 
loop_
_pdbx_unobs_or_zero_occ_residues.id 
_pdbx_unobs_or_zero_occ_residues.PDB_model_num 
_pdbx_unobs_or_zero_occ_residues.polymer_flag 
_pdbx_unobs_or_zero_occ_residues.occupancy_flag 
_pdbx_unobs_or_zero_occ_residues.auth_asym_id 
_pdbx_unobs_or_zero_occ_residues.auth_comp_id 
_pdbx_unobs_or_zero_occ_residues.auth_seq_id 
_pdbx_unobs_or_zero_occ_residues.PDB_ins_code 
_pdbx_unobs_or_zero_occ_residues.label_asym_id 
_pdbx_unobs_or_zero_occ_residues.label_comp_id 
_pdbx_unobs_or_zero_occ_residues.label_seq_id 
1  1 Y 1 A SER 2   ? A SER 1   
2  1 Y 1 A VAL 3   ? A VAL 2   
3  1 Y 1 A GLY 4   ? A GLY 3   
4  1 Y 1 A GLU 5   ? A GLU 4   
5  1 Y 1 A GLY 6   ? A GLY 5   
6  1 Y 1 A PRO 7   ? A PRO 6   
7  1 Y 1 A ASP 8   ? A ASP 7   
8  1 Y 1 A THR 9   ? A THR 8   
9  1 Y 1 A LYS 10  ? A LYS 9   
10 1 Y 1 A PRO 11  ? A PRO 10  
11 1 Y 1 A THR 12  ? A THR 11  
12 1 Y 1 A ALA 13  ? A ALA 12  
13 1 Y 1 A ARG 14  ? A ARG 13  
14 1 Y 1 A GLY 15  ? A GLY 14  
15 1 Y 1 A GLN 16  ? A GLN 15  
16 1 Y 1 A PRO 17  ? A PRO 16  
17 1 Y 1 A ALA 18  ? A ALA 17  
18 1 Y 1 A ALA 19  ? A ALA 18  
19 1 Y 1 A THR 203 ? A THR 202 
20 1 Y 1 A ALA 204 ? A ALA 203 
21 1 Y 1 A PRO 205 ? A PRO 204 
22 1 Y 1 A GLY 206 ? A GLY 205 
23 1 Y 1 A SER 207 ? A SER 206 
24 1 Y 1 A PRO 208 ? A PRO 207 
# 
loop_
_chem_comp_atom.comp_id 
_chem_comp_atom.atom_id 
_chem_comp_atom.type_symbol 
_chem_comp_atom.pdbx_aromatic_flag 
_chem_comp_atom.pdbx_stereo_config 
_chem_comp_atom.pdbx_ordinal 
ALA N      N N N 1   
ALA CA     C N S 2   
ALA C      C N N 3   
ALA O      O N N 4   
ALA CB     C N N 5   
ALA OXT    O N N 6   
ALA H      H N N 7   
ALA H2     H N N 8   
ALA HA     H N N 9   
ALA HB1    H N N 10  
ALA HB2    H N N 11  
ALA HB3    H N N 12  
ALA HXT    H N N 13  
ARG N      N N N 14  
ARG CA     C N S 15  
ARG C      C N N 16  
ARG O      O N N 17  
ARG CB     C N N 18  
ARG CG     C N N 19  
ARG CD     C N N 20  
ARG NE     N N N 21  
ARG CZ     C N N 22  
ARG NH1    N N N 23  
ARG NH2    N N N 24  
ARG OXT    O N N 25  
ARG H      H N N 26  
ARG H2     H N N 27  
ARG HA     H N N 28  
ARG HB2    H N N 29  
ARG HB3    H N N 30  
ARG HG2    H N N 31  
ARG HG3    H N N 32  
ARG HD2    H N N 33  
ARG HD3    H N N 34  
ARG HE     H N N 35  
ARG HH11   H N N 36  
ARG HH12   H N N 37  
ARG HH21   H N N 38  
ARG HH22   H N N 39  
ARG HXT    H N N 40  
ASN N      N N N 41  
ASN CA     C N S 42  
ASN C      C N N 43  
ASN O      O N N 44  
ASN CB     C N N 45  
ASN CG     C N N 46  
ASN OD1    O N N 47  
ASN ND2    N N N 48  
ASN OXT    O N N 49  
ASN H      H N N 50  
ASN H2     H N N 51  
ASN HA     H N N 52  
ASN HB2    H N N 53  
ASN HB3    H N N 54  
ASN HD21   H N N 55  
ASN HD22   H N N 56  
ASN HXT    H N N 57  
ASP N      N N N 58  
ASP CA     C N S 59  
ASP C      C N N 60  
ASP O      O N N 61  
ASP CB     C N N 62  
ASP CG     C N N 63  
ASP OD1    O N N 64  
ASP OD2    O N N 65  
ASP OXT    O N N 66  
ASP H      H N N 67  
ASP H2     H N N 68  
ASP HA     H N N 69  
ASP HB2    H N N 70  
ASP HB3    H N N 71  
ASP HD2    H N N 72  
ASP HXT    H N N 73  
CYS N      N N N 74  
CYS CA     C N R 75  
CYS C      C N N 76  
CYS O      O N N 77  
CYS CB     C N N 78  
CYS SG     S N N 79  
CYS OXT    O N N 80  
CYS H      H N N 81  
CYS H2     H N N 82  
CYS HA     H N N 83  
CYS HB2    H N N 84  
CYS HB3    H N N 85  
CYS HG     H N N 86  
CYS HXT    H N N 87  
GDP PB     P N N 88  
GDP O1B    O N N 89  
GDP O2B    O N N 90  
GDP O3B    O N N 91  
GDP O3A    O N N 92  
GDP PA     P N N 93  
GDP O1A    O N N 94  
GDP O2A    O N N 95  
GDP "O5'"  O N N 96  
GDP "C5'"  C N N 97  
GDP "C4'"  C N R 98  
GDP "O4'"  O N N 99  
GDP "C3'"  C N S 100 
GDP "O3'"  O N N 101 
GDP "C2'"  C N R 102 
GDP "O2'"  O N N 103 
GDP "C1'"  C N R 104 
GDP N9     N Y N 105 
GDP C8     C Y N 106 
GDP N7     N Y N 107 
GDP C5     C Y N 108 
GDP C6     C N N 109 
GDP O6     O N N 110 
GDP N1     N N N 111 
GDP C2     C N N 112 
GDP N2     N N N 113 
GDP N3     N N N 114 
GDP C4     C Y N 115 
GDP HOB2   H N N 116 
GDP HOB3   H N N 117 
GDP HOA2   H N N 118 
GDP "H5'"  H N N 119 
GDP "H5''" H N N 120 
GDP "H4'"  H N N 121 
GDP "H3'"  H N N 122 
GDP "HO3'" H N N 123 
GDP "H2'"  H N N 124 
GDP "HO2'" H N N 125 
GDP "H1'"  H N N 126 
GDP H8     H N N 127 
GDP HN1    H N N 128 
GDP HN21   H N N 129 
GDP HN22   H N N 130 
GLN N      N N N 131 
GLN CA     C N S 132 
GLN C      C N N 133 
GLN O      O N N 134 
GLN CB     C N N 135 
GLN CG     C N N 136 
GLN CD     C N N 137 
GLN OE1    O N N 138 
GLN NE2    N N N 139 
GLN OXT    O N N 140 
GLN H      H N N 141 
GLN H2     H N N 142 
GLN HA     H N N 143 
GLN HB2    H N N 144 
GLN HB3    H N N 145 
GLN HG2    H N N 146 
GLN HG3    H N N 147 
GLN HE21   H N N 148 
GLN HE22   H N N 149 
GLN HXT    H N N 150 
GLU N      N N N 151 
GLU CA     C N S 152 
GLU C      C N N 153 
GLU O      O N N 154 
GLU CB     C N N 155 
GLU CG     C N N 156 
GLU CD     C N N 157 
GLU OE1    O N N 158 
GLU OE2    O N N 159 
GLU OXT    O N N 160 
GLU H      H N N 161 
GLU H2     H N N 162 
GLU HA     H N N 163 
GLU HB2    H N N 164 
GLU HB3    H N N 165 
GLU HG2    H N N 166 
GLU HG3    H N N 167 
GLU HE2    H N N 168 
GLU HXT    H N N 169 
GLY N      N N N 170 
GLY CA     C N N 171 
GLY C      C N N 172 
GLY O      O N N 173 
GLY OXT    O N N 174 
GLY H      H N N 175 
GLY H2     H N N 176 
GLY HA2    H N N 177 
GLY HA3    H N N 178 
GLY HXT    H N N 179 
HIS N      N N N 180 
HIS CA     C N S 181 
HIS C      C N N 182 
HIS O      O N N 183 
HIS CB     C N N 184 
HIS CG     C Y N 185 
HIS ND1    N Y N 186 
HIS CD2    C Y N 187 
HIS CE1    C Y N 188 
HIS NE2    N Y N 189 
HIS OXT    O N N 190 
HIS H      H N N 191 
HIS H2     H N N 192 
HIS HA     H N N 193 
HIS HB2    H N N 194 
HIS HB3    H N N 195 
HIS HD1    H N N 196 
HIS HD2    H N N 197 
HIS HE1    H N N 198 
HIS HE2    H N N 199 
HIS HXT    H N N 200 
HOH O      O N N 201 
HOH H1     H N N 202 
HOH H2     H N N 203 
ILE N      N N N 204 
ILE CA     C N S 205 
ILE C      C N N 206 
ILE O      O N N 207 
ILE CB     C N S 208 
ILE CG1    C N N 209 
ILE CG2    C N N 210 
ILE CD1    C N N 211 
ILE OXT    O N N 212 
ILE H      H N N 213 
ILE H2     H N N 214 
ILE HA     H N N 215 
ILE HB     H N N 216 
ILE HG12   H N N 217 
ILE HG13   H N N 218 
ILE HG21   H N N 219 
ILE HG22   H N N 220 
ILE HG23   H N N 221 
ILE HD11   H N N 222 
ILE HD12   H N N 223 
ILE HD13   H N N 224 
ILE HXT    H N N 225 
LEU N      N N N 226 
LEU CA     C N S 227 
LEU C      C N N 228 
LEU O      O N N 229 
LEU CB     C N N 230 
LEU CG     C N N 231 
LEU CD1    C N N 232 
LEU CD2    C N N 233 
LEU OXT    O N N 234 
LEU H      H N N 235 
LEU H2     H N N 236 
LEU HA     H N N 237 
LEU HB2    H N N 238 
LEU HB3    H N N 239 
LEU HG     H N N 240 
LEU HD11   H N N 241 
LEU HD12   H N N 242 
LEU HD13   H N N 243 
LEU HD21   H N N 244 
LEU HD22   H N N 245 
LEU HD23   H N N 246 
LEU HXT    H N N 247 
LYS N      N N N 248 
LYS CA     C N S 249 
LYS C      C N N 250 
LYS O      O N N 251 
LYS CB     C N N 252 
LYS CG     C N N 253 
LYS CD     C N N 254 
LYS CE     C N N 255 
LYS NZ     N N N 256 
LYS OXT    O N N 257 
LYS H      H N N 258 
LYS H2     H N N 259 
LYS HA     H N N 260 
LYS HB2    H N N 261 
LYS HB3    H N N 262 
LYS HG2    H N N 263 
LYS HG3    H N N 264 
LYS HD2    H N N 265 
LYS HD3    H N N 266 
LYS HE2    H N N 267 
LYS HE3    H N N 268 
LYS HZ1    H N N 269 
LYS HZ2    H N N 270 
LYS HZ3    H N N 271 
LYS HXT    H N N 272 
MET N      N N N 273 
MET CA     C N S 274 
MET C      C N N 275 
MET O      O N N 276 
MET CB     C N N 277 
MET CG     C N N 278 
MET SD     S N N 279 
MET CE     C N N 280 
MET OXT    O N N 281 
MET H      H N N 282 
MET H2     H N N 283 
MET HA     H N N 284 
MET HB2    H N N 285 
MET HB3    H N N 286 
MET HG2    H N N 287 
MET HG3    H N N 288 
MET HE1    H N N 289 
MET HE2    H N N 290 
MET HE3    H N N 291 
MET HXT    H N N 292 
PHE N      N N N 293 
PHE CA     C N S 294 
PHE C      C N N 295 
PHE O      O N N 296 
PHE CB     C N N 297 
PHE CG     C Y N 298 
PHE CD1    C Y N 299 
PHE CD2    C Y N 300 
PHE CE1    C Y N 301 
PHE CE2    C Y N 302 
PHE CZ     C Y N 303 
PHE OXT    O N N 304 
PHE H      H N N 305 
PHE H2     H N N 306 
PHE HA     H N N 307 
PHE HB2    H N N 308 
PHE HB3    H N N 309 
PHE HD1    H N N 310 
PHE HD2    H N N 311 
PHE HE1    H N N 312 
PHE HE2    H N N 313 
PHE HZ     H N N 314 
PHE HXT    H N N 315 
PRO N      N N N 316 
PRO CA     C N S 317 
PRO C      C N N 318 
PRO O      O N N 319 
PRO CB     C N N 320 
PRO CG     C N N 321 
PRO CD     C N N 322 
PRO OXT    O N N 323 
PRO H      H N N 324 
PRO HA     H N N 325 
PRO HB2    H N N 326 
PRO HB3    H N N 327 
PRO HG2    H N N 328 
PRO HG3    H N N 329 
PRO HD2    H N N 330 
PRO HD3    H N N 331 
PRO HXT    H N N 332 
SER N      N N N 333 
SER CA     C N S 334 
SER C      C N N 335 
SER O      O N N 336 
SER CB     C N N 337 
SER OG     O N N 338 
SER OXT    O N N 339 
SER H      H N N 340 
SER H2     H N N 341 
SER HA     H N N 342 
SER HB2    H N N 343 
SER HB3    H N N 344 
SER HG     H N N 345 
SER HXT    H N N 346 
THR N      N N N 347 
THR CA     C N S 348 
THR C      C N N 349 
THR O      O N N 350 
THR CB     C N R 351 
THR OG1    O N N 352 
THR CG2    C N N 353 
THR OXT    O N N 354 
THR H      H N N 355 
THR H2     H N N 356 
THR HA     H N N 357 
THR HB     H N N 358 
THR HG1    H N N 359 
THR HG21   H N N 360 
THR HG22   H N N 361 
THR HG23   H N N 362 
THR HXT    H N N 363 
TRP N      N N N 364 
TRP CA     C N S 365 
TRP C      C N N 366 
TRP O      O N N 367 
TRP CB     C N N 368 
TRP CG     C Y N 369 
TRP CD1    C Y N 370 
TRP CD2    C Y N 371 
TRP NE1    N Y N 372 
TRP CE2    C Y N 373 
TRP CE3    C Y N 374 
TRP CZ2    C Y N 375 
TRP CZ3    C Y N 376 
TRP CH2    C Y N 377 
TRP OXT    O N N 378 
TRP H      H N N 379 
TRP H2     H N N 380 
TRP HA     H N N 381 
TRP HB2    H N N 382 
TRP HB3    H N N 383 
TRP HD1    H N N 384 
TRP HE1    H N N 385 
TRP HE3    H N N 386 
TRP HZ2    H N N 387 
TRP HZ3    H N N 388 
TRP HH2    H N N 389 
TRP HXT    H N N 390 
TYR N      N N N 391 
TYR CA     C N S 392 
TYR C      C N N 393 
TYR O      O N N 394 
TYR CB     C N N 395 
TYR CG     C Y N 396 
TYR CD1    C Y N 397 
TYR CD2    C Y N 398 
TYR CE1    C Y N 399 
TYR CE2    C Y N 400 
TYR CZ     C Y N 401 
TYR OH     O N N 402 
TYR OXT    O N N 403 
TYR H      H N N 404 
TYR H2     H N N 405 
TYR HA     H N N 406 
TYR HB2    H N N 407 
TYR HB3    H N N 408 
TYR HD1    H N N 409 
TYR HD2    H N N 410 
TYR HE1    H N N 411 
TYR HE2    H N N 412 
TYR HH     H N N 413 
TYR HXT    H N N 414 
VAL N      N N N 415 
VAL CA     C N S 416 
VAL C      C N N 417 
VAL O      O N N 418 
VAL CB     C N N 419 
VAL CG1    C N N 420 
VAL CG2    C N N 421 
VAL OXT    O N N 422 
VAL H      H N N 423 
VAL H2     H N N 424 
VAL HA     H N N 425 
VAL HB     H N N 426 
VAL HG11   H N N 427 
VAL HG12   H N N 428 
VAL HG13   H N N 429 
VAL HG21   H N N 430 
VAL HG22   H N N 431 
VAL HG23   H N N 432 
VAL HXT    H N N 433 
# 
loop_
_chem_comp_bond.comp_id 
_chem_comp_bond.atom_id_1 
_chem_comp_bond.atom_id_2 
_chem_comp_bond.value_order 
_chem_comp_bond.pdbx_aromatic_flag 
_chem_comp_bond.pdbx_stereo_config 
_chem_comp_bond.pdbx_ordinal 
ALA N     CA     sing N N 1   
ALA N     H      sing N N 2   
ALA N     H2     sing N N 3   
ALA CA    C      sing N N 4   
ALA CA    CB     sing N N 5   
ALA CA    HA     sing N N 6   
ALA C     O      doub N N 7   
ALA C     OXT    sing N N 8   
ALA CB    HB1    sing N N 9   
ALA CB    HB2    sing N N 10  
ALA CB    HB3    sing N N 11  
ALA OXT   HXT    sing N N 12  
ARG N     CA     sing N N 13  
ARG N     H      sing N N 14  
ARG N     H2     sing N N 15  
ARG CA    C      sing N N 16  
ARG CA    CB     sing N N 17  
ARG CA    HA     sing N N 18  
ARG C     O      doub N N 19  
ARG C     OXT    sing N N 20  
ARG CB    CG     sing N N 21  
ARG CB    HB2    sing N N 22  
ARG CB    HB3    sing N N 23  
ARG CG    CD     sing N N 24  
ARG CG    HG2    sing N N 25  
ARG CG    HG3    sing N N 26  
ARG CD    NE     sing N N 27  
ARG CD    HD2    sing N N 28  
ARG CD    HD3    sing N N 29  
ARG NE    CZ     sing N N 30  
ARG NE    HE     sing N N 31  
ARG CZ    NH1    sing N N 32  
ARG CZ    NH2    doub N N 33  
ARG NH1   HH11   sing N N 34  
ARG NH1   HH12   sing N N 35  
ARG NH2   HH21   sing N N 36  
ARG NH2   HH22   sing N N 37  
ARG OXT   HXT    sing N N 38  
ASN N     CA     sing N N 39  
ASN N     H      sing N N 40  
ASN N     H2     sing N N 41  
ASN CA    C      sing N N 42  
ASN CA    CB     sing N N 43  
ASN CA    HA     sing N N 44  
ASN C     O      doub N N 45  
ASN C     OXT    sing N N 46  
ASN CB    CG     sing N N 47  
ASN CB    HB2    sing N N 48  
ASN CB    HB3    sing N N 49  
ASN CG    OD1    doub N N 50  
ASN CG    ND2    sing N N 51  
ASN ND2   HD21   sing N N 52  
ASN ND2   HD22   sing N N 53  
ASN OXT   HXT    sing N N 54  
ASP N     CA     sing N N 55  
ASP N     H      sing N N 56  
ASP N     H2     sing N N 57  
ASP CA    C      sing N N 58  
ASP CA    CB     sing N N 59  
ASP CA    HA     sing N N 60  
ASP C     O      doub N N 61  
ASP C     OXT    sing N N 62  
ASP CB    CG     sing N N 63  
ASP CB    HB2    sing N N 64  
ASP CB    HB3    sing N N 65  
ASP CG    OD1    doub N N 66  
ASP CG    OD2    sing N N 67  
ASP OD2   HD2    sing N N 68  
ASP OXT   HXT    sing N N 69  
CYS N     CA     sing N N 70  
CYS N     H      sing N N 71  
CYS N     H2     sing N N 72  
CYS CA    C      sing N N 73  
CYS CA    CB     sing N N 74  
CYS CA    HA     sing N N 75  
CYS C     O      doub N N 76  
CYS C     OXT    sing N N 77  
CYS CB    SG     sing N N 78  
CYS CB    HB2    sing N N 79  
CYS CB    HB3    sing N N 80  
CYS SG    HG     sing N N 81  
CYS OXT   HXT    sing N N 82  
GDP PB    O1B    doub N N 83  
GDP PB    O2B    sing N N 84  
GDP PB    O3B    sing N N 85  
GDP PB    O3A    sing N N 86  
GDP O2B   HOB2   sing N N 87  
GDP O3B   HOB3   sing N N 88  
GDP O3A   PA     sing N N 89  
GDP PA    O1A    doub N N 90  
GDP PA    O2A    sing N N 91  
GDP PA    "O5'"  sing N N 92  
GDP O2A   HOA2   sing N N 93  
GDP "O5'" "C5'"  sing N N 94  
GDP "C5'" "C4'"  sing N N 95  
GDP "C5'" "H5'"  sing N N 96  
GDP "C5'" "H5''" sing N N 97  
GDP "C4'" "O4'"  sing N N 98  
GDP "C4'" "C3'"  sing N N 99  
GDP "C4'" "H4'"  sing N N 100 
GDP "O4'" "C1'"  sing N N 101 
GDP "C3'" "O3'"  sing N N 102 
GDP "C3'" "C2'"  sing N N 103 
GDP "C3'" "H3'"  sing N N 104 
GDP "O3'" "HO3'" sing N N 105 
GDP "C2'" "O2'"  sing N N 106 
GDP "C2'" "C1'"  sing N N 107 
GDP "C2'" "H2'"  sing N N 108 
GDP "O2'" "HO2'" sing N N 109 
GDP "C1'" N9     sing N N 110 
GDP "C1'" "H1'"  sing N N 111 
GDP N9    C8     sing Y N 112 
GDP N9    C4     sing Y N 113 
GDP C8    N7     doub Y N 114 
GDP C8    H8     sing N N 115 
GDP N7    C5     sing Y N 116 
GDP C5    C6     sing N N 117 
GDP C5    C4     doub Y N 118 
GDP C6    O6     doub N N 119 
GDP C6    N1     sing N N 120 
GDP N1    C2     sing N N 121 
GDP N1    HN1    sing N N 122 
GDP C2    N2     sing N N 123 
GDP C2    N3     doub N N 124 
GDP N2    HN21   sing N N 125 
GDP N2    HN22   sing N N 126 
GDP N3    C4     sing N N 127 
GLN N     CA     sing N N 128 
GLN N     H      sing N N 129 
GLN N     H2     sing N N 130 
GLN CA    C      sing N N 131 
GLN CA    CB     sing N N 132 
GLN CA    HA     sing N N 133 
GLN C     O      doub N N 134 
GLN C     OXT    sing N N 135 
GLN CB    CG     sing N N 136 
GLN CB    HB2    sing N N 137 
GLN CB    HB3    sing N N 138 
GLN CG    CD     sing N N 139 
GLN CG    HG2    sing N N 140 
GLN CG    HG3    sing N N 141 
GLN CD    OE1    doub N N 142 
GLN CD    NE2    sing N N 143 
GLN NE2   HE21   sing N N 144 
GLN NE2   HE22   sing N N 145 
GLN OXT   HXT    sing N N 146 
GLU N     CA     sing N N 147 
GLU N     H      sing N N 148 
GLU N     H2     sing N N 149 
GLU CA    C      sing N N 150 
GLU CA    CB     sing N N 151 
GLU CA    HA     sing N N 152 
GLU C     O      doub N N 153 
GLU C     OXT    sing N N 154 
GLU CB    CG     sing N N 155 
GLU CB    HB2    sing N N 156 
GLU CB    HB3    sing N N 157 
GLU CG    CD     sing N N 158 
GLU CG    HG2    sing N N 159 
GLU CG    HG3    sing N N 160 
GLU CD    OE1    doub N N 161 
GLU CD    OE2    sing N N 162 
GLU OE2   HE2    sing N N 163 
GLU OXT   HXT    sing N N 164 
GLY N     CA     sing N N 165 
GLY N     H      sing N N 166 
GLY N     H2     sing N N 167 
GLY CA    C      sing N N 168 
GLY CA    HA2    sing N N 169 
GLY CA    HA3    sing N N 170 
GLY C     O      doub N N 171 
GLY C     OXT    sing N N 172 
GLY OXT   HXT    sing N N 173 
HIS N     CA     sing N N 174 
HIS N     H      sing N N 175 
HIS N     H2     sing N N 176 
HIS CA    C      sing N N 177 
HIS CA    CB     sing N N 178 
HIS CA    HA     sing N N 179 
HIS C     O      doub N N 180 
HIS C     OXT    sing N N 181 
HIS CB    CG     sing N N 182 
HIS CB    HB2    sing N N 183 
HIS CB    HB3    sing N N 184 
HIS CG    ND1    sing Y N 185 
HIS CG    CD2    doub Y N 186 
HIS ND1   CE1    doub Y N 187 
HIS ND1   HD1    sing N N 188 
HIS CD2   NE2    sing Y N 189 
HIS CD2   HD2    sing N N 190 
HIS CE1   NE2    sing Y N 191 
HIS CE1   HE1    sing N N 192 
HIS NE2   HE2    sing N N 193 
HIS OXT   HXT    sing N N 194 
HOH O     H1     sing N N 195 
HOH O     H2     sing N N 196 
ILE N     CA     sing N N 197 
ILE N     H      sing N N 198 
ILE N     H2     sing N N 199 
ILE CA    C      sing N N 200 
ILE CA    CB     sing N N 201 
ILE CA    HA     sing N N 202 
ILE C     O      doub N N 203 
ILE C     OXT    sing N N 204 
ILE CB    CG1    sing N N 205 
ILE CB    CG2    sing N N 206 
ILE CB    HB     sing N N 207 
ILE CG1   CD1    sing N N 208 
ILE CG1   HG12   sing N N 209 
ILE CG1   HG13   sing N N 210 
ILE CG2   HG21   sing N N 211 
ILE CG2   HG22   sing N N 212 
ILE CG2   HG23   sing N N 213 
ILE CD1   HD11   sing N N 214 
ILE CD1   HD12   sing N N 215 
ILE CD1   HD13   sing N N 216 
ILE OXT   HXT    sing N N 217 
LEU N     CA     sing N N 218 
LEU N     H      sing N N 219 
LEU N     H2     sing N N 220 
LEU CA    C      sing N N 221 
LEU CA    CB     sing N N 222 
LEU CA    HA     sing N N 223 
LEU C     O      doub N N 224 
LEU C     OXT    sing N N 225 
LEU CB    CG     sing N N 226 
LEU CB    HB2    sing N N 227 
LEU CB    HB3    sing N N 228 
LEU CG    CD1    sing N N 229 
LEU CG    CD2    sing N N 230 
LEU CG    HG     sing N N 231 
LEU CD1   HD11   sing N N 232 
LEU CD1   HD12   sing N N 233 
LEU CD1   HD13   sing N N 234 
LEU CD2   HD21   sing N N 235 
LEU CD2   HD22   sing N N 236 
LEU CD2   HD23   sing N N 237 
LEU OXT   HXT    sing N N 238 
LYS N     CA     sing N N 239 
LYS N     H      sing N N 240 
LYS N     H2     sing N N 241 
LYS CA    C      sing N N 242 
LYS CA    CB     sing N N 243 
LYS CA    HA     sing N N 244 
LYS C     O      doub N N 245 
LYS C     OXT    sing N N 246 
LYS CB    CG     sing N N 247 
LYS CB    HB2    sing N N 248 
LYS CB    HB3    sing N N 249 
LYS CG    CD     sing N N 250 
LYS CG    HG2    sing N N 251 
LYS CG    HG3    sing N N 252 
LYS CD    CE     sing N N 253 
LYS CD    HD2    sing N N 254 
LYS CD    HD3    sing N N 255 
LYS CE    NZ     sing N N 256 
LYS CE    HE2    sing N N 257 
LYS CE    HE3    sing N N 258 
LYS NZ    HZ1    sing N N 259 
LYS NZ    HZ2    sing N N 260 
LYS NZ    HZ3    sing N N 261 
LYS OXT   HXT    sing N N 262 
MET N     CA     sing N N 263 
MET N     H      sing N N 264 
MET N     H2     sing N N 265 
MET CA    C      sing N N 266 
MET CA    CB     sing N N 267 
MET CA    HA     sing N N 268 
MET C     O      doub N N 269 
MET C     OXT    sing N N 270 
MET CB    CG     sing N N 271 
MET CB    HB2    sing N N 272 
MET CB    HB3    sing N N 273 
MET CG    SD     sing N N 274 
MET CG    HG2    sing N N 275 
MET CG    HG3    sing N N 276 
MET SD    CE     sing N N 277 
MET CE    HE1    sing N N 278 
MET CE    HE2    sing N N 279 
MET CE    HE3    sing N N 280 
MET OXT   HXT    sing N N 281 
PHE N     CA     sing N N 282 
PHE N     H      sing N N 283 
PHE N     H2     sing N N 284 
PHE CA    C      sing N N 285 
PHE CA    CB     sing N N 286 
PHE CA    HA     sing N N 287 
PHE C     O      doub N N 288 
PHE C     OXT    sing N N 289 
PHE CB    CG     sing N N 290 
PHE CB    HB2    sing N N 291 
PHE CB    HB3    sing N N 292 
PHE CG    CD1    doub Y N 293 
PHE CG    CD2    sing Y N 294 
PHE CD1   CE1    sing Y N 295 
PHE CD1   HD1    sing N N 296 
PHE CD2   CE2    doub Y N 297 
PHE CD2   HD2    sing N N 298 
PHE CE1   CZ     doub Y N 299 
PHE CE1   HE1    sing N N 300 
PHE CE2   CZ     sing Y N 301 
PHE CE2   HE2    sing N N 302 
PHE CZ    HZ     sing N N 303 
PHE OXT   HXT    sing N N 304 
PRO N     CA     sing N N 305 
PRO N     CD     sing N N 306 
PRO N     H      sing N N 307 
PRO CA    C      sing N N 308 
PRO CA    CB     sing N N 309 
PRO CA    HA     sing N N 310 
PRO C     O      doub N N 311 
PRO C     OXT    sing N N 312 
PRO CB    CG     sing N N 313 
PRO CB    HB2    sing N N 314 
PRO CB    HB3    sing N N 315 
PRO CG    CD     sing N N 316 
PRO CG    HG2    sing N N 317 
PRO CG    HG3    sing N N 318 
PRO CD    HD2    sing N N 319 
PRO CD    HD3    sing N N 320 
PRO OXT   HXT    sing N N 321 
SER N     CA     sing N N 322 
SER N     H      sing N N 323 
SER N     H2     sing N N 324 
SER CA    C      sing N N 325 
SER CA    CB     sing N N 326 
SER CA    HA     sing N N 327 
SER C     O      doub N N 328 
SER C     OXT    sing N N 329 
SER CB    OG     sing N N 330 
SER CB    HB2    sing N N 331 
SER CB    HB3    sing N N 332 
SER OG    HG     sing N N 333 
SER OXT   HXT    sing N N 334 
THR N     CA     sing N N 335 
THR N     H      sing N N 336 
THR N     H2     sing N N 337 
THR CA    C      sing N N 338 
THR CA    CB     sing N N 339 
THR CA    HA     sing N N 340 
THR C     O      doub N N 341 
THR C     OXT    sing N N 342 
THR CB    OG1    sing N N 343 
THR CB    CG2    sing N N 344 
THR CB    HB     sing N N 345 
THR OG1   HG1    sing N N 346 
THR CG2   HG21   sing N N 347 
THR CG2   HG22   sing N N 348 
THR CG2   HG23   sing N N 349 
THR OXT   HXT    sing N N 350 
TRP N     CA     sing N N 351 
TRP N     H      sing N N 352 
TRP N     H2     sing N N 353 
TRP CA    C      sing N N 354 
TRP CA    CB     sing N N 355 
TRP CA    HA     sing N N 356 
TRP C     O      doub N N 357 
TRP C     OXT    sing N N 358 
TRP CB    CG     sing N N 359 
TRP CB    HB2    sing N N 360 
TRP CB    HB3    sing N N 361 
TRP CG    CD1    doub Y N 362 
TRP CG    CD2    sing Y N 363 
TRP CD1   NE1    sing Y N 364 
TRP CD1   HD1    sing N N 365 
TRP CD2   CE2    doub Y N 366 
TRP CD2   CE3    sing Y N 367 
TRP NE1   CE2    sing Y N 368 
TRP NE1   HE1    sing N N 369 
TRP CE2   CZ2    sing Y N 370 
TRP CE3   CZ3    doub Y N 371 
TRP CE3   HE3    sing N N 372 
TRP CZ2   CH2    doub Y N 373 
TRP CZ2   HZ2    sing N N 374 
TRP CZ3   CH2    sing Y N 375 
TRP CZ3   HZ3    sing N N 376 
TRP CH2   HH2    sing N N 377 
TRP OXT   HXT    sing N N 378 
TYR N     CA     sing N N 379 
TYR N     H      sing N N 380 
TYR N     H2     sing N N 381 
TYR CA    C      sing N N 382 
TYR CA    CB     sing N N 383 
TYR CA    HA     sing N N 384 
TYR C     O      doub N N 385 
TYR C     OXT    sing N N 386 
TYR CB    CG     sing N N 387 
TYR CB    HB2    sing N N 388 
TYR CB    HB3    sing N N 389 
TYR CG    CD1    doub Y N 390 
TYR CG    CD2    sing Y N 391 
TYR CD1   CE1    sing Y N 392 
TYR CD1   HD1    sing N N 393 
TYR CD2   CE2    doub Y N 394 
TYR CD2   HD2    sing N N 395 
TYR CE1   CZ     doub Y N 396 
TYR CE1   HE1    sing N N 397 
TYR CE2   CZ     sing Y N 398 
TYR CE2   HE2    sing N N 399 
TYR CZ    OH     sing N N 400 
TYR OH    HH     sing N N 401 
TYR OXT   HXT    sing N N 402 
VAL N     CA     sing N N 403 
VAL N     H      sing N N 404 
VAL N     H2     sing N N 405 
VAL CA    C      sing N N 406 
VAL CA    CB     sing N N 407 
VAL CA    HA     sing N N 408 
VAL C     O      doub N N 409 
VAL C     OXT    sing N N 410 
VAL CB    CG1    sing N N 411 
VAL CB    CG2    sing N N 412 
VAL CB    HB     sing N N 413 
VAL CG1   HG11   sing N N 414 
VAL CG1   HG12   sing N N 415 
VAL CG1   HG13   sing N N 416 
VAL CG2   HG21   sing N N 417 
VAL CG2   HG22   sing N N 418 
VAL CG2   HG23   sing N N 419 
VAL OXT   HXT    sing N N 420 
# 
_pdbx_initial_refinement_model.id               1 
_pdbx_initial_refinement_model.entity_id_list   ? 
_pdbx_initial_refinement_model.type             'experimental model' 
_pdbx_initial_refinement_model.source_name      PDB 
_pdbx_initial_refinement_model.accession_code   1ZNW 
_pdbx_initial_refinement_model.details          ? 
# 
_atom_sites.entry_id                    1ZNY 
_atom_sites.fract_transf_matrix[1][1]   0.00718983 
_atom_sites.fract_transf_matrix[1][2]   0.00437957 
_atom_sites.fract_transf_matrix[1][3]   0.00271614 
_atom_sites.fract_transf_matrix[2][1]   0.00295593 
_atom_sites.fract_transf_matrix[2][2]   -0.00732379 
_atom_sites.fract_transf_matrix[2][3]   0.00398450 
_atom_sites.fract_transf_matrix[3][1]   0.00422144 
_atom_sites.fract_transf_matrix[3][2]   -0.00233090 
_atom_sites.fract_transf_matrix[3][3]   -0.00741607 
_atom_sites.fract_transf_vector[1]      0.175963 
_atom_sites.fract_transf_vector[2]      0.047924 
_atom_sites.fract_transf_vector[3]      0.332534 
# 
loop_
_atom_type.symbol 
C 
N 
O 
P 
S 
# 
loop_
_atom_site.group_PDB 
_atom_site.id 
_atom_site.type_symbol 
_atom_site.label_atom_id 
_atom_site.label_alt_id 
_atom_site.label_comp_id 
_atom_site.label_asym_id 
_atom_site.label_entity_id 
_atom_site.label_seq_id 
_atom_site.pdbx_PDB_ins_code 
_atom_site.Cartn_x 
_atom_site.Cartn_y 
_atom_site.Cartn_z 
_atom_site.occupancy 
_atom_site.B_iso_or_equiv 
_atom_site.pdbx_formal_charge 
_atom_site.auth_seq_id 
_atom_site.auth_comp_id 
_atom_site.auth_asym_id 
_atom_site.auth_atom_id 
_atom_site.pdbx_PDB_model_num 
ATOM   1    N N     . VAL A 1 19  ? -7.949  13.752  -16.269 1.00 31.68 ? 20  VAL A N     1 
ATOM   2    C CA    . VAL A 1 19  ? -8.002  13.233  -14.868 1.00 32.78 ? 20  VAL A CA    1 
ATOM   3    C C     . VAL A 1 19  ? -7.012  12.082  -14.657 1.00 32.33 ? 20  VAL A C     1 
ATOM   4    O O     . VAL A 1 19  ? -6.972  11.156  -15.449 1.00 33.04 ? 20  VAL A O     1 
ATOM   5    C CB    . VAL A 1 19  ? -9.441  12.772  -14.451 1.00 32.93 ? 20  VAL A CB    1 
ATOM   6    C CG1   . VAL A 1 19  ? -9.440  12.087  -13.055 1.00 33.13 ? 20  VAL A CG1   1 
ATOM   7    C CG2   . VAL A 1 19  ? -10.392 13.957  -14.435 1.00 33.46 ? 20  VAL A CG2   1 
ATOM   8    N N     . GLY A 1 20  ? -6.213  12.158  -13.591 1.00 31.86 ? 21  GLY A N     1 
ATOM   9    C CA    . GLY A 1 20  ? -5.229  11.128  -13.281 1.00 31.85 ? 21  GLY A CA    1 
ATOM   10   C C     . GLY A 1 20  ? -5.839  9.895   -12.617 1.00 31.42 ? 21  GLY A C     1 
ATOM   11   O O     . GLY A 1 20  ? -6.829  9.989   -11.873 1.00 31.57 ? 21  GLY A O     1 
ATOM   12   N N     . ARG A 1 21  ? -5.262  8.728   -12.903 1.00 30.91 ? 22  ARG A N     1 
ATOM   13   C CA    . ARG A 1 21  ? -5.755  7.483   -12.323 1.00 30.26 ? 22  ARG A CA    1 
ATOM   14   C C     . ARG A 1 21  ? -5.198  7.389   -10.910 1.00 29.14 ? 22  ARG A C     1 
ATOM   15   O O     . ARG A 1 21  ? -4.094  7.885   -10.622 1.00 28.42 ? 22  ARG A O     1 
ATOM   16   C CB    . ARG A 1 21  ? -5.371  6.257   -13.168 1.00 30.24 ? 22  ARG A CB    1 
ATOM   17   C CG    . ARG A 1 21  ? -6.160  6.136   -14.500 1.00 34.77 ? 22  ARG A CG    1 
ATOM   18   C CD    . ARG A 1 21  ? -6.083  4.747   -15.130 1.00 38.53 ? 22  ARG A CD    1 
ATOM   19   N NE    . ARG A 1 21  ? -6.747  4.636   -16.424 1.00 41.15 ? 22  ARG A NE    1 
ATOM   20   C CZ    . ARG A 1 21  ? -6.305  5.176   -17.569 1.00 45.20 ? 22  ARG A CZ    1 
ATOM   21   N NH1   . ARG A 1 21  ? -5.185  5.906   -17.597 1.00 47.74 ? 22  ARG A NH1   1 
ATOM   22   N NH2   . ARG A 1 21  ? -7.006  5.012   -18.700 1.00 43.62 ? 22  ARG A NH2   1 
ATOM   23   N N     . VAL A 1 22  ? -5.999  6.793   -10.034 1.00 27.94 ? 23  VAL A N     1 
ATOM   24   C CA    . VAL A 1 22  ? -5.585  6.447   -8.689  1.00 27.72 ? 23  VAL A CA    1 
ATOM   25   C C     . VAL A 1 22  ? -5.476  4.922   -8.621  1.00 26.85 ? 23  VAL A C     1 
ATOM   26   O O     . VAL A 1 22  ? -6.460  4.230   -8.889  1.00 25.32 ? 23  VAL A O     1 
ATOM   27   C CB    . VAL A 1 22  ? -6.602  6.968   -7.653  1.00 27.51 ? 23  VAL A CB    1 
ATOM   28   C CG1   . VAL A 1 22  ? -6.076  6.764   -6.264  1.00 27.20 ? 23  VAL A CG1   1 
ATOM   29   C CG2   . VAL A 1 22  ? -6.855  8.436   -7.887  1.00 28.11 ? 23  VAL A CG2   1 
ATOM   30   N N     . VAL A 1 23  ? -4.272  4.420   -8.311  1.00 26.27 ? 24  VAL A N     1 
ATOM   31   C CA    . VAL A 1 23  ? -4.031  2.984   -8.186  1.00 26.17 ? 24  VAL A CA    1 
ATOM   32   C C     . VAL A 1 23  ? -3.642  2.636   -6.770  1.00 25.87 ? 24  VAL A C     1 
ATOM   33   O O     . VAL A 1 23  ? -2.812  3.298   -6.179  1.00 26.05 ? 24  VAL A O     1 
ATOM   34   C CB    . VAL A 1 23  ? -2.983  2.492   -9.169  1.00 26.18 ? 24  VAL A CB    1 
ATOM   35   C CG1   . VAL A 1 23  ? -2.620  1.023   -8.885  1.00 25.50 ? 24  VAL A CG1   1 
ATOM   36   C CG2   . VAL A 1 23  ? -3.545  2.624   -10.618 1.00 26.14 ? 24  VAL A CG2   1 
ATOM   37   N N     . VAL A 1 24  ? -4.301  1.622   -6.215  1.00 25.94 ? 25  VAL A N     1 
ATOM   38   C CA    . VAL A 1 24  ? -3.997  1.118   -4.861  1.00 25.83 ? 25  VAL A CA    1 
ATOM   39   C C     . VAL A 1 24  ? -3.297  -0.247  -4.901  1.00 25.49 ? 25  VAL A C     1 
ATOM   40   O O     . VAL A 1 24  ? -3.899  -1.239  -5.267  1.00 25.80 ? 25  VAL A O     1 
ATOM   41   C CB    . VAL A 1 24  ? -5.286  0.996   -4.038  1.00 25.40 ? 25  VAL A CB    1 
ATOM   42   C CG1   . VAL A 1 24  ? -5.001  0.440   -2.648  1.00 25.48 ? 25  VAL A CG1   1 
ATOM   43   C CG2   . VAL A 1 24  ? -5.975  2.371   -3.954  1.00 26.21 ? 25  VAL A CG2   1 
ATOM   44   N N     . LEU A 1 25  ? -2.048  -0.283  -4.464  1.00 24.92 ? 26  LEU A N     1 
ATOM   45   C CA    . LEU A 1 25  ? -1.191  -1.457  -4.572  1.00 24.55 ? 26  LEU A CA    1 
ATOM   46   C C     . LEU A 1 25  ? -1.086  -2.167  -3.242  1.00 23.93 ? 26  LEU A C     1 
ATOM   47   O O     . LEU A 1 25  ? -0.620  -1.587  -2.274  1.00 22.75 ? 26  LEU A O     1 
ATOM   48   C CB    . LEU A 1 25  ? 0.208   -1.012  -4.991  1.00 24.93 ? 26  LEU A CB    1 
ATOM   49   C CG    . LEU A 1 25  ? 1.206   -1.882  -5.783  1.00 26.98 ? 26  LEU A CG    1 
ATOM   50   C CD1   . LEU A 1 25  ? 2.605   -1.744  -5.211  1.00 26.72 ? 26  LEU A CD1   1 
ATOM   51   C CD2   . LEU A 1 25  ? 0.849   -3.339  -5.955  1.00 27.15 ? 26  LEU A CD2   1 
ATOM   52   N N     . SER A 1 26  ? -1.464  -3.445  -3.214  1.00 23.51 ? 27  SER A N     1 
ATOM   53   C CA    . SER A 1 26  ? -1.327  -4.246  -2.010  1.00 22.85 ? 27  SER A CA    1 
ATOM   54   C C     . SER A 1 26  ? -0.938  -5.688  -2.310  1.00 22.28 ? 27  SER A C     1 
ATOM   55   O O     . SER A 1 26  ? -0.543  -5.982  -3.413  1.00 22.56 ? 27  SER A O     1 
ATOM   56   C CB    . SER A 1 26  ? -2.627  -4.184  -1.214  1.00 22.79 ? 27  SER A CB    1 
ATOM   57   O OG    . SER A 1 26  ? -2.415  -4.629  0.108   1.00 21.31 ? 27  SER A OG    1 
ATOM   58   N N     . GLY A 1 27  ? -1.025  -6.570  -1.318  1.00 21.52 ? 28  GLY A N     1 
ATOM   59   C CA    . GLY A 1 27  ? -0.546  -7.934  -1.459  1.00 21.87 ? 28  GLY A CA    1 
ATOM   60   C C     . GLY A 1 27  ? -0.191  -8.577  -0.131  1.00 21.89 ? 28  GLY A C     1 
ATOM   61   O O     . GLY A 1 27  ? -0.436  -7.991  0.922   1.00 21.02 ? 28  GLY A O     1 
ATOM   62   N N     . PRO A 1 28  ? 0.393   -9.776  -0.164  1.00 22.67 ? 29  PRO A N     1 
ATOM   63   C CA    . PRO A 1 28  ? 0.739   -10.491 1.061   1.00 23.43 ? 29  PRO A CA    1 
ATOM   64   C C     . PRO A 1 28  ? 1.720   -9.684  1.882   1.00 24.18 ? 29  PRO A C     1 
ATOM   65   O O     . PRO A 1 28  ? 2.527   -8.971  1.286   1.00 24.34 ? 29  PRO A O     1 
ATOM   66   C CB    . PRO A 1 28  ? 1.388   -11.773 0.547   1.00 23.55 ? 29  PRO A CB    1 
ATOM   67   C CG    . PRO A 1 28  ? 0.884   -11.951 -0.791  1.00 22.82 ? 29  PRO A CG    1 
ATOM   68   C CD    . PRO A 1 28  ? 0.779   -10.560 -1.340  1.00 23.34 ? 29  PRO A CD    1 
ATOM   69   N N     . SER A 1 29  ? 1.620   -9.743  3.201   1.00 25.05 ? 30  SER A N     1 
ATOM   70   C CA    . SER A 1 29  ? 2.550   -9.018  4.069   1.00 26.56 ? 30  SER A CA    1 
ATOM   71   C C     . SER A 1 29  ? 3.941   -9.693  3.980   1.00 27.87 ? 30  SER A C     1 
ATOM   72   O O     . SER A 1 29  ? 4.350   -10.402 4.874   1.00 28.51 ? 30  SER A O     1 
ATOM   73   C CB    . SER A 1 29  ? 1.981   -8.868  5.505   1.00 26.60 ? 30  SER A CB    1 
ATOM   74   O OG    . SER A 1 29  ? 1.408   -10.076 6.044   1.00 25.61 ? 30  SER A OG    1 
ATOM   75   N N     . ALA A 1 30  ? 4.604   -9.474  2.826   1.00 29.91 ? 31  ALA A N     1 
ATOM   76   C CA    . ALA A 1 30  ? 5.983   -9.900  2.455   1.00 30.75 ? 31  ALA A CA    1 
ATOM   77   C C     . ALA A 1 30  ? 6.119   -10.704 1.103   1.00 31.64 ? 31  ALA A C     1 
ATOM   78   O O     . ALA A 1 30  ? 6.849   -11.683 1.024   1.00 31.91 ? 31  ALA A O     1 
ATOM   79   C CB    . ALA A 1 30  ? 6.730   -10.612 3.632   1.00 30.53 ? 31  ALA A CB    1 
ATOM   80   N N     . VAL A 1 31  ? 5.402   -10.292 0.065   1.00 32.63 ? 32  VAL A N     1 
ATOM   81   C CA    . VAL A 1 31  ? 5.739   -10.668 -1.324  1.00 33.93 ? 32  VAL A CA    1 
ATOM   82   C C     . VAL A 1 31  ? 6.659   -9.591  -1.975  1.00 35.46 ? 32  VAL A C     1 
ATOM   83   O O     . VAL A 1 31  ? 7.059   -9.724  -3.166  1.00 36.76 ? 32  VAL A O     1 
ATOM   84   C CB    . VAL A 1 31  ? 4.440   -10.979 -2.257  1.00 33.76 ? 32  VAL A CB    1 
ATOM   85   C CG1   . VAL A 1 31  ? 4.003   -9.782  -3.162  1.00 30.84 ? 32  VAL A CG1   1 
ATOM   86   C CG2   . VAL A 1 31  ? 4.655   -12.258 -3.092  1.00 32.03 ? 32  VAL A CG2   1 
ATOM   87   N N     . GLY A 1 32  ? 6.970   -8.544  -1.185  1.00 36.76 ? 33  GLY A N     1 
ATOM   88   C CA    . GLY A 1 32  ? 7.966   -7.514  -1.513  1.00 37.35 ? 33  GLY A CA    1 
ATOM   89   C C     . GLY A 1 32  ? 7.502   -6.385  -2.417  1.00 37.77 ? 33  GLY A C     1 
ATOM   90   O O     . GLY A 1 32  ? 7.349   -6.623  -3.641  1.00 37.43 ? 33  GLY A O     1 
ATOM   91   N N     . LYS A 1 33  ? 7.340   -5.170  -1.843  1.00 37.78 ? 34  LYS A N     1 
ATOM   92   C CA    . LYS A 1 33  ? 6.749   -4.021  -2.568  1.00 37.43 ? 34  LYS A CA    1 
ATOM   93   C C     . LYS A 1 33  ? 7.594   -2.731  -2.648  1.00 37.34 ? 34  LYS A C     1 
ATOM   94   O O     . LYS A 1 33  ? 7.446   -1.977  -3.598  1.00 37.54 ? 34  LYS A O     1 
ATOM   95   C CB    . LYS A 1 33  ? 5.372   -3.678  -1.990  1.00 37.93 ? 34  LYS A CB    1 
ATOM   96   C CG    . LYS A 1 33  ? 4.219   -4.640  -2.408  1.00 39.02 ? 34  LYS A CG    1 
ATOM   97   C CD    . LYS A 1 33  ? 2.841   -4.260  -1.768  1.00 40.64 ? 34  LYS A CD    1 
ATOM   98   C CE    . LYS A 1 33  ? 2.927   -4.061  -0.210  1.00 43.07 ? 34  LYS A CE    1 
ATOM   99   N NZ    . LYS A 1 33  ? 1.646   -4.269  0.632   1.00 43.52 ? 34  LYS A NZ    1 
ATOM   100  N N     . SER A 1 34  ? 8.468   -2.450  -1.686  1.00 37.05 ? 35  SER A N     1 
ATOM   101  C CA    . SER A 1 34  ? 9.286   -1.228  -1.774  1.00 36.81 ? 35  SER A CA    1 
ATOM   102  C C     . SER A 1 34  ? 10.183  -1.147  -3.052  1.00 36.16 ? 35  SER A C     1 
ATOM   103  O O     . SER A 1 34  ? 10.511  -0.036  -3.495  1.00 36.24 ? 35  SER A O     1 
ATOM   104  C CB    . SER A 1 34  ? 10.118  -1.005  -0.496  1.00 36.75 ? 35  SER A CB    1 
ATOM   105  O OG    . SER A 1 34  ? 11.460  -1.451  -0.648  1.00 38.44 ? 35  SER A OG    1 
ATOM   106  N N     . THR A 1 35  ? 10.563  -2.309  -3.612  1.00 34.53 ? 36  THR A N     1 
ATOM   107  C CA    . THR A 1 35  ? 11.241  -2.421  -4.925  1.00 33.28 ? 36  THR A CA    1 
ATOM   108  C C     . THR A 1 35  ? 10.387  -1.972  -6.107  1.00 31.56 ? 36  THR A C     1 
ATOM   109  O O     . THR A 1 35  ? 10.860  -1.308  -7.020  1.00 31.04 ? 36  THR A O     1 
ATOM   110  C CB    . THR A 1 35  ? 11.571  -3.896  -5.255  1.00 33.17 ? 36  THR A CB    1 
ATOM   111  O OG1   . THR A 1 35  ? 12.021  -4.590  -4.092  1.00 35.41 ? 36  THR A OG1   1 
ATOM   112  C CG2   . THR A 1 35  ? 12.733  -3.984  -6.235  1.00 33.80 ? 36  THR A CG2   1 
ATOM   113  N N     . VAL A 1 36  ? 9.155   -2.454  -6.132  1.00 29.82 ? 37  VAL A N     1 
ATOM   114  C CA    . VAL A 1 36  ? 8.259   -2.185  -7.244  1.00 29.40 ? 37  VAL A CA    1 
ATOM   115  C C     . VAL A 1 36  ? 7.890   -0.692  -7.235  1.00 28.20 ? 37  VAL A C     1 
ATOM   116  O O     . VAL A 1 36  ? 7.962   -0.032  -8.255  1.00 26.19 ? 37  VAL A O     1 
ATOM   117  C CB    . VAL A 1 36  ? 7.020   -3.122  -7.191  1.00 29.44 ? 37  VAL A CB    1 
ATOM   118  C CG1   . VAL A 1 36  ? 5.889   -2.593  -8.035  1.00 29.59 ? 37  VAL A CG1   1 
ATOM   119  C CG2   . VAL A 1 36  ? 7.427   -4.549  -7.645  1.00 30.15 ? 37  VAL A CG2   1 
ATOM   120  N N     . VAL A 1 37  ? 7.541   -0.197  -6.051  1.00 27.54 ? 38  VAL A N     1 
ATOM   121  C CA    . VAL A 1 37  ? 7.298   1.213   -5.810  1.00 27.63 ? 38  VAL A CA    1 
ATOM   122  C C     . VAL A 1 37  ? 8.470   2.079   -6.288  1.00 27.82 ? 38  VAL A C     1 
ATOM   123  O O     . VAL A 1 37  ? 8.251   3.039   -7.010  1.00 27.55 ? 38  VAL A O     1 
ATOM   124  C CB    . VAL A 1 37  ? 6.959   1.451   -4.314  1.00 27.18 ? 38  VAL A CB    1 
ATOM   125  C CG1   . VAL A 1 37  ? 7.080   2.940   -3.910  1.00 26.43 ? 38  VAL A CG1   1 
ATOM   126  C CG2   . VAL A 1 37  ? 5.551   0.945   -4.048  1.00 27.51 ? 38  VAL A CG2   1 
ATOM   127  N N     . ARG A 1 38  ? 9.694   1.734   -5.909  1.00 27.73 ? 39  ARG A N     1 
ATOM   128  C CA    . ARG A 1 38  ? 10.860  2.487   -6.371  1.00 28.54 ? 39  ARG A CA    1 
ATOM   129  C C     . ARG A 1 38  ? 10.910  2.529   -7.922  1.00 28.27 ? 39  ARG A C     1 
ATOM   130  O O     . ARG A 1 38  ? 11.068  3.613   -8.514  1.00 27.94 ? 39  ARG A O     1 
ATOM   131  C CB    . ARG A 1 38  ? 12.151  1.908   -5.803  1.00 28.72 ? 39  ARG A CB    1 
ATOM   132  C CG    . ARG A 1 38  ? 13.418  2.686   -6.182  1.00 31.41 ? 39  ARG A CG    1 
ATOM   133  C CD    . ARG A 1 38  ? 14.687  2.334   -5.359  1.00 34.29 ? 39  ARG A CD    1 
ATOM   134  N NE    . ARG A 1 38  ? 15.898  2.632   -6.142  1.00 38.22 ? 39  ARG A NE    1 
ATOM   135  C CZ    . ARG A 1 38  ? 17.066  3.118   -5.664  1.00 39.24 ? 39  ARG A CZ    1 
ATOM   136  N NH1   . ARG A 1 38  ? 18.072  3.360   -6.508  1.00 38.20 ? 39  ARG A NH1   1 
ATOM   137  N NH2   . ARG A 1 38  ? 17.247  3.364   -4.364  1.00 40.51 ? 39  ARG A NH2   1 
ATOM   138  N N     . CYS A 1 39  ? 10.742  1.371   -8.565  1.00 27.21 ? 40  CYS A N     1 
ATOM   139  C CA    . CYS A 1 39  ? 10.785  1.296   -10.027 1.00 27.54 ? 40  CYS A CA    1 
ATOM   140  C C     . CYS A 1 39  ? 9.697   2.185   -10.661 1.00 25.31 ? 40  CYS A C     1 
ATOM   141  O O     . CYS A 1 39  ? 9.959   2.872   -11.634 1.00 22.38 ? 40  CYS A O     1 
ATOM   142  C CB    . CYS A 1 39  ? 10.652  -0.160  -10.527 1.00 28.06 ? 40  CYS A CB    1 
ATOM   143  S SG    . CYS A 1 39  ? 10.371  -0.339  -12.347 1.00 36.63 ? 40  CYS A SG    1 
ATOM   144  N N     . LEU A 1 40  ? 8.503   2.195   -10.066 1.00 24.28 ? 41  LEU A N     1 
ATOM   145  C CA    . LEU A 1 40  ? 7.390   2.953   -10.610 1.00 24.27 ? 41  LEU A CA    1 
ATOM   146  C C     . LEU A 1 40  ? 7.644   4.449   -10.555 1.00 25.19 ? 41  LEU A C     1 
ATOM   147  O O     . LEU A 1 40  ? 7.259   5.162   -11.470 1.00 25.96 ? 41  LEU A O     1 
ATOM   148  C CB    . LEU A 1 40  ? 6.104   2.644   -9.887  1.00 23.43 ? 41  LEU A CB    1 
ATOM   149  C CG    . LEU A 1 40  ? 5.498   1.297   -10.255 1.00 24.38 ? 41  LEU A CG    1 
ATOM   150  C CD1   . LEU A 1 40  ? 4.178   1.074   -9.466  1.00 21.23 ? 41  LEU A CD1   1 
ATOM   151  C CD2   . LEU A 1 40  ? 5.288   1.208   -11.796 1.00 24.29 ? 41  LEU A CD2   1 
ATOM   152  N N     . ARG A 1 41  ? 8.295   4.905   -9.490  1.00 25.23 ? 42  ARG A N     1 
ATOM   153  C CA    . ARG A 1 41  ? 8.588   6.324   -9.281  1.00 25.72 ? 42  ARG A CA    1 
ATOM   154  C C     . ARG A 1 41  ? 9.677   6.850   -10.206 1.00 25.41 ? 42  ARG A C     1 
ATOM   155  O O     . ARG A 1 41  ? 9.697   8.041   -10.530 1.00 24.33 ? 42  ARG A O     1 
ATOM   156  C CB    . ARG A 1 41  ? 8.974   6.566   -7.811  1.00 25.68 ? 42  ARG A CB    1 
ATOM   157  C CG    . ARG A 1 41  ? 7.783   6.259   -6.861  1.00 27.98 ? 42  ARG A CG    1 
ATOM   158  C CD    . ARG A 1 41  ? 7.997   6.641   -5.409  1.00 29.54 ? 42  ARG A CD    1 
ATOM   159  N NE    . ARG A 1 41  ? 7.988   8.092   -5.246  1.00 32.83 ? 42  ARG A NE    1 
ATOM   160  C CZ    . ARG A 1 41  ? 8.415   8.742   -4.151  1.00 34.88 ? 42  ARG A CZ    1 
ATOM   161  N NH1   . ARG A 1 41  ? 8.850   8.073   -3.079  1.00 35.91 ? 42  ARG A NH1   1 
ATOM   162  N NH2   . ARG A 1 41  ? 8.373   10.069  -4.118  1.00 32.57 ? 42  ARG A NH2   1 
ATOM   163  N N     . GLU A 1 42  ? 10.584  5.956   -10.601 1.00 25.77 ? 43  GLU A N     1 
ATOM   164  C CA    . GLU A 1 42  ? 11.624  6.238   -11.596 1.00 26.49 ? 43  GLU A CA    1 
ATOM   165  C C     . GLU A 1 42  ? 11.051  6.245   -13.027 1.00 25.61 ? 43  GLU A C     1 
ATOM   166  O O     . GLU A 1 42  ? 11.554  6.943   -13.883 1.00 25.92 ? 43  GLU A O     1 
ATOM   167  C CB    . GLU A 1 42  ? 12.759  5.193   -11.494 1.00 27.17 ? 43  GLU A CB    1 
ATOM   168  C CG    . GLU A 1 42  ? 13.707  5.434   -10.301 1.00 31.92 ? 43  GLU A CG    1 
ATOM   169  C CD    . GLU A 1 42  ? 14.671  4.266   -9.990  1.00 37.13 ? 43  GLU A CD    1 
ATOM   170  O OE1   . GLU A 1 42  ? 14.624  3.217   -10.694 1.00 39.01 ? 43  GLU A OE1   1 
ATOM   171  O OE2   . GLU A 1 42  ? 15.491  4.402   -9.030  1.00 39.43 ? 43  GLU A OE2   1 
ATOM   172  N N     . ARG A 1 43  ? 10.006  5.471   -13.268 1.00 24.71 ? 44  ARG A N     1 
ATOM   173  C CA    . ARG A 1 43  ? 9.461   5.291   -14.613 1.00 25.01 ? 44  ARG A CA    1 
ATOM   174  C C     . ARG A 1 43  ? 8.461   6.414   -14.992 1.00 24.80 ? 44  ARG A C     1 
ATOM   175  O O     . ARG A 1 43  ? 8.384   6.832   -16.155 1.00 24.07 ? 44  ARG A O     1 
ATOM   176  C CB    . ARG A 1 43  ? 8.826   3.887   -14.757 1.00 24.90 ? 44  ARG A CB    1 
ATOM   177  C CG    . ARG A 1 43  ? 9.693   2.866   -15.464 1.00 27.01 ? 44  ARG A CG    1 
ATOM   178  C CD    . ARG A 1 43  ? 10.089  1.596   -14.695 1.00 31.89 ? 44  ARG A CD    1 
ATOM   179  N NE    . ARG A 1 43  ? 9.697   0.345   -15.385 1.00 32.91 ? 44  ARG A NE    1 
ATOM   180  C CZ    . ARG A 1 43  ? 10.509  -0.696  -15.713 1.00 33.88 ? 44  ARG A CZ    1 
ATOM   181  N NH1   . ARG A 1 43  ? 11.818  -0.674  -15.397 1.00 32.73 ? 44  ARG A NH1   1 
ATOM   182  N NH2   . ARG A 1 43  ? 10.003  -1.778  -16.384 1.00 28.85 ? 44  ARG A NH2   1 
ATOM   183  N N     . ILE A 1 44  ? 7.714   6.907   -14.011 1.00 24.74 ? 45  ILE A N     1 
ATOM   184  C CA    . ILE A 1 44  ? 6.724   7.956   -14.245 1.00 24.56 ? 45  ILE A CA    1 
ATOM   185  C C     . ILE A 1 44  ? 7.186   9.182   -13.467 1.00 24.79 ? 45  ILE A C     1 
ATOM   186  O O     . ILE A 1 44  ? 7.031   9.218   -12.251 1.00 24.64 ? 45  ILE A O     1 
ATOM   187  C CB    . ILE A 1 44  ? 5.314   7.504   -13.822 1.00 24.68 ? 45  ILE A CB    1 
ATOM   188  C CG1   . ILE A 1 44  ? 4.912   6.215   -14.531 1.00 24.16 ? 45  ILE A CG1   1 
ATOM   189  C CG2   . ILE A 1 44  ? 4.282   8.577   -14.156 1.00 23.70 ? 45  ILE A CG2   1 
ATOM   190  C CD1   . ILE A 1 44  ? 3.844   5.433   -13.753 1.00 25.65 ? 45  ILE A CD1   1 
ATOM   191  N N     . PRO A 1 45  ? 7.807   10.137  -14.173 1.00 24.68 ? 46  PRO A N     1 
ATOM   192  C CA    . PRO A 1 45  ? 8.512   11.263  -13.554 1.00 25.14 ? 46  PRO A CA    1 
ATOM   193  C C     . PRO A 1 45  ? 7.694   12.120  -12.578 1.00 24.41 ? 46  PRO A C     1 
ATOM   194  O O     . PRO A 1 45  ? 8.263   12.638  -11.644 1.00 24.05 ? 46  PRO A O     1 
ATOM   195  C CB    . PRO A 1 45  ? 8.950   12.128  -14.765 1.00 25.69 ? 46  PRO A CB    1 
ATOM   196  C CG    . PRO A 1 45  ? 8.916   11.209  -15.965 1.00 26.06 ? 46  PRO A CG    1 
ATOM   197  C CD    . PRO A 1 45  ? 7.954   10.126  -15.639 1.00 25.15 ? 46  PRO A CD    1 
ATOM   198  N N     . ASN A 1 46  ? 6.392   12.240  -12.803 1.00 23.96 ? 47  ASN A N     1 
ATOM   199  C CA    . ASN A 1 46  ? 5.519   13.067  -11.966 1.00 24.18 ? 47  ASN A CA    1 
ATOM   200  C C     . ASN A 1 46  ? 4.488   12.275  -11.152 1.00 23.70 ? 47  ASN A C     1 
ATOM   201  O O     . ASN A 1 46  ? 3.485   12.832  -10.716 1.00 23.38 ? 47  ASN A O     1 
ATOM   202  C CB    . ASN A 1 46  ? 4.800   14.069  -12.864 1.00 25.12 ? 47  ASN A CB    1 
ATOM   203  C CG    . ASN A 1 46  ? 3.699   13.441  -13.664 1.00 25.39 ? 47  ASN A CG    1 
ATOM   204  O OD1   . ASN A 1 46  ? 3.670   12.234  -13.843 1.00 31.01 ? 47  ASN A OD1   1 
ATOM   205  N ND2   . ASN A 1 46  ? 2.766   14.259  -14.135 1.00 29.88 ? 47  ASN A ND2   1 
ATOM   206  N N     . LEU A 1 47  ? 4.749   10.987  -10.941 1.00 22.81 ? 48  LEU A N     1 
ATOM   207  C CA    . LEU A 1 47  ? 3.875   10.146  -10.142 1.00 22.80 ? 48  LEU A CA    1 
ATOM   208  C C     . LEU A 1 47  ? 3.814   10.669  -8.714  1.00 22.25 ? 48  LEU A C     1 
ATOM   209  O O     . LEU A 1 47  ? 4.842   10.949  -8.107  1.00 21.94 ? 48  LEU A O     1 
ATOM   210  C CB    . LEU A 1 47  ? 4.428   8.719   -10.121 1.00 23.23 ? 48  LEU A CB    1 
ATOM   211  C CG    . LEU A 1 47  ? 3.668   7.665   -9.310  1.00 24.75 ? 48  LEU A CG    1 
ATOM   212  C CD1   . LEU A 1 47  ? 2.269   7.510   -9.838  1.00 24.82 ? 48  LEU A CD1   1 
ATOM   213  C CD2   . LEU A 1 47  ? 4.429   6.335   -9.369  1.00 26.59 ? 48  LEU A CD2   1 
ATOM   214  N N     . HIS A 1 48  ? 2.608   10.795  -8.188  1.00 21.60 ? 49  HIS A N     1 
ATOM   215  C CA    . HIS A 1 48  ? 2.416   11.199  -6.812  1.00 21.46 ? 49  HIS A CA    1 
ATOM   216  C C     . HIS A 1 48  ? 2.193   9.968   -5.940  1.00 21.80 ? 49  HIS A C     1 
ATOM   217  O O     . HIS A 1 48  ? 1.168   9.327   -5.998  1.00 19.88 ? 49  HIS A O     1 
ATOM   218  C CB    . HIS A 1 48  ? 1.218   12.158  -6.656  1.00 21.29 ? 49  HIS A CB    1 
ATOM   219  C CG    . HIS A 1 48  ? 0.978   12.578  -5.238  1.00 20.42 ? 49  HIS A CG    1 
ATOM   220  N ND1   . HIS A 1 48  ? 1.930   13.244  -4.490  1.00 21.24 ? 49  HIS A ND1   1 
ATOM   221  C CD2   . HIS A 1 48  ? -0.081  12.393  -4.418  1.00 23.08 ? 49  HIS A CD2   1 
ATOM   222  C CE1   . HIS A 1 48  ? 1.455   13.463  -3.276  1.00 22.13 ? 49  HIS A CE1   1 
ATOM   223  N NE2   . HIS A 1 48  ? 0.234   12.961  -3.205  1.00 19.68 ? 49  HIS A NE2   1 
ATOM   224  N N     . PHE A 1 49  ? 3.172   9.701   -5.079  1.00 23.11 ? 50  PHE A N     1 
ATOM   225  C CA    . PHE A 1 49  ? 3.090   8.650   -4.095  1.00 23.59 ? 50  PHE A CA    1 
ATOM   226  C C     . PHE A 1 49  ? 2.432   9.280   -2.872  1.00 23.70 ? 50  PHE A C     1 
ATOM   227  O O     . PHE A 1 49  ? 2.943   10.238  -2.266  1.00 23.17 ? 50  PHE A O     1 
ATOM   228  C CB    . PHE A 1 49  ? 4.496   8.080   -3.794  1.00 23.90 ? 50  PHE A CB    1 
ATOM   229  C CG    . PHE A 1 49  ? 4.493   6.826   -2.922  1.00 25.57 ? 50  PHE A CG    1 
ATOM   230  C CD1   . PHE A 1 49  ? 3.744   5.716   -3.284  1.00 27.42 ? 50  PHE A CD1   1 
ATOM   231  C CD2   . PHE A 1 49  ? 5.229   6.779   -1.723  1.00 29.57 ? 50  PHE A CD2   1 
ATOM   232  C CE1   . PHE A 1 49  ? 3.714   4.561   -2.483  1.00 28.91 ? 50  PHE A CE1   1 
ATOM   233  C CE2   . PHE A 1 49  ? 5.203   5.611   -0.894  1.00 30.75 ? 50  PHE A CE2   1 
ATOM   234  C CZ    . PHE A 1 49  ? 4.416   4.506   -1.285  1.00 29.02 ? 50  PHE A CZ    1 
ATOM   235  N N     . SER A 1 50  ? 1.279   8.733   -2.527  1.00 23.87 ? 51  SER A N     1 
ATOM   236  C CA    . SER A 1 50  ? 0.478   9.235   -1.438  1.00 24.03 ? 51  SER A CA    1 
ATOM   237  C C     . SER A 1 50  ? 1.295   9.282   -0.123  1.00 24.78 ? 51  SER A C     1 
ATOM   238  O O     . SER A 1 50  ? 1.969   8.322   0.254   1.00 24.76 ? 51  SER A O     1 
ATOM   239  C CB    . SER A 1 50  ? -0.771  8.357   -1.305  1.00 24.12 ? 51  SER A CB    1 
ATOM   240  O OG    . SER A 1 50  ? -1.417  8.579   -0.070  1.00 24.06 ? 51  SER A OG    1 
ATOM   241  N N     . VAL A 1 51  ? 1.209   10.424  0.550   1.00 24.84 ? 52  VAL A N     1 
ATOM   242  C CA    . VAL A 1 51  ? 1.933   10.728  1.767   1.00 24.59 ? 52  VAL A CA    1 
ATOM   243  C C     . VAL A 1 51  ? 0.943   10.616  2.924   1.00 24.66 ? 52  VAL A C     1 
ATOM   244  O O     . VAL A 1 51  ? 0.042   11.437  3.057   1.00 24.30 ? 52  VAL A O     1 
ATOM   245  C CB    . VAL A 1 51  ? 2.504   12.163  1.682   1.00 24.34 ? 52  VAL A CB    1 
ATOM   246  C CG1   . VAL A 1 51  ? 3.232   12.541  2.952   1.00 24.91 ? 52  VAL A CG1   1 
ATOM   247  C CG2   . VAL A 1 51  ? 3.411   12.295  0.460   1.00 23.83 ? 52  VAL A CG2   1 
ATOM   248  N N     . SER A 1 52  ? 1.102   9.569   3.731   1.00 24.68 ? 53  SER A N     1 
ATOM   249  C CA    . SER A 1 52  ? 0.185   9.243   4.811   1.00 24.29 ? 53  SER A CA    1 
ATOM   250  C C     . SER A 1 52  ? 0.252   10.252  5.968   1.00 24.58 ? 53  SER A C     1 
ATOM   251  O O     . SER A 1 52  ? 1.304   10.788  6.261   1.00 24.74 ? 53  SER A O     1 
ATOM   252  C CB    . SER A 1 52  ? 0.568   7.853   5.370   1.00 24.63 ? 53  SER A CB    1 
ATOM   253  O OG    . SER A 1 52  ? 0.488   6.816   4.391   1.00 22.47 ? 53  SER A OG    1 
ATOM   254  N N     . ALA A 1 53  ? -0.866  10.482  6.645   1.00 24.61 ? 54  ALA A N     1 
ATOM   255  C CA    . ALA A 1 53  ? -0.856  11.167  7.916   1.00 24.30 ? 54  ALA A CA    1 
ATOM   256  C C     . ALA A 1 53  ? -0.471  10.172  9.024   1.00 24.53 ? 54  ALA A C     1 
ATOM   257  O O     . ALA A 1 53  ? -0.761  8.995   8.907   1.00 25.11 ? 54  ALA A O     1 
ATOM   258  C CB    . ALA A 1 53  ? -2.194  11.764  8.199   1.00 24.07 ? 54  ALA A CB    1 
ATOM   259  N N     . THR A 1 54  ? 0.204   10.661  10.073  1.00 24.01 ? 55  THR A N     1 
ATOM   260  C CA    . THR A 1 54  ? 0.504   9.866   11.260  1.00 23.10 ? 55  THR A CA    1 
ATOM   261  C C     . THR A 1 54  ? 0.486   10.742  12.512  1.00 22.51 ? 55  THR A C     1 
ATOM   262  O O     . THR A 1 54  ? 0.641   11.964  12.430  1.00 21.42 ? 55  THR A O     1 
ATOM   263  C CB    . THR A 1 54  ? 1.858   9.163   11.077  1.00 23.16 ? 55  THR A CB    1 
ATOM   264  O OG1   . THR A 1 54  ? 2.102   8.251   12.149  1.00 22.84 ? 55  THR A OG1   1 
ATOM   265  C CG2   . THR A 1 54  ? 3.046   10.167  11.124  1.00 23.66 ? 55  THR A CG2   1 
ATOM   266  N N     . THR A 1 55  ? 0.268   10.123  13.665  1.00 22.29 ? 56  THR A N     1 
ATOM   267  C CA    . THR A 1 55  ? 0.379   10.834  14.933  1.00 22.81 ? 56  THR A CA    1 
ATOM   268  C C     . THR A 1 55  ? 1.652   10.529  15.724  1.00 22.84 ? 56  THR A C     1 
ATOM   269  O O     . THR A 1 55  ? 1.819   11.068  16.796  1.00 23.32 ? 56  THR A O     1 
ATOM   270  C CB    . THR A 1 55  ? -0.842  10.614  15.813  1.00 22.56 ? 56  THR A CB    1 
ATOM   271  O OG1   . THR A 1 55  ? -0.919  9.241   16.197  1.00 23.38 ? 56  THR A OG1   1 
ATOM   272  C CG2   . THR A 1 55  ? -2.111  10.845  15.027  1.00 23.14 ? 56  THR A CG2   1 
ATOM   273  N N     . ARG A 1 56  ? 2.560   9.700   15.217  1.00 22.89 ? 57  ARG A N     1 
ATOM   274  C CA    . ARG A 1 56  ? 3.869   9.599   15.866  1.00 23.10 ? 57  ARG A CA    1 
ATOM   275  C C     . ARG A 1 56  ? 4.672   10.866  15.565  1.00 23.29 ? 57  ARG A C     1 
ATOM   276  O O     . ARG A 1 56  ? 4.288   11.661  14.688  1.00 23.91 ? 57  ARG A O     1 
ATOM   277  C CB    . ARG A 1 56  ? 4.639   8.351   15.423  1.00 22.74 ? 57  ARG A CB    1 
ATOM   278  C CG    . ARG A 1 56  ? 5.193   8.327   13.974  1.00 22.20 ? 57  ARG A CG    1 
ATOM   279  C CD    . ARG A 1 56  ? 6.284   7.248   13.855  1.00 22.26 ? 57  ARG A CD    1 
ATOM   280  N NE    . ARG A 1 56  ? 6.749   6.916   12.512  1.00 20.44 ? 57  ARG A NE    1 
ATOM   281  C CZ    . ARG A 1 56  ? 7.688   7.555   11.829  1.00 19.28 ? 57  ARG A CZ    1 
ATOM   282  N NH1   . ARG A 1 56  ? 8.256   8.649   12.297  1.00 18.84 ? 57  ARG A NH1   1 
ATOM   283  N NH2   . ARG A 1 56  ? 8.044   7.103   10.630  1.00 20.42 ? 57  ARG A NH2   1 
ATOM   284  N N     . ALA A 1 57  ? 5.774   11.053  16.288  1.00 22.99 ? 58  ALA A N     1 
ATOM   285  C CA    . ALA A 1 57  ? 6.678   12.172  16.023  1.00 22.88 ? 58  ALA A CA    1 
ATOM   286  C C     . ALA A 1 57  ? 7.625   11.838  14.879  1.00 22.60 ? 58  ALA A C     1 
ATOM   287  O O     . ALA A 1 57  ? 7.927   10.675  14.654  1.00 21.08 ? 58  ALA A O     1 
ATOM   288  C CB    . ALA A 1 57  ? 7.471   12.527  17.278  1.00 22.76 ? 58  ALA A CB    1 
ATOM   289  N N     . PRO A 1 58  ? 8.095   12.863  14.169  1.00 23.41 ? 59  PRO A N     1 
ATOM   290  C CA    . PRO A 1 58  ? 9.162   12.705  13.177  1.00 23.59 ? 59  PRO A CA    1 
ATOM   291  C C     . PRO A 1 58  ? 10.523  12.226  13.731  1.00 24.32 ? 59  PRO A C     1 
ATOM   292  O O     . PRO A 1 58  ? 10.947  12.566  14.853  1.00 24.25 ? 59  PRO A O     1 
ATOM   293  C CB    . PRO A 1 58  ? 9.330   14.121  12.574  1.00 23.82 ? 59  PRO A CB    1 
ATOM   294  C CG    . PRO A 1 58  ? 8.491   15.059  13.357  1.00 23.73 ? 59  PRO A CG    1 
ATOM   295  C CD    . PRO A 1 58  ? 7.608   14.252  14.253  1.00 24.24 ? 59  PRO A CD    1 
ATOM   296  N N     . ARG A 1 59  ? 11.199  11.423  12.911  1.00 24.81 ? 60  ARG A N     1 
ATOM   297  C CA    . ARG A 1 59  ? 12.585  11.037  13.134  1.00 24.81 ? 60  ARG A CA    1 
ATOM   298  C C     . ARG A 1 59  ? 13.405  12.091  12.385  1.00 25.10 ? 60  ARG A C     1 
ATOM   299  O O     . ARG A 1 59  ? 12.931  12.671  11.422  1.00 24.83 ? 60  ARG A O     1 
ATOM   300  C CB    . ARG A 1 59  ? 12.858  9.629   12.566  1.00 24.63 ? 60  ARG A CB    1 
ATOM   301  C CG    . ARG A 1 59  ? 11.954  8.495   13.137  1.00 24.18 ? 60  ARG A CG    1 
ATOM   302  C CD    . ARG A 1 59  ? 11.939  7.208   12.277  1.00 23.77 ? 60  ARG A CD    1 
ATOM   303  N NE    . ARG A 1 59  ? 11.010  6.174   12.756  1.00 22.25 ? 60  ARG A NE    1 
ATOM   304  C CZ    . ARG A 1 59  ? 10.499  5.192   12.002  1.00 23.83 ? 60  ARG A CZ    1 
ATOM   305  N NH1   . ARG A 1 59  ? 10.800  5.076   10.709  1.00 22.96 ? 60  ARG A NH1   1 
ATOM   306  N NH2   . ARG A 1 59  ? 9.659   4.315   12.537  1.00 23.79 ? 60  ARG A NH2   1 
ATOM   307  N N     . PRO A 1 60  ? 14.585  12.411  12.879  1.00 25.51 ? 61  PRO A N     1 
ATOM   308  C CA    . PRO A 1 60  ? 15.543  13.222  12.126  1.00 26.02 ? 61  PRO A CA    1 
ATOM   309  C C     . PRO A 1 60  ? 15.768  12.734  10.688  1.00 26.61 ? 61  PRO A C     1 
ATOM   310  O O     . PRO A 1 60  ? 15.899  11.531  10.431  1.00 27.60 ? 61  PRO A O     1 
ATOM   311  C CB    . PRO A 1 60  ? 16.806  13.096  12.973  1.00 26.16 ? 61  PRO A CB    1 
ATOM   312  C CG    . PRO A 1 60  ? 16.279  13.038  14.338  1.00 25.13 ? 61  PRO A CG    1 
ATOM   313  C CD    . PRO A 1 60  ? 15.062  12.137  14.251  1.00 25.20 ? 61  PRO A CD    1 
ATOM   314  N N     . GLY A 1 61  ? 15.747  13.666  9.746   1.00 25.96 ? 62  GLY A N     1 
ATOM   315  C CA    . GLY A 1 61  ? 15.760  13.296  8.353   1.00 26.28 ? 62  GLY A CA    1 
ATOM   316  C C     . GLY A 1 61  ? 14.377  13.248  7.725   1.00 26.21 ? 62  GLY A C     1 
ATOM   317  O O     . GLY A 1 61  ? 14.284  13.275  6.511   1.00 25.72 ? 62  GLY A O     1 
ATOM   318  N N     . GLU A 1 62  ? 13.306  13.174  8.517   1.00 26.09 ? 63  GLU A N     1 
ATOM   319  C CA    . GLU A 1 62  ? 11.951  13.097  7.927   1.00 26.36 ? 63  GLU A CA    1 
ATOM   320  C C     . GLU A 1 62  ? 11.439  14.520  7.725   1.00 26.40 ? 63  GLU A C     1 
ATOM   321  O O     . GLU A 1 62  ? 11.665  15.383  8.586   1.00 26.33 ? 63  GLU A O     1 
ATOM   322  C CB    . GLU A 1 62  ? 10.976  12.261  8.786   1.00 25.76 ? 63  GLU A CB    1 
ATOM   323  C CG    . GLU A 1 62  ? 11.295  10.767  8.792   1.00 26.74 ? 63  GLU A CG    1 
ATOM   324  C CD    . GLU A 1 62  ? 10.275  9.905   9.536   1.00 29.65 ? 63  GLU A CD    1 
ATOM   325  O OE1   . GLU A 1 62  ? 9.820   10.274  10.633  1.00 29.26 ? 63  GLU A OE1   1 
ATOM   326  O OE2   . GLU A 1 62  ? 9.939   8.825   9.033   1.00 31.44 ? 63  GLU A OE2   1 
ATOM   327  N N     . VAL A 1 63  ? 10.797  14.766  6.580   1.00 25.92 ? 64  VAL A N     1 
ATOM   328  C CA    . VAL A 1 63  ? 10.301  16.091  6.231   1.00 25.92 ? 64  VAL A CA    1 
ATOM   329  C C     . VAL A 1 63  ? 8.771   16.027  6.166   1.00 26.03 ? 64  VAL A C     1 
ATOM   330  O O     . VAL A 1 63  ? 8.213   15.202  5.446   1.00 25.85 ? 64  VAL A O     1 
ATOM   331  C CB    . VAL A 1 63  ? 10.941  16.587  4.925   1.00 26.20 ? 64  VAL A CB    1 
ATOM   332  C CG1   . VAL A 1 63  ? 10.385  17.939  4.506   1.00 27.73 ? 64  VAL A CG1   1 
ATOM   333  C CG2   . VAL A 1 63  ? 12.482  16.673  5.075   1.00 25.37 ? 64  VAL A CG2   1 
ATOM   334  N N     . ASP A 1 64  ? 8.100   16.826  7.002   1.00 25.68 ? 65  ASP A N     1 
ATOM   335  C CA    . ASP A 1 64  ? 6.642   16.971  6.953   1.00 25.34 ? 65  ASP A CA    1 
ATOM   336  C C     . ASP A 1 64  ? 6.204   17.283  5.510   1.00 24.22 ? 65  ASP A C     1 
ATOM   337  O O     . ASP A 1 64  ? 6.860   18.059  4.826   1.00 23.66 ? 65  ASP A O     1 
ATOM   338  C CB    . ASP A 1 64  ? 6.194   18.084  7.915   1.00 25.98 ? 65  ASP A CB    1 
ATOM   339  C CG    . ASP A 1 64  ? 4.669   18.155  8.104   1.00 28.09 ? 65  ASP A CG    1 
ATOM   340  O OD1   . ASP A 1 64  ? 3.964   17.135  8.194   1.00 28.63 ? 65  ASP A OD1   1 
ATOM   341  O OD2   . ASP A 1 64  ? 4.082   19.240  8.196   1.00 34.20 ? 65  ASP A OD2   1 
ATOM   342  N N     . GLY A 1 65  ? 5.127   16.637  5.058   1.00 22.85 ? 66  GLY A N     1 
ATOM   343  C CA    . GLY A 1 65  ? 4.634   16.767  3.696   1.00 22.47 ? 66  GLY A CA    1 
ATOM   344  C C     . GLY A 1 65  ? 5.309   15.874  2.659   1.00 21.94 ? 66  GLY A C     1 
ATOM   345  O O     . GLY A 1 65  ? 4.797   15.740  1.546   1.00 20.75 ? 66  GLY A O     1 
ATOM   346  N N     . VAL A 1 66  ? 6.460   15.288  3.013   1.00 21.87 ? 67  VAL A N     1 
ATOM   347  C CA    . VAL A 1 66  ? 7.205   14.360  2.139   1.00 22.22 ? 67  VAL A CA    1 
ATOM   348  C C     . VAL A 1 66  ? 7.181   12.925  2.695   1.00 22.50 ? 67  VAL A C     1 
ATOM   349  O O     . VAL A 1 66  ? 6.671   12.044  2.039   1.00 22.09 ? 67  VAL A O     1 
ATOM   350  C CB    . VAL A 1 66  ? 8.651   14.813  1.924   1.00 22.47 ? 67  VAL A CB    1 
ATOM   351  C CG1   . VAL A 1 66  ? 9.471   13.763  1.093   1.00 22.88 ? 67  VAL A CG1   1 
ATOM   352  C CG2   . VAL A 1 66  ? 8.669   16.184  1.243   1.00 23.16 ? 67  VAL A CG2   1 
ATOM   353  N N     . ASP A 1 67  ? 7.727   12.687  3.893   1.00 23.21 ? 68  ASP A N     1 
ATOM   354  C CA    . ASP A 1 67  ? 7.700   11.334  4.464   1.00 23.55 ? 68  ASP A CA    1 
ATOM   355  C C     . ASP A 1 67  ? 6.366   10.995  5.067   1.00 23.43 ? 68  ASP A C     1 
ATOM   356  O O     . ASP A 1 67  ? 5.857   9.931   4.836   1.00 23.41 ? 68  ASP A O     1 
ATOM   357  C CB    . ASP A 1 67  ? 8.825   11.149  5.458   1.00 23.46 ? 68  ASP A CB    1 
ATOM   358  C CG    . ASP A 1 67  ? 10.174  11.261  4.794   1.00 24.86 ? 68  ASP A CG    1 
ATOM   359  O OD1   . ASP A 1 67  ? 10.654  10.245  4.256   1.00 27.20 ? 68  ASP A OD1   1 
ATOM   360  O OD2   . ASP A 1 67  ? 10.801  12.329  4.697   1.00 27.09 ? 68  ASP A OD2   1 
ATOM   361  N N     . TYR A 1 68  ? 5.826   11.906  5.861   1.00 24.51 ? 69  TYR A N     1 
ATOM   362  C CA    . TYR A 1 68  ? 4.469   11.823  6.405   1.00 25.08 ? 69  TYR A CA    1 
ATOM   363  C C     . TYR A 1 68  ? 3.915   13.247  6.551   1.00 25.29 ? 69  TYR A C     1 
ATOM   364  O O     . TYR A 1 68  ? 4.632   14.230  6.380   1.00 25.42 ? 69  TYR A O     1 
ATOM   365  C CB    . TYR A 1 68  ? 4.446   11.140  7.801   1.00 25.60 ? 69  TYR A CB    1 
ATOM   366  C CG    . TYR A 1 68  ? 4.619   9.624   7.807   1.00 26.52 ? 69  TYR A CG    1 
ATOM   367  C CD1   . TYR A 1 68  ? 3.516   8.764   7.819   1.00 26.93 ? 69  TYR A CD1   1 
ATOM   368  C CD2   . TYR A 1 68  ? 5.881   9.057   7.807   1.00 26.62 ? 69  TYR A CD2   1 
ATOM   369  C CE1   . TYR A 1 68  ? 3.682   7.364   7.822   1.00 27.54 ? 69  TYR A CE1   1 
ATOM   370  C CE2   . TYR A 1 68  ? 6.055   7.662   7.803   1.00 28.79 ? 69  TYR A CE2   1 
ATOM   371  C CZ    . TYR A 1 68  ? 4.957   6.826   7.819   1.00 29.13 ? 69  TYR A CZ    1 
ATOM   372  O OH    . TYR A 1 68  ? 5.157   5.457   7.850   1.00 29.89 ? 69  TYR A OH    1 
ATOM   373  N N     . HIS A 1 69  ? 2.621   13.340  6.851   1.00 25.06 ? 70  HIS A N     1 
ATOM   374  C CA    . HIS A 1 69  ? 2.009   14.563  7.322   1.00 24.13 ? 70  HIS A CA    1 
ATOM   375  C C     . HIS A 1 69  ? 1.897   14.321  8.829   1.00 23.85 ? 70  HIS A C     1 
ATOM   376  O O     . HIS A 1 69  ? 1.105   13.494  9.250   1.00 23.12 ? 70  HIS A O     1 
ATOM   377  C CB    . HIS A 1 69  ? 0.613   14.775  6.702   1.00 23.92 ? 70  HIS A CB    1 
ATOM   378  C CG    . HIS A 1 69  ? 0.626   15.236  5.275   1.00 21.27 ? 70  HIS A CG    1 
ATOM   379  N ND1   . HIS A 1 69  ? 0.980   16.518  4.897   1.00 20.82 ? 70  HIS A ND1   1 
ATOM   380  C CD2   . HIS A 1 69  ? 0.294   14.588  4.133   1.00 21.22 ? 70  HIS A CD2   1 
ATOM   381  C CE1   . HIS A 1 69  ? 0.883   16.630  3.580   1.00 20.72 ? 70  HIS A CE1   1 
ATOM   382  N NE2   . HIS A 1 69  ? 0.480   15.469  3.089   1.00 20.28 ? 70  HIS A NE2   1 
ATOM   383  N N     . PHE A 1 70  ? 2.706   15.023  9.616   1.00 23.68 ? 71  PHE A N     1 
ATOM   384  C CA    . PHE A 1 70  ? 2.789   14.797  11.036  1.00 25.24 ? 71  PHE A CA    1 
ATOM   385  C C     . PHE A 1 70  ? 1.738   15.649  11.741  1.00 26.29 ? 71  PHE A C     1 
ATOM   386  O O     . PHE A 1 70  ? 1.822   16.887  11.769  1.00 26.06 ? 71  PHE A O     1 
ATOM   387  C CB    . PHE A 1 70  ? 4.210   15.077  11.552  1.00 25.06 ? 71  PHE A CB    1 
ATOM   388  C CG    . PHE A 1 70  ? 5.252   14.152  10.969  1.00 24.94 ? 71  PHE A CG    1 
ATOM   389  C CD1   . PHE A 1 70  ? 5.404   12.863  11.452  1.00 25.49 ? 71  PHE A CD1   1 
ATOM   390  C CD2   . PHE A 1 70  ? 6.064   14.562  9.924   1.00 25.92 ? 71  PHE A CD2   1 
ATOM   391  C CE1   . PHE A 1 70  ? 6.350   12.007  10.905  1.00 23.89 ? 71  PHE A CE1   1 
ATOM   392  C CE2   . PHE A 1 70  ? 7.013   13.703  9.377   1.00 24.44 ? 71  PHE A CE2   1 
ATOM   393  C CZ    . PHE A 1 70  ? 7.160   12.435  9.877   1.00 24.05 ? 71  PHE A CZ    1 
ATOM   394  N N     . ILE A 1 71  ? 0.724   14.977  12.275  1.00 26.98 ? 72  ILE A N     1 
ATOM   395  C CA    . ILE A 1 71  ? -0.319  15.671  13.009  1.00 28.25 ? 72  ILE A CA    1 
ATOM   396  C C     . ILE A 1 71  ? -0.488  15.095  14.425  1.00 27.79 ? 72  ILE A C     1 
ATOM   397  O O     . ILE A 1 71  ? 0.074   14.062  14.779  1.00 27.54 ? 72  ILE A O     1 
ATOM   398  C CB    . ILE A 1 71  ? -1.639  15.654  12.183  1.00 28.70 ? 72  ILE A CB    1 
ATOM   399  C CG1   . ILE A 1 71  ? -2.210  14.253  12.086  1.00 29.55 ? 72  ILE A CG1   1 
ATOM   400  C CG2   . ILE A 1 71  ? -1.397  16.165  10.746  1.00 29.98 ? 72  ILE A CG2   1 
ATOM   401  C CD1   . ILE A 1 71  ? -3.457  14.209  11.219  1.00 31.41 ? 72  ILE A CD1   1 
ATOM   402  N N     . ASP A 1 72  ? -1.245  15.785  15.249  1.00 27.73 ? 73  ASP A N     1 
ATOM   403  C CA    . ASP A 1 72  ? -1.337  15.380  16.646  1.00 27.63 ? 73  ASP A CA    1 
ATOM   404  C C     . ASP A 1 72  ? -2.636  14.595  16.873  1.00 27.38 ? 73  ASP A C     1 
ATOM   405  O O     . ASP A 1 72  ? -3.537  14.660  16.030  1.00 27.83 ? 73  ASP A O     1 
ATOM   406  C CB    . ASP A 1 72  ? -1.089  16.582  17.587  1.00 27.34 ? 73  ASP A CB    1 
ATOM   407  C CG    . ASP A 1 72  ? -2.305  17.479  17.783  1.00 26.79 ? 73  ASP A CG    1 
ATOM   408  O OD1   . ASP A 1 72  ? -3.439  17.091  17.439  1.00 23.84 ? 73  ASP A OD1   1 
ATOM   409  O OD2   . ASP A 1 72  ? -2.205  18.604  18.329  1.00 25.53 ? 73  ASP A OD2   1 
ATOM   410  N N     . PRO A 1 73  ? -2.698  13.792  17.935  1.00 27.05 ? 74  PRO A N     1 
ATOM   411  C CA    . PRO A 1 73  ? -3.837  12.891  18.149  1.00 27.09 ? 74  PRO A CA    1 
ATOM   412  C C     . PRO A 1 73  ? -5.221  13.557  18.061  1.00 27.11 ? 74  PRO A C     1 
ATOM   413  O O     . PRO A 1 73  ? -6.103  12.984  17.415  1.00 26.83 ? 74  PRO A O     1 
ATOM   414  C CB    . PRO A 1 73  ? -3.573  12.326  19.554  1.00 27.65 ? 74  PRO A CB    1 
ATOM   415  C CG    . PRO A 1 73  ? -2.068  12.401  19.705  1.00 27.45 ? 74  PRO A CG    1 
ATOM   416  C CD    . PRO A 1 73  ? -1.669  13.643  18.984  1.00 27.03 ? 74  PRO A CD    1 
ATOM   417  N N     . THR A 1 74  ? -5.401  14.714  18.707  1.00 27.21 ? 75  THR A N     1 
ATOM   418  C CA    . THR A 1 74  ? -6.641  15.492  18.620  1.00 27.28 ? 75  THR A CA    1 
ATOM   419  C C     . THR A 1 74  ? -7.067  15.780  17.165  1.00 27.27 ? 75  THR A C     1 
ATOM   420  O O     . THR A 1 74  ? -8.179  15.448  16.786  1.00 27.17 ? 75  THR A O     1 
ATOM   421  C CB    . THR A 1 74  ? -6.507  16.812  19.404  1.00 27.64 ? 75  THR A CB    1 
ATOM   422  O OG1   . THR A 1 74  ? -6.347  16.546  20.805  1.00 28.18 ? 75  THR A OG1   1 
ATOM   423  C CG2   . THR A 1 74  ? -7.811  17.641  19.344  1.00 27.66 ? 75  THR A CG2   1 
ATOM   424  N N     . ARG A 1 75  ? -6.179  16.368  16.352  1.00 27.27 ? 76  ARG A N     1 
ATOM   425  C CA    . ARG A 1 75  ? -6.503  16.703  14.955  1.00 27.06 ? 76  ARG A CA    1 
ATOM   426  C C     . ARG A 1 75  ? -6.833  15.467  14.133  1.00 26.15 ? 76  ARG A C     1 
ATOM   427  O O     . ARG A 1 75  ? -7.717  15.508  13.289  1.00 26.31 ? 76  ARG A O     1 
ATOM   428  C CB    . ARG A 1 75  ? -5.386  17.511  14.264  1.00 27.28 ? 76  ARG A CB    1 
ATOM   429  C CG    . ARG A 1 75  ? -5.915  18.590  13.259  1.00 29.88 ? 76  ARG A CG    1 
ATOM   430  C CD    . ARG A 1 75  ? -5.364  20.062  13.475  1.00 31.38 ? 76  ARG A CD    1 
ATOM   431  N NE    . ARG A 1 75  ? -6.173  20.901  14.381  1.00 33.25 ? 76  ARG A NE    1 
ATOM   432  C CZ    . ARG A 1 75  ? -6.038  22.234  14.554  1.00 33.16 ? 76  ARG A CZ    1 
ATOM   433  N NH1   . ARG A 1 75  ? -5.118  22.942  13.892  1.00 33.40 ? 76  ARG A NH1   1 
ATOM   434  N NH2   . ARG A 1 75  ? -6.837  22.870  15.405  1.00 33.20 ? 76  ARG A NH2   1 
ATOM   435  N N     . PHE A 1 76  ? -6.141  14.364  14.401  1.00 25.20 ? 77  PHE A N     1 
ATOM   436  C CA    . PHE A 1 76  ? -6.367  13.125  13.673  1.00 24.28 ? 77  PHE A CA    1 
ATOM   437  C C     . PHE A 1 76  ? -7.775  12.601  13.922  1.00 23.64 ? 77  PHE A C     1 
ATOM   438  O O     . PHE A 1 76  ? -8.413  12.121  13.007  1.00 23.25 ? 77  PHE A O     1 
ATOM   439  C CB    . PHE A 1 76  ? -5.294  12.067  14.022  1.00 24.11 ? 77  PHE A CB    1 
ATOM   440  C CG    . PHE A 1 76  ? -5.184  10.933  13.001  1.00 23.59 ? 77  PHE A CG    1 
ATOM   441  C CD1   . PHE A 1 76  ? -4.200  10.940  12.022  1.00 22.47 ? 77  PHE A CD1   1 
ATOM   442  C CD2   . PHE A 1 76  ? -6.061  9.852   13.037  1.00 24.20 ? 77  PHE A CD2   1 
ATOM   443  C CE1   . PHE A 1 76  ? -4.100  9.894   11.086  1.00 21.98 ? 77  PHE A CE1   1 
ATOM   444  C CE2   . PHE A 1 76  ? -5.966  8.811   12.113  1.00 23.68 ? 77  PHE A CE2   1 
ATOM   445  C CZ    . PHE A 1 76  ? -4.975  8.836   11.139  1.00 24.26 ? 77  PHE A CZ    1 
ATOM   446  N N     . GLN A 1 77  ? -8.264  12.716  15.151  1.00 23.90 ? 78  GLN A N     1 
ATOM   447  C CA    . GLN A 1 77  ? -9.633  12.321  15.486  1.00 23.92 ? 78  GLN A CA    1 
ATOM   448  C C     . GLN A 1 77  ? -10.631 13.230  14.769  1.00 24.02 ? 78  GLN A C     1 
ATOM   449  O O     . GLN A 1 77  ? -11.661 12.744  14.318  1.00 24.35 ? 78  GLN A O     1 
ATOM   450  C CB    . GLN A 1 77  ? -9.865  12.297  17.020  1.00 24.18 ? 78  GLN A CB    1 
ATOM   451  C CG    . GLN A 1 77  ? -11.232 11.705  17.495  1.00 24.68 ? 78  GLN A CG    1 
ATOM   452  C CD    . GLN A 1 77  ? -11.430 10.209  17.150  1.00 26.42 ? 78  GLN A CD    1 
ATOM   453  O OE1   . GLN A 1 77  ? -10.717 9.356   17.667  1.00 26.09 ? 78  GLN A OE1   1 
ATOM   454  N NE2   . GLN A 1 77  ? -12.421 9.903   16.302  1.00 26.21 ? 78  GLN A NE2   1 
ATOM   455  N N     . GLN A 1 78  ? -10.327 14.522  14.631  1.00 23.99 ? 79  GLN A N     1 
ATOM   456  C CA    . GLN A 1 78  ? -11.189 15.414  13.845  1.00 24.74 ? 79  GLN A CA    1 
ATOM   457  C C     . GLN A 1 78  ? -11.305 14.865  12.429  1.00 24.95 ? 79  GLN A C     1 
ATOM   458  O O     . GLN A 1 78  ? -12.397 14.651  11.928  1.00 24.92 ? 79  GLN A O     1 
ATOM   459  C CB    . GLN A 1 78  ? -10.654 16.854  13.787  1.00 24.87 ? 79  GLN A CB    1 
ATOM   460  C CG    . GLN A 1 78  ? -10.695 17.640  15.111  1.00 26.29 ? 79  GLN A CG    1 
ATOM   461  C CD    . GLN A 1 78  ? -10.238 19.108  14.959  1.00 27.49 ? 79  GLN A CD    1 
ATOM   462  O OE1   . GLN A 1 78  ? -9.314  19.412  14.188  1.00 27.22 ? 79  GLN A OE1   1 
ATOM   463  N NE2   . GLN A 1 78  ? -10.890 20.007  15.687  1.00 26.89 ? 79  GLN A NE2   1 
ATOM   464  N N     . LEU A 1 79  ? -10.170 14.618  11.792  1.00 25.39 ? 80  LEU A N     1 
ATOM   465  C CA    . LEU A 1 79  ? -10.164 14.095  10.418  1.00 26.01 ? 80  LEU A CA    1 
ATOM   466  C C     . LEU A 1 79  ? -11.014 12.823  10.261  1.00 26.19 ? 80  LEU A C     1 
ATOM   467  O O     . LEU A 1 79  ? -11.804 12.719  9.316   1.00 26.03 ? 80  LEU A O     1 
ATOM   468  C CB    . LEU A 1 79  ? -8.731  13.874  9.925   1.00 25.83 ? 80  LEU A CB    1 
ATOM   469  C CG    . LEU A 1 79  ? -7.952  15.194  9.819   1.00 27.21 ? 80  LEU A CG    1 
ATOM   470  C CD1   . LEU A 1 79  ? -6.452  14.958  9.637   1.00 30.09 ? 80  LEU A CD1   1 
ATOM   471  C CD2   . LEU A 1 79  ? -8.494  16.050  8.686   1.00 28.29 ? 80  LEU A CD2   1 
ATOM   472  N N     . ILE A 1 80  ? -10.901 11.897  11.216  1.00 26.18 ? 81  ILE A N     1 
ATOM   473  C CA    . ILE A 1 80  ? -11.705 10.674  11.200  1.00 26.25 ? 81  ILE A CA    1 
ATOM   474  C C     . ILE A 1 80  ? -13.205 11.003  11.141  1.00 26.00 ? 81  ILE A C     1 
ATOM   475  O O     . ILE A 1 80  ? -13.927 10.525  10.255  1.00 26.18 ? 81  ILE A O     1 
ATOM   476  C CB    . ILE A 1 80  ? -11.393 9.791   12.447  1.00 26.61 ? 81  ILE A CB    1 
ATOM   477  C CG1   . ILE A 1 80  ? -9.982  9.181   12.343  1.00 26.76 ? 81  ILE A CG1   1 
ATOM   478  C CG2   . ILE A 1 80  ? -12.444 8.676   12.603  1.00 26.48 ? 81  ILE A CG2   1 
ATOM   479  C CD1   . ILE A 1 80  ? -9.404  8.668   13.684  1.00 26.76 ? 81  ILE A CD1   1 
ATOM   480  N N     . ASP A 1 81  ? -13.649 11.832  12.079  1.00 25.40 ? 82  ASP A N     1 
ATOM   481  C CA    . ASP A 1 81  ? -15.066 12.181  12.249  1.00 25.29 ? 82  ASP A CA    1 
ATOM   482  C C     . ASP A 1 81  ? -15.686 12.941  11.076  1.00 25.05 ? 82  ASP A C     1 
ATOM   483  O O     . ASP A 1 81  ? -16.883 12.817  10.824  1.00 24.96 ? 82  ASP A O     1 
ATOM   484  C CB    . ASP A 1 81  ? -15.234 13.012  13.524  1.00 25.00 ? 82  ASP A CB    1 
ATOM   485  C CG    . ASP A 1 81  ? -14.973 12.209  14.786  1.00 25.59 ? 82  ASP A CG    1 
ATOM   486  O OD1   . ASP A 1 81  ? -14.950 10.954  14.701  1.00 24.89 ? 82  ASP A OD1   1 
ATOM   487  O OD2   . ASP A 1 81  ? -14.811 12.751  15.917  1.00 28.12 ? 82  ASP A OD2   1 
ATOM   488  N N     . GLN A 1 82  ? -14.868 13.717  10.371  1.00 25.15 ? 83  GLN A N     1 
ATOM   489  C CA    . GLN A 1 82  ? -15.304 14.524  9.229   1.00 25.30 ? 83  GLN A CA    1 
ATOM   490  C C     . GLN A 1 82  ? -15.268 13.766  7.880   1.00 25.09 ? 83  GLN A C     1 
ATOM   491  O O     . GLN A 1 82  ? -15.608 14.339  6.848   1.00 25.50 ? 83  GLN A O     1 
ATOM   492  C CB    . GLN A 1 82  ? -14.421 15.780  9.092   1.00 25.34 ? 83  GLN A CB    1 
ATOM   493  C CG    . GLN A 1 82  ? -14.490 16.804  10.238  1.00 25.43 ? 83  GLN A CG    1 
ATOM   494  C CD    . GLN A 1 82  ? -13.529 17.994  10.019  1.00 26.07 ? 83  GLN A CD    1 
ATOM   495  O OE1   . GLN A 1 82  ? -13.777 19.097  10.503  1.00 25.83 ? 83  GLN A OE1   1 
ATOM   496  N NE2   . GLN A 1 82  ? -12.446 17.766  9.285   1.00 25.97 ? 83  GLN A NE2   1 
ATOM   497  N N     . GLY A 1 83  ? -14.861 12.500  7.879   1.00 25.07 ? 84  GLY A N     1 
ATOM   498  C CA    . GLY A 1 83  ? -14.770 11.711  6.648   1.00 25.05 ? 84  GLY A CA    1 
ATOM   499  C C     . GLY A 1 83  ? -13.617 12.086  5.727   1.00 24.75 ? 84  GLY A C     1 
ATOM   500  O O     . GLY A 1 83  ? -13.738 12.037  4.504   1.00 24.62 ? 84  GLY A O     1 
ATOM   501  N N     . GLU A 1 84  ? -12.488 12.450  6.320   1.00 24.21 ? 85  GLU A N     1 
ATOM   502  C CA    . GLU A 1 84  ? -11.372 12.997  5.571   1.00 24.21 ? 85  GLU A CA    1 
ATOM   503  C C     . GLU A 1 84  ? -10.230 11.982  5.382   1.00 23.71 ? 85  GLU A C     1 
ATOM   504  O O     . GLU A 1 84  ? -9.197  12.315  4.826   1.00 23.10 ? 85  GLU A O     1 
ATOM   505  C CB    . GLU A 1 84  ? -10.850 14.254  6.268   1.00 24.21 ? 85  GLU A CB    1 
ATOM   506  C CG    . GLU A 1 84  ? -11.779 15.451  6.140   1.00 26.51 ? 85  GLU A CG    1 
ATOM   507  C CD    . GLU A 1 84  ? -11.612 16.212  4.839   1.00 28.31 ? 85  GLU A CD    1 
ATOM   508  O OE1   . GLU A 1 84  ? -11.110 15.635  3.852   1.00 31.66 ? 85  GLU A OE1   1 
ATOM   509  O OE2   . GLU A 1 84  ? -11.996 17.391  4.808   1.00 30.19 ? 85  GLU A OE2   1 
ATOM   510  N N     . LEU A 1 85  ? -10.421 10.768  5.875   1.00 23.18 ? 86  LEU A N     1 
ATOM   511  C CA    . LEU A 1 85  ? -9.473  9.691   5.671   1.00 23.40 ? 86  LEU A CA    1 
ATOM   512  C C     . LEU A 1 85  ? -10.163 8.634   4.790   1.00 23.38 ? 86  LEU A C     1 
ATOM   513  O O     . LEU A 1 85  ? -11.278 8.204   5.075   1.00 22.38 ? 86  LEU A O     1 
ATOM   514  C CB    . LEU A 1 85  ? -9.067  9.050   6.999   1.00 23.30 ? 86  LEU A CB    1 
ATOM   515  C CG    . LEU A 1 85  ? -7.948  9.571   7.915   1.00 23.43 ? 86  LEU A CG    1 
ATOM   516  C CD1   . LEU A 1 85  ? -6.697  9.958   7.158   1.00 25.82 ? 86  LEU A CD1   1 
ATOM   517  C CD2   . LEU A 1 85  ? -8.406  10.699  8.755   1.00 24.32 ? 86  LEU A CD2   1 
ATOM   518  N N     . LEU A 1 86  ? -9.491  8.232   3.718   1.00 23.56 ? 87  LEU A N     1 
ATOM   519  C CA    . LEU A 1 86  ? -9.919  7.067   2.922   1.00 23.45 ? 87  LEU A CA    1 
ATOM   520  C C     . LEU A 1 86  ? -9.781  5.766   3.747   1.00 23.65 ? 87  LEU A C     1 
ATOM   521  O O     . LEU A 1 86  ? -10.594 4.849   3.643   1.00 24.05 ? 87  LEU A O     1 
ATOM   522  C CB    . LEU A 1 86  ? -9.087  6.996   1.645   1.00 23.14 ? 87  LEU A CB    1 
ATOM   523  C CG    . LEU A 1 86  ? -9.201  8.230   0.742   1.00 22.63 ? 87  LEU A CG    1 
ATOM   524  C CD1   . LEU A 1 86  ? -8.216  8.161   -0.390  1.00 21.69 ? 87  LEU A CD1   1 
ATOM   525  C CD2   . LEU A 1 86  ? -10.621 8.398   0.193   1.00 22.12 ? 87  LEU A CD2   1 
ATOM   526  N N     . GLU A 1 87  ? -8.738  5.717   4.572   1.00 23.60 ? 88  GLU A N     1 
ATOM   527  C CA    . GLU A 1 87  ? -8.522  4.626   5.512   1.00 23.51 ? 88  GLU A CA    1 
ATOM   528  C C     . GLU A 1 87  ? -7.576  5.083   6.610   1.00 23.13 ? 88  GLU A C     1 
ATOM   529  O O     . GLU A 1 87  ? -6.821  6.023   6.426   1.00 22.91 ? 88  GLU A O     1 
ATOM   530  C CB    . GLU A 1 87  ? -7.959  3.370   4.815   1.00 23.35 ? 88  GLU A CB    1 
ATOM   531  C CG    . GLU A 1 87  ? -6.593  3.514   4.149   1.00 23.81 ? 88  GLU A CG    1 
ATOM   532  C CD    . GLU A 1 87  ? -5.429  3.402   5.114   1.00 25.38 ? 88  GLU A CD    1 
ATOM   533  O OE1   . GLU A 1 87  ? -4.417  4.138   4.922   1.00 24.27 ? 88  GLU A OE1   1 
ATOM   534  O OE2   . GLU A 1 87  ? -5.524  2.590   6.076   1.00 26.49 ? 88  GLU A OE2   1 
ATOM   535  N N     . TRP A 1 88  ? -7.654  4.418   7.757   1.00 22.71 ? 89  TRP A N     1 
ATOM   536  C CA    . TRP A 1 88  ? -6.704  4.620   8.854   1.00 22.05 ? 89  TRP A CA    1 
ATOM   537  C C     . TRP A 1 88  ? -6.627  3.352   9.734   1.00 21.71 ? 89  TRP A C     1 
ATOM   538  O O     . TRP A 1 88  ? -7.543  2.485   9.704   1.00 21.43 ? 89  TRP A O     1 
ATOM   539  C CB    . TRP A 1 88  ? -7.115  5.829   9.706   1.00 22.18 ? 89  TRP A CB    1 
ATOM   540  C CG    . TRP A 1 88  ? -8.433  5.669   10.410  1.00 22.19 ? 89  TRP A CG    1 
ATOM   541  C CD1   . TRP A 1 88  ? -9.674  5.925   9.893   1.00 23.69 ? 89  TRP A CD1   1 
ATOM   542  C CD2   . TRP A 1 88  ? -8.653  5.229   11.764  1.00 24.45 ? 89  TRP A CD2   1 
ATOM   543  N NE1   . TRP A 1 88  ? -10.645 5.666   10.826  1.00 23.39 ? 89  TRP A NE1   1 
ATOM   544  C CE2   . TRP A 1 88  ? -10.051 5.238   11.985  1.00 23.75 ? 89  TRP A CE2   1 
ATOM   545  C CE3   . TRP A 1 88  ? -7.808  4.850   12.821  1.00 24.12 ? 89  TRP A CE3   1 
ATOM   546  C CZ2   . TRP A 1 88  ? -10.625 4.874   13.208  1.00 26.01 ? 89  TRP A CZ2   1 
ATOM   547  C CZ3   . TRP A 1 88  ? -8.385  4.471   14.038  1.00 26.46 ? 89  TRP A CZ3   1 
ATOM   548  C CH2   . TRP A 1 88  ? -9.781  4.496   14.218  1.00 26.97 ? 89  TRP A CH2   1 
ATOM   549  N N     . ALA A 1 89  ? -5.544  3.230   10.497  1.00 19.89 ? 90  ALA A N     1 
ATOM   550  C CA    . ALA A 1 89  ? -5.430  2.145   11.470  1.00 20.24 ? 90  ALA A CA    1 
ATOM   551  C C     . ALA A 1 89  ? -4.647  2.552   12.709  1.00 20.18 ? 90  ALA A C     1 
ATOM   552  O O     . ALA A 1 89  ? -3.945  3.548   12.700  1.00 19.16 ? 90  ALA A O     1 
ATOM   553  C CB    . ALA A 1 89  ? -4.776  0.888   10.814  1.00 19.91 ? 90  ALA A CB    1 
ATOM   554  N N     . GLU A 1 90  ? -4.797  1.742   13.757  1.00 21.00 ? 91  GLU A N     1 
ATOM   555  C CA    . GLU A 1 90  ? -4.001  1.803   14.960  1.00 21.50 ? 91  GLU A CA    1 
ATOM   556  C C     . GLU A 1 90  ? -2.725  1.031   14.663  1.00 21.47 ? 91  GLU A C     1 
ATOM   557  O O     . GLU A 1 90  ? -2.780  -0.113  14.166  1.00 20.93 ? 91  GLU A O     1 
ATOM   558  C CB    . GLU A 1 90  ? -4.711  1.109   16.160  1.00 22.33 ? 91  GLU A CB    1 
ATOM   559  C CG    . GLU A 1 90  ? -6.200  1.420   16.365  1.00 25.86 ? 91  GLU A CG    1 
ATOM   560  C CD    . GLU A 1 90  ? -6.494  2.678   17.200  1.00 28.62 ? 91  GLU A CD    1 
ATOM   561  O OE1   . GLU A 1 90  ? -5.583  3.521   17.381  1.00 31.60 ? 91  GLU A OE1   1 
ATOM   562  O OE2   . GLU A 1 90  ? -7.656  2.818   17.672  1.00 30.58 ? 91  GLU A OE2   1 
ATOM   563  N N     . ILE A 1 91  ? -1.589  1.641   15.012  1.00 20.88 ? 92  ILE A N     1 
ATOM   564  C CA    . ILE A 1 91  ? -0.274  1.057   14.809  1.00 21.09 ? 92  ILE A CA    1 
ATOM   565  C C     . ILE A 1 91  ? 0.347   0.620   16.141  1.00 21.73 ? 92  ILE A C     1 
ATOM   566  O O     . ILE A 1 91  ? 0.295   1.361   17.103  1.00 21.31 ? 92  ILE A O     1 
ATOM   567  C CB    . ILE A 1 91  ? 0.652   2.083   14.108  1.00 20.66 ? 92  ILE A CB    1 
ATOM   568  C CG1   . ILE A 1 91  ? -0.079  2.798   12.951  1.00 20.78 ? 92  ILE A CG1   1 
ATOM   569  C CG2   . ILE A 1 91  ? 1.905   1.385   13.595  1.00 20.56 ? 92  ILE A CG2   1 
ATOM   570  C CD1   . ILE A 1 91  ? -0.495  1.868   11.793  1.00 18.96 ? 92  ILE A CD1   1 
ATOM   571  N N     . HIS A 1 92  ? 0.945   -0.571  16.166  1.00 23.10 ? 93  HIS A N     1 
ATOM   572  C CA    . HIS A 1 92  ? 1.458   -1.209  17.394  1.00 25.02 ? 93  HIS A CA    1 
ATOM   573  C C     . HIS A 1 92  ? 0.448   -1.176  18.521  1.00 25.29 ? 93  HIS A C     1 
ATOM   574  O O     . HIS A 1 92  ? 0.751   -0.723  19.623  1.00 25.83 ? 93  HIS A O     1 
ATOM   575  C CB    . HIS A 1 92  ? 2.790   -0.591  17.854  1.00 25.54 ? 93  HIS A CB    1 
ATOM   576  C CG    . HIS A 1 92  ? 3.810   -0.508  16.766  1.00 29.70 ? 93  HIS A CG    1 
ATOM   577  N ND1   . HIS A 1 92  ? 4.725   0.520   16.675  1.00 34.33 ? 93  HIS A ND1   1 
ATOM   578  C CD2   . HIS A 1 92  ? 4.033   -1.307  15.693  1.00 33.67 ? 93  HIS A CD2   1 
ATOM   579  C CE1   . HIS A 1 92  ? 5.481   0.341   15.606  1.00 35.43 ? 93  HIS A CE1   1 
ATOM   580  N NE2   . HIS A 1 92  ? 5.074   -0.756  14.988  1.00 36.24 ? 93  HIS A NE2   1 
ATOM   581  N N     . GLY A 1 93  ? -0.754  -1.665  18.224  1.00 25.85 ? 94  GLY A N     1 
ATOM   582  C CA    . GLY A 1 93  ? -1.816  -1.793  19.206  1.00 25.79 ? 94  GLY A CA    1 
ATOM   583  C C     . GLY A 1 93  ? -2.307  -0.465  19.763  1.00 25.80 ? 94  GLY A C     1 
ATOM   584  O O     . GLY A 1 93  ? -2.807  -0.434  20.877  1.00 26.91 ? 94  GLY A O     1 
ATOM   585  N N     . GLY A 1 94  ? -2.155  0.619   19.007  1.00 25.42 ? 95  GLY A N     1 
ATOM   586  C CA    . GLY A 1 94  ? -2.601  1.941   19.422  1.00 25.10 ? 95  GLY A CA    1 
ATOM   587  C C     . GLY A 1 94  ? -1.593  2.863   20.113  1.00 24.73 ? 95  GLY A C     1 
ATOM   588  O O     . GLY A 1 94  ? -2.000  3.809   20.777  1.00 24.87 ? 95  GLY A O     1 
ATOM   589  N N     . LEU A 1 95  ? -0.293  2.610   19.966  1.00 24.18 ? 96  LEU A N     1 
ATOM   590  C CA    . LEU A 1 95  ? 0.720   3.617   20.288  1.00 23.79 ? 96  LEU A CA    1 
ATOM   591  C C     . LEU A 1 95  ? 0.442   4.924   19.520  1.00 23.25 ? 96  LEU A C     1 
ATOM   592  O O     . LEU A 1 95  ? 0.580   6.051   20.050  1.00 22.45 ? 96  LEU A O     1 
ATOM   593  C CB    . LEU A 1 95  ? 2.103   3.104   19.909  1.00 24.31 ? 96  LEU A CB    1 
ATOM   594  C CG    . LEU A 1 95  ? 3.247   4.079   20.231  1.00 25.97 ? 96  LEU A CG    1 
ATOM   595  C CD1   . LEU A 1 95  ? 3.356   4.295   21.748  1.00 26.33 ? 96  LEU A CD1   1 
ATOM   596  C CD2   . LEU A 1 95  ? 4.567   3.599   19.639  1.00 27.28 ? 96  LEU A CD2   1 
ATOM   597  N N     . HIS A 1 96  ? 0.055   4.762   18.260  1.00 22.02 ? 97  HIS A N     1 
ATOM   598  C CA    . HIS A 1 96  ? -0.349  5.891   17.444  1.00 21.19 ? 97  HIS A CA    1 
ATOM   599  C C     . HIS A 1 96  ? -1.203  5.411   16.268  1.00 21.25 ? 97  HIS A C     1 
ATOM   600  O O     . HIS A 1 96  ? -1.584  4.250   16.199  1.00 20.60 ? 97  HIS A O     1 
ATOM   601  C CB    . HIS A 1 96  ? 0.893   6.676   16.982  1.00 20.97 ? 97  HIS A CB    1 
ATOM   602  C CG    . HIS A 1 96  ? 1.776   5.928   16.022  1.00 19.33 ? 97  HIS A CG    1 
ATOM   603  N ND1   . HIS A 1 96  ? 1.601   5.977   14.655  1.00 19.20 ? 97  HIS A ND1   1 
ATOM   604  C CD2   . HIS A 1 96  ? 2.876   5.166   16.232  1.00 17.63 ? 97  HIS A CD2   1 
ATOM   605  C CE1   . HIS A 1 96  ? 2.527   5.235   14.068  1.00 20.76 ? 97  HIS A CE1   1 
ATOM   606  N NE2   . HIS A 1 96  ? 3.310   4.727   15.004  1.00 20.00 ? 97  HIS A NE2   1 
ATOM   607  N N     . ARG A 1 97  ? -1.532  6.328   15.368  1.00 21.60 ? 98  ARG A N     1 
ATOM   608  C CA    . ARG A 1 97  ? -2.372  6.027   14.206  1.00 21.97 ? 98  ARG A CA    1 
ATOM   609  C C     . ARG A 1 97  ? -1.696  6.541   12.946  1.00 21.48 ? 98  ARG A C     1 
ATOM   610  O O     . ARG A 1 97  ? -0.871  7.464   13.008  1.00 21.50 ? 98  ARG A O     1 
ATOM   611  C CB    . ARG A 1 97  ? -3.725  6.706   14.361  1.00 22.18 ? 98  ARG A CB    1 
ATOM   612  C CG    . ARG A 1 97  ? -4.572  6.094   15.453  1.00 24.09 ? 98  ARG A CG    1 
ATOM   613  C CD    . ARG A 1 97  ? -5.718  7.001   15.921  1.00 25.83 ? 98  ARG A CD    1 
ATOM   614  N NE    . ARG A 1 97  ? -6.715  6.272   16.687  1.00 26.09 ? 98  ARG A NE    1 
ATOM   615  C CZ    . ARG A 1 97  ? -7.818  6.821   17.201  1.00 28.77 ? 98  ARG A CZ    1 
ATOM   616  N NH1   . ARG A 1 97  ? -8.077  8.112   17.022  1.00 28.82 ? 98  ARG A NH1   1 
ATOM   617  N NH2   . ARG A 1 97  ? -8.670  6.071   17.904  1.00 28.61 ? 98  ARG A NH2   1 
ATOM   618  N N     . SER A 1 98  ? -2.015  5.907   11.820  1.00 21.78 ? 99  SER A N     1 
ATOM   619  C CA    . SER A 1 98  ? -1.571  6.338   10.499  1.00 21.19 ? 99  SER A CA    1 
ATOM   620  C C     . SER A 1 98  ? -2.731  6.132   9.535   1.00 21.70 ? 99  SER A C     1 
ATOM   621  O O     . SER A 1 98  ? -3.527  5.245   9.742   1.00 19.67 ? 99  SER A O     1 
ATOM   622  C CB    . SER A 1 98  ? -0.377  5.488   10.045  1.00 21.98 ? 99  SER A CB    1 
ATOM   623  O OG    . SER A 1 98  ? 0.843   5.878   10.682  1.00 23.35 ? 99  SER A OG    1 
ATOM   624  N N     . GLY A 1 99  ? -2.788  6.916   8.449   1.00 22.59 ? 100 GLY A N     1 
ATOM   625  C CA    . GLY A 1 99  ? -3.805  6.740   7.431   1.00 22.89 ? 100 GLY A CA    1 
ATOM   626  C C     . GLY A 1 99  ? -3.623  7.575   6.177   1.00 23.72 ? 100 GLY A C     1 
ATOM   627  O O     . GLY A 1 99  ? -2.732  8.433   6.063   1.00 24.67 ? 100 GLY A O     1 
ATOM   628  N N     . THR A 1 100 ? -4.494  7.306   5.217   1.00 24.00 ? 101 THR A N     1 
ATOM   629  C CA    . THR A 1 100 ? -4.506  7.976   3.916   1.00 23.78 ? 101 THR A CA    1 
ATOM   630  C C     . THR A 1 100 ? -5.555  9.073   3.902   1.00 23.38 ? 101 THR A C     1 
ATOM   631  O O     . THR A 1 100 ? -6.737  8.810   4.196   1.00 23.30 ? 101 THR A O     1 
ATOM   632  C CB    . THR A 1 100 ? -4.840  6.976   2.802   1.00 23.74 ? 101 THR A CB    1 
ATOM   633  O OG1   . THR A 1 100 ? -3.865  5.918   2.780   1.00 25.74 ? 101 THR A OG1   1 
ATOM   634  C CG2   . THR A 1 100 ? -4.690  7.631   1.429   1.00 22.61 ? 101 THR A CG2   1 
ATOM   635  N N     . LEU A 1 101 ? -5.112  10.285  3.560   1.00 23.15 ? 102 LEU A N     1 
ATOM   636  C CA    . LEU A 1 101 ? -5.968  11.470  3.503   1.00 23.16 ? 102 LEU A CA    1 
ATOM   637  C C     . LEU A 1 101 ? -6.629  11.546  2.130   1.00 23.02 ? 102 LEU A C     1 
ATOM   638  O O     . LEU A 1 101 ? -5.964  11.377  1.104   1.00 23.05 ? 102 LEU A O     1 
ATOM   639  C CB    . LEU A 1 101 ? -5.157  12.759  3.730   1.00 22.59 ? 102 LEU A CB    1 
ATOM   640  C CG    . LEU A 1 101 ? -4.641  13.050  5.127   1.00 23.40 ? 102 LEU A CG    1 
ATOM   641  C CD1   . LEU A 1 101 ? -3.576  14.117  5.062   1.00 24.40 ? 102 LEU A CD1   1 
ATOM   642  C CD2   . LEU A 1 101 ? -5.721  13.457  6.105   1.00 23.69 ? 102 LEU A CD2   1 
ATOM   643  N N     . ALA A 1 102 ? -7.922  11.836  2.113   1.00 22.34 ? 103 ALA A N     1 
ATOM   644  C CA    . ALA A 1 102 ? -8.685  11.873  0.869   1.00 22.81 ? 103 ALA A CA    1 
ATOM   645  C C     . ALA A 1 102 ? -8.297  13.035  -0.042  1.00 22.71 ? 103 ALA A C     1 
ATOM   646  O O     . ALA A 1 102 ? -8.197  12.870  -1.246  1.00 22.90 ? 103 ALA A O     1 
ATOM   647  C CB    . ALA A 1 102 ? -10.205 11.921  1.166   1.00 22.42 ? 103 ALA A CB    1 
ATOM   648  N N     . GLN A 1 103 ? -8.079  14.206  0.529   1.00 23.09 ? 104 GLN A N     1 
ATOM   649  C CA    . GLN A 1 103 ? -8.038  15.432  -0.256  1.00 23.56 ? 104 GLN A CA    1 
ATOM   650  C C     . GLN A 1 103 ? -6.818  15.564  -1.167  1.00 23.00 ? 104 GLN A C     1 
ATOM   651  O O     . GLN A 1 103 ? -6.962  15.928  -2.312  1.00 22.42 ? 104 GLN A O     1 
ATOM   652  C CB    . GLN A 1 103 ? -8.148  16.644  0.665   1.00 24.16 ? 104 GLN A CB    1 
ATOM   653  C CG    . GLN A 1 103 ? -9.566  17.097  0.874   1.00 27.97 ? 104 GLN A CG    1 
ATOM   654  C CD    . GLN A 1 103 ? -9.736  18.576  0.607   1.00 31.63 ? 104 GLN A CD    1 
ATOM   655  O OE1   . GLN A 1 103 ? -10.090 19.330  1.520   1.00 33.61 ? 104 GLN A OE1   1 
ATOM   656  N NE2   . GLN A 1 103 ? -9.469  19.005  -0.637  1.00 33.28 ? 104 GLN A NE2   1 
ATOM   657  N N     . PRO A 1 104 ? -5.618  15.280  -0.672  1.00 22.99 ? 105 PRO A N     1 
ATOM   658  C CA    . PRO A 1 104 ? -4.437  15.307  -1.531  1.00 23.14 ? 105 PRO A CA    1 
ATOM   659  C C     . PRO A 1 104 ? -4.581  14.391  -2.725  1.00 22.81 ? 105 PRO A C     1 
ATOM   660  O O     . PRO A 1 104 ? -4.174  14.730  -3.819  1.00 22.98 ? 105 PRO A O     1 
ATOM   661  C CB    . PRO A 1 104 ? -3.322  14.817  -0.611  1.00 23.40 ? 105 PRO A CB    1 
ATOM   662  C CG    . PRO A 1 104 ? -3.814  15.085  0.774   1.00 23.58 ? 105 PRO A CG    1 
ATOM   663  C CD    . PRO A 1 104 ? -5.281  14.940  0.721   1.00 23.10 ? 105 PRO A CD    1 
ATOM   664  N N     . VAL A 1 105 ? -5.169  13.227  -2.511  1.00 23.04 ? 106 VAL A N     1 
ATOM   665  C CA    . VAL A 1 105 ? -5.372  12.285  -3.578  1.00 22.88 ? 106 VAL A CA    1 
ATOM   666  C C     . VAL A 1 105 ? -6.355  12.839  -4.604  1.00 22.78 ? 106 VAL A C     1 
ATOM   667  O O     . VAL A 1 105 ? -6.129  12.744  -5.809  1.00 23.42 ? 106 VAL A O     1 
ATOM   668  C CB    . VAL A 1 105 ? -5.888  10.955  -3.031  1.00 23.12 ? 106 VAL A CB    1 
ATOM   669  C CG1   . VAL A 1 105 ? -6.334  9.988   -4.193  1.00 22.65 ? 106 VAL A CG1   1 
ATOM   670  C CG2   . VAL A 1 105 ? -4.815  10.319  -2.192  1.00 24.40 ? 106 VAL A CG2   1 
ATOM   671  N N     . ARG A 1 106 ? -7.457  13.403  -4.141  1.00 22.64 ? 107 ARG A N     1 
ATOM   672  C CA    . ARG A 1 106 ? -8.446  13.939  -5.077  1.00 22.86 ? 107 ARG A CA    1 
ATOM   673  C C     . ARG A 1 106 ? -7.905  15.147  -5.818  1.00 21.98 ? 107 ARG A C     1 
ATOM   674  O O     . ARG A 1 106 ? -8.192  15.320  -6.990  1.00 22.28 ? 107 ARG A O     1 
ATOM   675  C CB    . ARG A 1 106 ? -9.767  14.275  -4.369  1.00 23.11 ? 107 ARG A CB    1 
ATOM   676  C CG    . ARG A 1 106 ? -10.522 13.011  -3.935  1.00 24.66 ? 107 ARG A CG    1 
ATOM   677  C CD    . ARG A 1 106 ? -11.905 13.271  -3.373  1.00 29.51 ? 107 ARG A CD    1 
ATOM   678  N NE    . ARG A 1 106 ? -12.402 12.111  -2.622  1.00 31.78 ? 107 ARG A NE    1 
ATOM   679  C CZ    . ARG A 1 106 ? -13.073 11.080  -3.149  1.00 32.37 ? 107 ARG A CZ    1 
ATOM   680  N NH1   . ARG A 1 106 ? -13.367 11.034  -4.456  1.00 32.93 ? 107 ARG A NH1   1 
ATOM   681  N NH2   . ARG A 1 106 ? -13.463 10.087  -2.355  1.00 31.81 ? 107 ARG A NH2   1 
ATOM   682  N N     . ALA A 1 107 ? -7.111  15.974  -5.147  1.00 21.14 ? 108 ALA A N     1 
ATOM   683  C CA    . ALA A 1 107 ? -6.582  17.184  -5.786  1.00 20.99 ? 108 ALA A CA    1 
ATOM   684  C C     . ALA A 1 107 ? -5.532  16.877  -6.873  1.00 20.39 ? 108 ALA A C     1 
ATOM   685  O O     . ALA A 1 107 ? -5.545  17.481  -7.935  1.00 20.33 ? 108 ALA A O     1 
ATOM   686  C CB    . ALA A 1 107 ? -6.002  18.087  -4.752  1.00 21.44 ? 108 ALA A CB    1 
ATOM   687  N N     . ALA A 1 108 ? -4.624  15.958  -6.582  1.00 19.91 ? 109 ALA A N     1 
ATOM   688  C CA    . ALA A 1 108 ? -3.641  15.466  -7.556  1.00 20.44 ? 109 ALA A CA    1 
ATOM   689  C C     . ALA A 1 108 ? -4.288  14.866  -8.783  1.00 20.22 ? 109 ALA A C     1 
ATOM   690  O O     . ALA A 1 108 ? -3.958  15.237  -9.908  1.00 20.79 ? 109 ALA A O     1 
ATOM   691  C CB    . ALA A 1 108 ? -2.761  14.433  -6.928  1.00 21.00 ? 109 ALA A CB    1 
ATOM   692  N N     . ALA A 1 109 ? -5.222  13.950  -8.577  1.00 20.35 ? 110 ALA A N     1 
ATOM   693  C CA    . ALA A 1 109 ? -6.020  13.419  -9.700  1.00 20.72 ? 110 ALA A CA    1 
ATOM   694  C C     . ALA A 1 109 ? -6.759  14.491  -10.505 1.00 20.57 ? 110 ALA A C     1 
ATOM   695  O O     . ALA A 1 109 ? -6.752  14.419  -11.712 1.00 20.99 ? 110 ALA A O     1 
ATOM   696  C CB    . ALA A 1 109 ? -7.007  12.336  -9.237  1.00 20.38 ? 110 ALA A CB    1 
ATOM   697  N N     . ALA A 1 110 ? -7.375  15.488  -9.865  1.00 21.49 ? 111 ALA A N     1 
ATOM   698  C CA    . ALA A 1 110 ? -8.091  16.570  -10.608 1.00 21.85 ? 111 ALA A CA    1 
ATOM   699  C C     . ALA A 1 110 ? -7.118  17.473  -11.389 1.00 22.16 ? 111 ALA A C     1 
ATOM   700  O O     . ALA A 1 110 ? -7.500  18.133  -12.354 1.00 21.94 ? 111 ALA A O     1 
ATOM   701  C CB    . ALA A 1 110 ? -8.955  17.461  -9.628  1.00 22.10 ? 111 ALA A CB    1 
ATOM   702  N N     . THR A 1 111 ? -5.861  17.506  -10.947 1.00 22.55 ? 112 THR A N     1 
ATOM   703  C CA    . THR A 1 111 ? -4.792  18.233  -11.643 1.00 22.70 ? 112 THR A CA    1 
ATOM   704  C C     . THR A 1 111 ? -4.233  17.426  -12.840 1.00 22.89 ? 112 THR A C     1 
ATOM   705  O O     . THR A 1 111 ? -3.460  17.929  -13.646 1.00 22.40 ? 112 THR A O     1 
ATOM   706  C CB    . THR A 1 111 ? -3.666  18.528  -10.626 1.00 22.67 ? 112 THR A CB    1 
ATOM   707  O OG1   . THR A 1 111 ? -4.188  19.290  -9.516  1.00 21.95 ? 112 THR A OG1   1 
ATOM   708  C CG2   . THR A 1 111 ? -2.560  19.380  -11.232 1.00 22.56 ? 112 THR A CG2   1 
ATOM   709  N N     . GLY A 1 112 ? -4.596  16.156  -12.931 1.00 23.67 ? 113 GLY A N     1 
ATOM   710  C CA    . GLY A 1 112 ? -4.101  15.296  -13.994 1.00 24.34 ? 113 GLY A CA    1 
ATOM   711  C C     . GLY A 1 112 ? -2.876  14.461  -13.591 1.00 25.15 ? 113 GLY A C     1 
ATOM   712  O O     . GLY A 1 112 ? -2.321  13.767  -14.417 1.00 25.56 ? 113 GLY A O     1 
ATOM   713  N N     . VAL A 1 113 ? -2.435  14.515  -12.343 1.00 25.66 ? 114 VAL A N     1 
ATOM   714  C CA    . VAL A 1 113 ? -1.264  13.721  -11.982 1.00 27.05 ? 114 VAL A CA    1 
ATOM   715  C C     . VAL A 1 113 ? -1.690  12.343  -11.461 1.00 26.81 ? 114 VAL A C     1 
ATOM   716  O O     . VAL A 1 113 ? -2.646  12.217  -10.717 1.00 28.01 ? 114 VAL A O     1 
ATOM   717  C CB    . VAL A 1 113 ? -0.196  14.500  -11.063 1.00 27.48 ? 114 VAL A CB    1 
ATOM   718  C CG1   . VAL A 1 113 ? -0.680  15.852  -10.609 1.00 28.40 ? 114 VAL A CG1   1 
ATOM   719  C CG2   . VAL A 1 113 ? 0.345   13.667  -9.915  1.00 27.33 ? 114 VAL A CG2   1 
ATOM   720  N N     . PRO A 1 114 ? -1.011  11.299  -11.904 1.00 26.39 ? 115 PRO A N     1 
ATOM   721  C CA    . PRO A 1 114 ? -1.345  9.946   -11.464 1.00 25.36 ? 115 PRO A CA    1 
ATOM   722  C C     . PRO A 1 114 ? -0.923  9.733   -10.007 1.00 24.67 ? 115 PRO A C     1 
ATOM   723  O O     . PRO A 1 114 ? 0.048   10.320  -9.530  1.00 23.51 ? 115 PRO A O     1 
ATOM   724  C CB    . PRO A 1 114 ? -0.553  9.045   -12.418 1.00 25.37 ? 115 PRO A CB    1 
ATOM   725  C CG    . PRO A 1 114 ? 0.550   9.906   -12.970 1.00 25.79 ? 115 PRO A CG    1 
ATOM   726  C CD    . PRO A 1 114 ? 0.123   11.332  -12.850 1.00 26.53 ? 115 PRO A CD    1 
ATOM   727  N N     . VAL A 1 115 ? -1.672  8.896   -9.315  1.00 23.70 ? 116 VAL A N     1 
ATOM   728  C CA    . VAL A 1 115 ? -1.476  8.693   -7.887  1.00 24.20 ? 116 VAL A CA    1 
ATOM   729  C C     . VAL A 1 115 ? -1.325  7.205   -7.569  1.00 23.45 ? 116 VAL A C     1 
ATOM   730  O O     . VAL A 1 115 ? -2.124  6.391   -8.027  1.00 23.94 ? 116 VAL A O     1 
ATOM   731  C CB    . VAL A 1 115 ? -2.683  9.290   -7.098  1.00 24.33 ? 116 VAL A CB    1 
ATOM   732  C CG1   . VAL A 1 115 ? -2.555  9.057   -5.621  1.00 24.02 ? 116 VAL A CG1   1 
ATOM   733  C CG2   . VAL A 1 115 ? -2.832  10.791  -7.413  1.00 24.59 ? 116 VAL A CG2   1 
ATOM   734  N N     . LEU A 1 116 ? -0.289  6.869   -6.814  1.00 22.72 ? 117 LEU A N     1 
ATOM   735  C CA    . LEU A 1 116 ? -0.099  5.524   -6.251  1.00 22.83 ? 117 LEU A CA    1 
ATOM   736  C C     . LEU A 1 116 ? -0.238  5.508   -4.713  1.00 22.05 ? 117 LEU A C     1 
ATOM   737  O O     . LEU A 1 116 ? 0.447   6.218   -4.009  1.00 21.24 ? 117 LEU A O     1 
ATOM   738  C CB    . LEU A 1 116 ? 1.323   4.988   -6.604  1.00 22.40 ? 117 LEU A CB    1 
ATOM   739  C CG    . LEU A 1 116 ? 1.758   3.570   -6.182  1.00 21.95 ? 117 LEU A CG    1 
ATOM   740  C CD1   . LEU A 1 116 ? 0.941   2.497   -6.851  1.00 23.14 ? 117 LEU A CD1   1 
ATOM   741  C CD2   . LEU A 1 116 ? 3.247   3.340   -6.548  1.00 24.41 ? 117 LEU A CD2   1 
ATOM   742  N N     . ILE A 1 117 ? -1.088  4.628   -4.217  1.00 22.85 ? 118 ILE A N     1 
ATOM   743  C CA    . ILE A 1 117 ? -1.208  4.348   -2.793  1.00 23.30 ? 118 ILE A CA    1 
ATOM   744  C C     . ILE A 1 117 ? -0.762  2.926   -2.523  1.00 23.98 ? 118 ILE A C     1 
ATOM   745  O O     . ILE A 1 117 ? -1.255  2.011   -3.129  1.00 24.95 ? 118 ILE A O     1 
ATOM   746  C CB    . ILE A 1 117 ? -2.679  4.510   -2.329  1.00 22.97 ? 118 ILE A CB    1 
ATOM   747  C CG1   . ILE A 1 117 ? -3.196  5.930   -2.641  1.00 21.96 ? 118 ILE A CG1   1 
ATOM   748  C CG2   . ILE A 1 117 ? -2.766  4.231   -0.825  1.00 21.85 ? 118 ILE A CG2   1 
ATOM   749  C CD1   . ILE A 1 117 ? -4.703  6.094   -2.597  1.00 23.58 ? 118 ILE A CD1   1 
ATOM   750  N N     . GLU A 1 118 ? 0.148   2.750   -1.590  1.00 25.41 ? 119 GLU A N     1 
ATOM   751  C CA    . GLU A 1 118 ? 0.613   1.441   -1.203  1.00 26.22 ? 119 GLU A CA    1 
ATOM   752  C C     . GLU A 1 118 ? 0.151   1.180   0.206   1.00 25.40 ? 119 GLU A C     1 
ATOM   753  O O     . GLU A 1 118 ? 0.526   1.927   1.109   1.00 26.02 ? 119 GLU A O     1 
ATOM   754  C CB    . GLU A 1 118 ? 2.147   1.412   -1.268  1.00 26.92 ? 119 GLU A CB    1 
ATOM   755  C CG    . GLU A 1 118 ? 2.741   0.017   -1.264  1.00 30.92 ? 119 GLU A CG    1 
ATOM   756  C CD    . GLU A 1 118 ? 3.699   -0.210  -0.117  1.00 37.49 ? 119 GLU A CD    1 
ATOM   757  O OE1   . GLU A 1 118 ? 4.940   -0.090  -0.336  1.00 44.60 ? 119 GLU A OE1   1 
ATOM   758  O OE2   . GLU A 1 118 ? 3.228   -0.511  1.001   1.00 39.73 ? 119 GLU A OE2   1 
ATOM   759  N N     . VAL A 1 119 ? -0.660  0.138   0.402   1.00 24.28 ? 120 VAL A N     1 
ATOM   760  C CA    . VAL A 1 119 ? -1.179  -0.195  1.735   1.00 23.76 ? 120 VAL A CA    1 
ATOM   761  C C     . VAL A 1 119 ? -1.285  -1.696  1.947   1.00 22.60 ? 120 VAL A C     1 
ATOM   762  O O     . VAL A 1 119 ? -1.287  -2.470  0.972   1.00 22.15 ? 120 VAL A O     1 
ATOM   763  C CB    . VAL A 1 119 ? -2.640  0.367   1.994   1.00 24.41 ? 120 VAL A CB    1 
ATOM   764  C CG1   . VAL A 1 119 ? -2.593  1.722   2.567   1.00 25.58 ? 120 VAL A CG1   1 
ATOM   765  C CG2   . VAL A 1 119 ? -3.489  0.324   0.761   1.00 24.67 ? 120 VAL A CG2   1 
ATOM   766  N N     . ASP A 1 120 ? -1.413  -2.085  3.216   1.00 20.80 ? 121 ASP A N     1 
ATOM   767  C CA    . ASP A 1 120 ? -1.813  -3.451  3.570   1.00 21.47 ? 121 ASP A CA    1 
ATOM   768  C C     . ASP A 1 120 ? -3.256  -3.763  3.118   1.00 21.25 ? 121 ASP A C     1 
ATOM   769  O O     . ASP A 1 120 ? -4.015  -2.876  2.753   1.00 21.00 ? 121 ASP A O     1 
ATOM   770  C CB    . ASP A 1 120 ? -1.553  -3.802  5.066   1.00 21.17 ? 121 ASP A CB    1 
ATOM   771  C CG    . ASP A 1 120 ? -2.444  -3.015  6.075   1.00 23.08 ? 121 ASP A CG    1 
ATOM   772  O OD1   . ASP A 1 120 ? -3.537  -2.524  5.721   1.00 23.63 ? 121 ASP A OD1   1 
ATOM   773  O OD2   . ASP A 1 120 ? -2.121  -2.853  7.278   1.00 24.16 ? 121 ASP A OD2   1 
ATOM   774  N N     . LEU A 1 121 ? -3.599  -5.040  3.132   1.00 21.46 ? 122 LEU A N     1 
ATOM   775  C CA    . LEU A 1 121 ? -4.847  -5.534  2.561   1.00 21.61 ? 122 LEU A CA    1 
ATOM   776  C C     . LEU A 1 121 ? -6.079  -4.910  3.197   1.00 21.46 ? 122 LEU A C     1 
ATOM   777  O O     . LEU A 1 121 ? -7.024  -4.611  2.489   1.00 21.59 ? 122 LEU A O     1 
ATOM   778  C CB    . LEU A 1 121 ? -4.912  -7.059  2.670   1.00 21.90 ? 122 LEU A CB    1 
ATOM   779  C CG    . LEU A 1 121 ? -3.862  -7.801  1.815   1.00 22.71 ? 122 LEU A CG    1 
ATOM   780  C CD1   . LEU A 1 121 ? -3.766  -9.253  2.264   1.00 22.76 ? 122 LEU A CD1   1 
ATOM   781  C CD2   . LEU A 1 121 ? -4.173  -7.750  0.347   1.00 22.73 ? 122 LEU A CD2   1 
ATOM   782  N N     . ALA A 1 122 ? -6.065  -4.708  4.510   1.00 20.85 ? 123 ALA A N     1 
ATOM   783  C CA    . ALA A 1 122 ? -7.197  -4.093  5.193   1.00 21.30 ? 123 ALA A CA    1 
ATOM   784  C C     . ALA A 1 122 ? -7.396  -2.626  4.748   1.00 21.22 ? 123 ALA A C     1 
ATOM   785  O O     . ALA A 1 122 ? -8.506  -2.205  4.527   1.00 21.29 ? 123 ALA A O     1 
ATOM   786  C CB    . ALA A 1 122 ? -7.036  -4.208  6.737   1.00 21.70 ? 123 ALA A CB    1 
ATOM   787  N N     . GLY A 1 123 ? -6.309  -1.876  4.588   1.00 21.42 ? 124 GLY A N     1 
ATOM   788  C CA    . GLY A 1 123 ? -6.341  -0.527  4.052   1.00 21.32 ? 124 GLY A CA    1 
ATOM   789  C C     . GLY A 1 123 ? -6.894  -0.448  2.636   1.00 22.12 ? 124 GLY A C     1 
ATOM   790  O O     . GLY A 1 123 ? -7.606  0.487   2.299   1.00 21.36 ? 124 GLY A O     1 
ATOM   791  N N     . ALA A 1 124 ? -6.579  -1.431  1.810   1.00 22.83 ? 125 ALA A N     1 
ATOM   792  C CA    . ALA A 1 124 ? -7.050  -1.449  0.438   1.00 24.07 ? 125 ALA A CA    1 
ATOM   793  C C     . ALA A 1 124 ? -8.554  -1.739  0.377   1.00 24.82 ? 125 ALA A C     1 
ATOM   794  O O     . ALA A 1 124 ? -9.263  -1.081  -0.381  1.00 25.16 ? 125 ALA A O     1 
ATOM   795  C CB    . ALA A 1 124 ? -6.291  -2.469  -0.370  1.00 24.44 ? 125 ALA A CB    1 
ATOM   796  N N     . ARG A 1 125 ? -9.022  -2.708  1.165   1.00 24.65 ? 126 ARG A N     1 
ATOM   797  C CA    . ARG A 1 125 ? -10.458 -2.965  1.324   1.00 25.42 ? 126 ARG A CA    1 
ATOM   798  C C     . ARG A 1 125 ? -11.210 -1.697  1.746   1.00 25.09 ? 126 ARG A C     1 
ATOM   799  O O     . ARG A 1 125 ? -12.220 -1.359  1.138   1.00 26.19 ? 126 ARG A O     1 
ATOM   800  C CB    . ARG A 1 125 ? -10.739 -4.080  2.337   1.00 25.33 ? 126 ARG A CB    1 
ATOM   801  C CG    . ARG A 1 125 ? -10.613 -5.485  1.760   1.00 28.68 ? 126 ARG A CG    1 
ATOM   802  C CD    . ARG A 1 125 ? -11.176 -6.624  2.677   1.00 31.67 ? 126 ARG A CD    1 
ATOM   803  N NE    . ARG A 1 125 ? -10.123 -7.549  3.112   1.00 34.05 ? 126 ARG A NE    1 
ATOM   804  C CZ    . ARG A 1 125 ? -9.456  -8.381  2.296   1.00 36.16 ? 126 ARG A CZ    1 
ATOM   805  N NH1   . ARG A 1 125 ? -9.768  -8.464  1.014   1.00 37.94 ? 126 ARG A NH1   1 
ATOM   806  N NH2   . ARG A 1 125 ? -8.492  -9.163  2.772   1.00 37.09 ? 126 ARG A NH2   1 
ATOM   807  N N     . ALA A 1 126 ? -10.716 -0.986  2.759   1.00 24.05 ? 127 ALA A N     1 
ATOM   808  C CA    . ALA A 1 126 ? -11.348 0.271   3.186   1.00 23.41 ? 127 ALA A CA    1 
ATOM   809  C C     . ALA A 1 126 ? -11.374 1.378   2.106   1.00 23.00 ? 127 ALA A C     1 
ATOM   810  O O     . ALA A 1 126 ? -12.391 2.018   1.919   1.00 21.50 ? 127 ALA A O     1 
ATOM   811  C CB    . ALA A 1 126 ? -10.720 0.781   4.500   1.00 23.47 ? 127 ALA A CB    1 
ATOM   812  N N     . ILE A 1 127 ? -10.279 1.565   1.362   1.00 23.81 ? 128 ILE A N     1 
ATOM   813  C CA    . ILE A 1 127 ? -10.238 2.539   0.269   1.00 24.21 ? 128 ILE A CA    1 
ATOM   814  C C     . ILE A 1 127 ? -11.249 2.245   -0.865  1.00 25.72 ? 128 ILE A C     1 
ATOM   815  O O     . ILE A 1 127 ? -11.780 3.181   -1.477  1.00 25.03 ? 128 ILE A O     1 
ATOM   816  C CB    . ILE A 1 127 ? -8.808  2.697   -0.310  1.00 24.57 ? 128 ILE A CB    1 
ATOM   817  C CG1   . ILE A 1 127 ? -7.885  3.343   0.708   1.00 22.77 ? 128 ILE A CG1   1 
ATOM   818  C CG2   . ILE A 1 127 ? -8.813  3.637   -1.569  1.00 25.34 ? 128 ILE A CG2   1 
ATOM   819  C CD1   . ILE A 1 127 ? -6.448  3.270   0.331   1.00 23.64 ? 128 ILE A CD1   1 
ATOM   820  N N     . LYS A 1 128 ? -11.564 0.976   -1.119  1.00 27.00 ? 129 LYS A N     1 
ATOM   821  C CA    . LYS A 1 128 ? -12.550 0.682   -2.159  1.00 28.68 ? 129 LYS A CA    1 
ATOM   822  C C     . LYS A 1 128 ? -13.923 1.211   -1.783  1.00 28.77 ? 129 LYS A C     1 
ATOM   823  O O     . LYS A 1 128 ? -14.684 1.579   -2.664  1.00 29.03 ? 129 LYS A O     1 
ATOM   824  C CB    . LYS A 1 128 ? -12.660 -0.818  -2.509  1.00 29.05 ? 129 LYS A CB    1 
ATOM   825  C CG    . LYS A 1 128 ? -13.369 -1.078  -3.880  1.00 30.86 ? 129 LYS A CG    1 
ATOM   826  C CD    . LYS A 1 128 ? -12.595 -0.407  -5.105  1.00 31.90 ? 129 LYS A CD    1 
ATOM   827  C CE    . LYS A 1 128 ? -13.273 -0.712  -6.475  1.00 32.24 ? 129 LYS A CE    1 
ATOM   828  N NZ    . LYS A 1 128 ? -12.646 -0.029  -7.672  1.00 31.52 ? 129 LYS A NZ    1 
ATOM   829  N N     . LYS A 1 129 ? -14.226 1.256   -0.486  1.00 28.92 ? 130 LYS A N     1 
ATOM   830  C CA    . LYS A 1 129 ? -15.517 1.767   -0.005  1.00 28.95 ? 130 LYS A CA    1 
ATOM   831  C C     . LYS A 1 129 ? -15.591 3.300   -0.088  1.00 28.22 ? 130 LYS A C     1 
ATOM   832  O O     . LYS A 1 129 ? -16.569 3.849   -0.574  1.00 28.40 ? 130 LYS A O     1 
ATOM   833  C CB    . LYS A 1 129 ? -15.808 1.270   1.425   1.00 29.33 ? 130 LYS A CB    1 
ATOM   834  C CG    . LYS A 1 129 ? -15.991 -0.267  1.525   1.00 31.74 ? 130 LYS A CG    1 
ATOM   835  C CD    . LYS A 1 129 ? -16.262 -0.781  2.971   1.00 34.04 ? 130 LYS A CD    1 
ATOM   836  C CE    . LYS A 1 129 ? -17.756 -0.956  3.292   1.00 36.67 ? 130 LYS A CE    1 
ATOM   837  N NZ    . LYS A 1 129 ? -18.168 -2.369  3.653   1.00 37.76 ? 130 LYS A NZ    1 
ATOM   838  N N     . THR A 1 130 ? -14.539 3.983   0.358   1.00 27.63 ? 131 THR A N     1 
ATOM   839  C CA    . THR A 1 130 ? -14.512 5.447   0.386   1.00 26.63 ? 131 THR A CA    1 
ATOM   840  C C     . THR A 1 130 ? -14.183 6.083   -0.960  1.00 26.37 ? 131 THR A C     1 
ATOM   841  O O     . THR A 1 130 ? -14.540 7.226   -1.181  1.00 25.32 ? 131 THR A O     1 
ATOM   842  C CB    . THR A 1 130 ? -13.521 5.973   1.467   1.00 26.87 ? 131 THR A CB    1 
ATOM   843  O OG1   . THR A 1 130 ? -12.235 5.334   1.345   1.00 26.08 ? 131 THR A OG1   1 
ATOM   844  C CG2   . THR A 1 130 ? -14.011 5.609   2.879   1.00 26.85 ? 131 THR A CG2   1 
ATOM   845  N N     . MET A 1 131 ? -13.474 5.372   -1.840  1.00 26.33 ? 132 MET A N     1 
ATOM   846  C CA    . MET A 1 131 ? -13.192 5.877   -3.200  1.00 26.41 ? 132 MET A CA    1 
ATOM   847  C C     . MET A 1 131 ? -13.284 4.756   -4.240  1.00 26.28 ? 132 MET A C     1 
ATOM   848  O O     . MET A 1 131 ? -12.249 4.232   -4.644  1.00 25.60 ? 132 MET A O     1 
ATOM   849  C CB    . MET A 1 131 ? -11.806 6.535   -3.248  1.00 26.32 ? 132 MET A CB    1 
ATOM   850  C CG    . MET A 1 131 ? -11.457 7.275   -4.543  1.00 26.51 ? 132 MET A CG    1 
ATOM   851  S SD    . MET A 1 131 ? -9.802  8.083   -4.427  1.00 27.83 ? 132 MET A SD    1 
ATOM   852  C CE    . MET A 1 131 ? -10.023 9.583   -5.502  1.00 31.95 ? 132 MET A CE    1 
ATOM   853  N N     . PRO A 1 132 ? -14.499 4.408   -4.673  1.00 25.87 ? 133 PRO A N     1 
ATOM   854  C CA    . PRO A 1 132 ? -14.711 3.245   -5.560  1.00 26.43 ? 133 PRO A CA    1 
ATOM   855  C C     . PRO A 1 132 ? -14.047 3.327   -6.944  1.00 26.97 ? 133 PRO A C     1 
ATOM   856  O O     . PRO A 1 132 ? -13.759 2.290   -7.560  1.00 27.08 ? 133 PRO A O     1 
ATOM   857  C CB    . PRO A 1 132 ? -16.251 3.162   -5.715  1.00 26.12 ? 133 PRO A CB    1 
ATOM   858  C CG    . PRO A 1 132 ? -16.841 4.123   -4.670  1.00 25.86 ? 133 PRO A CG    1 
ATOM   859  C CD    . PRO A 1 132 ? -15.758 5.121   -4.375  1.00 26.04 ? 133 PRO A CD    1 
ATOM   860  N N     . GLU A 1 133 ? -13.828 4.547   -7.426  1.00 27.64 ? 134 GLU A N     1 
ATOM   861  C CA    . GLU A 1 133 ? -13.148 4.800   -8.710  1.00 28.05 ? 134 GLU A CA    1 
ATOM   862  C C     . GLU A 1 133 ? -11.605 4.533   -8.653  1.00 27.54 ? 134 GLU A C     1 
ATOM   863  O O     . GLU A 1 133 ? -10.916 4.463   -9.675  1.00 26.97 ? 134 GLU A O     1 
ATOM   864  C CB    . GLU A 1 133 ? -13.481 6.231   -9.182  1.00 28.50 ? 134 GLU A CB    1 
ATOM   865  C CG    . GLU A 1 133 ? -12.795 7.359   -8.391  1.00 29.36 ? 134 GLU A CG    1 
ATOM   866  C CD    . GLU A 1 133 ? -13.630 7.979   -7.257  1.00 30.38 ? 134 GLU A CD    1 
ATOM   867  O OE1   . GLU A 1 133 ? -14.507 7.310   -6.650  1.00 28.61 ? 134 GLU A OE1   1 
ATOM   868  O OE2   . GLU A 1 133 ? -13.382 9.173   -6.941  1.00 32.46 ? 134 GLU A OE2   1 
ATOM   869  N N     . ALA A 1 134 ? -11.064 4.400   -7.448  1.00 27.27 ? 135 ALA A N     1 
ATOM   870  C CA    . ALA A 1 134 ? -9.701  3.878   -7.267  1.00 26.94 ? 135 ALA A CA    1 
ATOM   871  C C     . ALA A 1 134 ? -9.580  2.461   -7.858  1.00 26.30 ? 135 ALA A C     1 
ATOM   872  O O     . ALA A 1 134 ? -10.524 1.679   -7.762  1.00 26.66 ? 135 ALA A O     1 
ATOM   873  C CB    . ALA A 1 134 ? -9.345  3.870   -5.767  1.00 26.94 ? 135 ALA A CB    1 
ATOM   874  N N     . VAL A 1 135 ? -8.437  2.131   -8.469  1.00 25.98 ? 136 VAL A N     1 
ATOM   875  C CA    . VAL A 1 135 ? -8.180  0.774   -8.976  1.00 25.91 ? 136 VAL A CA    1 
ATOM   876  C C     . VAL A 1 135 ? -7.288  -0.002  -8.008  1.00 25.33 ? 136 VAL A C     1 
ATOM   877  O O     . VAL A 1 135 ? -6.149  0.408   -7.739  1.00 25.61 ? 136 VAL A O     1 
ATOM   878  C CB    . VAL A 1 135 ? -7.546  0.775   -10.391 1.00 26.44 ? 136 VAL A CB    1 
ATOM   879  C CG1   . VAL A 1 135 ? -7.387  -0.652  -10.924 1.00 27.34 ? 136 VAL A CG1   1 
ATOM   880  C CG2   . VAL A 1 135 ? -8.430  1.565   -11.384 1.00 27.53 ? 136 VAL A CG2   1 
ATOM   881  N N     . THR A 1 136 ? -7.815  -1.113  -7.485  1.00 24.35 ? 137 THR A N     1 
ATOM   882  C CA    . THR A 1 136 ? -7.083  -1.953  -6.543  1.00 24.36 ? 137 THR A CA    1 
ATOM   883  C C     . THR A 1 136 ? -6.359  -3.060  -7.278  1.00 23.87 ? 137 THR A C     1 
ATOM   884  O O     . THR A 1 136 ? -6.944  -3.741  -8.112  1.00 24.44 ? 137 THR A O     1 
ATOM   885  C CB    . THR A 1 136 ? -8.004  -2.576  -5.422  1.00 23.97 ? 137 THR A CB    1 
ATOM   886  O OG1   . THR A 1 136 ? -9.118  -3.225  -6.006  1.00 24.44 ? 137 THR A OG1   1 
ATOM   887  C CG2   . THR A 1 136 ? -8.621  -1.503  -4.500  1.00 24.20 ? 137 THR A CG2   1 
ATOM   888  N N     . VAL A 1 137 ? -5.085  -3.239  -6.938  1.00 23.18 ? 138 VAL A N     1 
ATOM   889  C CA    . VAL A 1 137 ? -4.229  -4.210  -7.587  1.00 23.14 ? 138 VAL A CA    1 
ATOM   890  C C     . VAL A 1 137 ? -3.583  -5.031  -6.504  1.00 22.48 ? 138 VAL A C     1 
ATOM   891  O O     . VAL A 1 137 ? -3.016  -4.471  -5.566  1.00 23.30 ? 138 VAL A O     1 
ATOM   892  C CB    . VAL A 1 137 ? -3.134  -3.506  -8.401  1.00 23.39 ? 138 VAL A CB    1 
ATOM   893  C CG1   . VAL A 1 137 ? -2.204  -4.530  -9.091  1.00 23.47 ? 138 VAL A CG1   1 
ATOM   894  C CG2   . VAL A 1 137 ? -3.758  -2.543  -9.396  1.00 22.97 ? 138 VAL A CG2   1 
ATOM   895  N N     . PHE A 1 138 ? -3.691  -6.350  -6.639  1.00 21.82 ? 139 PHE A N     1 
ATOM   896  C CA    . PHE A 1 138 ? -3.041  -7.333  -5.776  1.00 20.68 ? 139 PHE A CA    1 
ATOM   897  C C     . PHE A 1 138 ? -1.828  -7.864  -6.538  1.00 19.80 ? 139 PHE A C     1 
ATOM   898  O O     . PHE A 1 138 ? -1.962  -8.427  -7.615  1.00 19.77 ? 139 PHE A O     1 
ATOM   899  C CB    . PHE A 1 138 ? -4.023  -8.467  -5.517  1.00 20.40 ? 139 PHE A CB    1 
ATOM   900  C CG    . PHE A 1 138 ? -3.595  -9.485  -4.477  1.00 20.57 ? 139 PHE A CG    1 
ATOM   901  C CD1   . PHE A 1 138 ? -4.112  -9.436  -3.189  1.00 18.89 ? 139 PHE A CD1   1 
ATOM   902  C CD2   . PHE A 1 138 ? -2.746  -10.546 -4.809  1.00 20.84 ? 139 PHE A CD2   1 
ATOM   903  C CE1   . PHE A 1 138 ? -3.786  -10.413 -2.237  1.00 20.24 ? 139 PHE A CE1   1 
ATOM   904  C CE2   . PHE A 1 138 ? -2.396  -11.513 -3.844  1.00 20.18 ? 139 PHE A CE2   1 
ATOM   905  C CZ    . PHE A 1 138 ? -2.906  -11.440 -2.566  1.00 20.68 ? 139 PHE A CZ    1 
ATOM   906  N N     . LEU A 1 139 ? -0.658  -7.690  -5.950  1.00 19.18 ? 140 LEU A N     1 
ATOM   907  C CA    . LEU A 1 139 ? 0.596   -8.165  -6.494  1.00 19.13 ? 140 LEU A CA    1 
ATOM   908  C C     . LEU A 1 139 ? 0.834   -9.581  -5.943  1.00 19.45 ? 140 LEU A C     1 
ATOM   909  O O     . LEU A 1 139 ? 1.190   -9.730  -4.766  1.00 19.24 ? 140 LEU A O     1 
ATOM   910  C CB    . LEU A 1 139 ? 1.723   -7.212  -6.053  1.00 19.06 ? 140 LEU A CB    1 
ATOM   911  C CG    . LEU A 1 139 ? 3.105   -7.535  -6.616  1.00 19.32 ? 140 LEU A CG    1 
ATOM   912  C CD1   . LEU A 1 139 ? 3.114   -7.287  -8.130  1.00 20.24 ? 140 LEU A CD1   1 
ATOM   913  C CD2   . LEU A 1 139 ? 4.173   -6.721  -5.914  1.00 20.17 ? 140 LEU A CD2   1 
ATOM   914  N N     . ALA A 1 140 ? 0.578   -10.598 -6.776  1.00 19.75 ? 141 ALA A N     1 
ATOM   915  C CA    . ALA A 1 140 ? 0.685   -12.021 -6.406  1.00 19.77 ? 141 ALA A CA    1 
ATOM   916  C C     . ALA A 1 140 ? 2.031   -12.609 -6.744  1.00 20.25 ? 141 ALA A C     1 
ATOM   917  O O     . ALA A 1 140 ? 2.682   -12.186 -7.705  1.00 20.87 ? 141 ALA A O     1 
ATOM   918  C CB    . ALA A 1 140 ? -0.368  -12.831 -7.135  1.00 20.03 ? 141 ALA A CB    1 
ATOM   919  N N     . PRO A 1 141 ? 2.440   -13.642 -6.015  1.00 20.33 ? 142 PRO A N     1 
ATOM   920  C CA    . PRO A 1 141 ? 3.686   -14.330 -6.358  1.00 20.49 ? 142 PRO A CA    1 
ATOM   921  C C     . PRO A 1 141 ? 3.459   -15.220 -7.578  1.00 20.19 ? 142 PRO A C     1 
ATOM   922  O O     . PRO A 1 141 ? 2.322   -15.509 -7.893  1.00 19.40 ? 142 PRO A O     1 
ATOM   923  C CB    . PRO A 1 141 ? 3.982   -15.164 -5.112  1.00 20.34 ? 142 PRO A CB    1 
ATOM   924  C CG    . PRO A 1 141 ? 2.678   -15.458 -4.558  1.00 20.71 ? 142 PRO A CG    1 
ATOM   925  C CD    . PRO A 1 141 ? 1.786   -14.255 -4.854  1.00 20.10 ? 142 PRO A CD    1 
ATOM   926  N N     . PRO A 1 142 ? 4.511   -15.647 -8.259  1.00 21.26 ? 143 PRO A N     1 
ATOM   927  C CA    . PRO A 1 142 ? 4.322   -16.484 -9.452  1.00 22.03 ? 143 PRO A CA    1 
ATOM   928  C C     . PRO A 1 142 ? 3.878   -17.890 -9.080  1.00 22.90 ? 143 PRO A C     1 
ATOM   929  O O     . PRO A 1 142 ? 3.316   -18.609 -9.905  1.00 23.12 ? 143 PRO A O     1 
ATOM   930  C CB    . PRO A 1 142 ? 5.697   -16.471 -10.140 1.00 22.12 ? 143 PRO A CB    1 
ATOM   931  C CG    . PRO A 1 142 ? 6.708   -16.101 -9.046  1.00 22.38 ? 143 PRO A CG    1 
ATOM   932  C CD    . PRO A 1 142 ? 5.925   -15.348 -7.980  1.00 21.19 ? 143 PRO A CD    1 
ATOM   933  N N     . SER A 1 143 ? 4.133   -18.290 -7.840  1.00 23.31 ? 144 SER A N     1 
ATOM   934  C CA    . SER A 1 143 ? 3.587   -19.570 -7.348  1.00 24.24 ? 144 SER A CA    1 
ATOM   935  C C     . SER A 1 143 ? 3.629   -19.618 -5.837  1.00 23.56 ? 144 SER A C     1 
ATOM   936  O O     . SER A 1 143 ? 4.318   -18.824 -5.217  1.00 24.06 ? 144 SER A O     1 
ATOM   937  C CB    . SER A 1 143 ? 4.374   -20.780 -7.928  1.00 24.08 ? 144 SER A CB    1 
ATOM   938  O OG    . SER A 1 143 ? 5.759   -20.713 -7.557  1.00 24.56 ? 144 SER A OG    1 
ATOM   939  N N     . TRP A 1 144 ? 2.908   -20.569 -5.255  1.00 24.03 ? 145 TRP A N     1 
ATOM   940  C CA    . TRP A 1 144 ? 3.005   -20.835 -3.825  1.00 23.47 ? 145 TRP A CA    1 
ATOM   941  C C     . TRP A 1 144 ? 4.459   -21.177 -3.412  1.00 23.42 ? 145 TRP A C     1 
ATOM   942  O O     . TRP A 1 144 ? 4.969   -20.621 -2.446  1.00 21.72 ? 145 TRP A O     1 
ATOM   943  C CB    . TRP A 1 144 ? 2.073   -21.973 -3.405  1.00 23.35 ? 145 TRP A CB    1 
ATOM   944  C CG    . TRP A 1 144 ? 2.381   -22.372 -1.980  1.00 24.55 ? 145 TRP A CG    1 
ATOM   945  C CD1   . TRP A 1 144 ? 2.989   -23.523 -1.555  1.00 26.39 ? 145 TRP A CD1   1 
ATOM   946  C CD2   . TRP A 1 144 ? 2.167   -21.586 -0.813  1.00 25.50 ? 145 TRP A CD2   1 
ATOM   947  N NE1   . TRP A 1 144 ? 3.150   -23.499 -0.189  1.00 26.99 ? 145 TRP A NE1   1 
ATOM   948  C CE2   . TRP A 1 144 ? 2.638   -22.333 0.295   1.00 24.74 ? 145 TRP A CE2   1 
ATOM   949  C CE3   . TRP A 1 144 ? 1.591   -20.326 -0.577  1.00 25.14 ? 145 TRP A CE3   1 
ATOM   950  C CZ2   . TRP A 1 144 ? 2.568   -21.862 1.600   1.00 26.80 ? 145 TRP A CZ2   1 
ATOM   951  C CZ3   . TRP A 1 144 ? 1.511   -19.860 0.737   1.00 25.50 ? 145 TRP A CZ3   1 
ATOM   952  C CH2   . TRP A 1 144 ? 2.007   -20.612 1.799   1.00 27.09 ? 145 TRP A CH2   1 
ATOM   953  N N     . GLN A 1 145 ? 5.119   -22.075 -4.159  1.00 23.66 ? 146 GLN A N     1 
ATOM   954  C CA    . GLN A 1 145 ? 6.476   -22.530 -3.811  1.00 24.30 ? 146 GLN A CA    1 
ATOM   955  C C     . GLN A 1 145 ? 7.542   -21.397 -3.808  1.00 24.73 ? 146 GLN A C     1 
ATOM   956  O O     . GLN A 1 145 ? 8.449   -21.381 -2.972  1.00 23.39 ? 146 GLN A O     1 
ATOM   957  C CB    . GLN A 1 145 ? 6.908   -23.697 -4.735  1.00 25.45 ? 146 GLN A CB    1 
ATOM   958  C CG    . GLN A 1 145 ? 6.481   -25.069 -4.169  1.00 26.84 ? 146 GLN A CG    1 
ATOM   959  C CD    . GLN A 1 145 ? 6.637   -26.188 -5.162  1.00 29.59 ? 146 GLN A CD    1 
ATOM   960  O OE1   . GLN A 1 145 ? 7.502   -26.114 -6.033  1.00 33.56 ? 146 GLN A OE1   1 
ATOM   961  N NE2   . GLN A 1 145 ? 5.834   -27.257 -5.016  1.00 28.40 ? 146 GLN A NE2   1 
ATOM   962  N N     . ASP A 1 146 ? 7.386   -20.442 -4.723  1.00 25.49 ? 147 ASP A N     1 
ATOM   963  C CA    . ASP A 1 146 ? 8.154   -19.192 -4.753  1.00 26.31 ? 147 ASP A CA    1 
ATOM   964  C C     . ASP A 1 146 ? 7.997   -18.383 -3.442  1.00 26.34 ? 147 ASP A C     1 
ATOM   965  O O     . ASP A 1 146 ? 8.978   -18.071 -2.769  1.00 27.12 ? 147 ASP A O     1 
ATOM   966  C CB    . ASP A 1 146 ? 7.685   -18.411 -6.009  1.00 27.60 ? 147 ASP A CB    1 
ATOM   967  C CG    . ASP A 1 146 ? 8.477   -17.145 -6.293  1.00 29.16 ? 147 ASP A CG    1 
ATOM   968  O OD1   . ASP A 1 146 ? 9.322   -17.155 -7.217  1.00 33.23 ? 147 ASP A OD1   1 
ATOM   969  O OD2   . ASP A 1 146 ? 8.273   -16.061 -5.694  1.00 34.63 ? 147 ASP A OD2   1 
ATOM   970  N N     . LEU A 1 147 ? 6.768   -18.063 -3.057  1.00 26.45 ? 148 LEU A N     1 
ATOM   971  C CA    . LEU A 1 147 ? 6.503   -17.392 -1.772  1.00 25.83 ? 148 LEU A CA    1 
ATOM   972  C C     . LEU A 1 147 ? 7.021   -18.203 -0.554  1.00 25.48 ? 148 LEU A C     1 
ATOM   973  O O     . LEU A 1 147 ? 7.737   -17.663 0.289   1.00 24.53 ? 148 LEU A O     1 
ATOM   974  C CB    . LEU A 1 147 ? 5.008   -17.144 -1.631  1.00 26.23 ? 148 LEU A CB    1 
ATOM   975  C CG    . LEU A 1 147 ? 4.485   -16.292 -0.457  1.00 27.62 ? 148 LEU A CG    1 
ATOM   976  C CD1   . LEU A 1 147 ? 5.412   -15.112 -0.203  1.00 28.84 ? 148 LEU A CD1   1 
ATOM   977  C CD2   . LEU A 1 147 ? 3.089   -15.781 -0.741  1.00 27.99 ? 148 LEU A CD2   1 
ATOM   978  N N     . GLN A 1 148 ? 6.687   -19.492 -0.474  1.00 24.42 ? 149 GLN A N     1 
ATOM   979  C CA    . GLN A 1 148 ? 7.182   -20.329 0.627   1.00 24.35 ? 149 GLN A CA    1 
ATOM   980  C C     . GLN A 1 148 ? 8.711   -20.306 0.777   1.00 24.65 ? 149 GLN A C     1 
ATOM   981  O O     . GLN A 1 148 ? 9.205   -20.217 1.899   1.00 24.57 ? 149 GLN A O     1 
ATOM   982  C CB    . GLN A 1 148 ? 6.697   -21.773 0.490   1.00 24.26 ? 149 GLN A CB    1 
ATOM   983  C CG    . GLN A 1 148 ? 7.119   -22.727 1.637   1.00 23.76 ? 149 GLN A CG    1 
ATOM   984  C CD    . GLN A 1 148 ? 6.612   -24.135 1.416   1.00 22.89 ? 149 GLN A CD    1 
ATOM   985  O OE1   . GLN A 1 148 ? 5.570   -24.490 1.954   1.00 21.85 ? 149 GLN A OE1   1 
ATOM   986  N NE2   . GLN A 1 148 ? 7.313   -24.926 0.564   1.00 22.21 ? 149 GLN A NE2   1 
ATOM   987  N N     . ALA A 1 149 ? 9.455   -20.361 -0.326  1.00 24.47 ? 150 ALA A N     1 
ATOM   988  C CA    . ALA A 1 149 ? 10.920  -20.335 -0.239  1.00 24.95 ? 150 ALA A CA    1 
ATOM   989  C C     . ALA A 1 149 ? 11.416  -19.030 0.375   1.00 25.41 ? 150 ALA A C     1 
ATOM   990  O O     . ALA A 1 149 ? 12.343  -19.034 1.166   1.00 25.12 ? 150 ALA A O     1 
ATOM   991  C CB    . ALA A 1 149 ? 11.564  -20.545 -1.618  1.00 24.62 ? 150 ALA A CB    1 
ATOM   992  N N     . ARG A 1 150 ? 10.794  -17.922 -0.003  1.00 25.83 ? 151 ARG A N     1 
ATOM   993  C CA    . ARG A 1 150 ? 11.172  -16.619 0.533   1.00 26.80 ? 151 ARG A CA    1 
ATOM   994  C C     . ARG A 1 150 ? 10.852  -16.489 2.026   1.00 26.31 ? 151 ARG A C     1 
ATOM   995  O O     . ARG A 1 150 ? 11.613  -15.883 2.754   1.00 27.12 ? 151 ARG A O     1 
ATOM   996  C CB    . ARG A 1 150 ? 10.536  -15.486 -0.290  1.00 26.97 ? 151 ARG A CB    1 
ATOM   997  C CG    . ARG A 1 150 ? 11.308  -15.246 -1.583  1.00 29.35 ? 151 ARG A CG    1 
ATOM   998  C CD    . ARG A 1 150 ? 10.728  -14.195 -2.520  1.00 31.77 ? 151 ARG A CD    1 
ATOM   999  N NE    . ARG A 1 150 ? 9.464   -14.693 -3.045  1.00 35.02 ? 151 ARG A NE    1 
ATOM   1000 C CZ    . ARG A 1 150 ? 8.307   -14.051 -3.010  1.00 36.75 ? 151 ARG A CZ    1 
ATOM   1001 N NH1   . ARG A 1 150 ? 8.228   -12.832 -2.519  1.00 40.18 ? 151 ARG A NH1   1 
ATOM   1002 N NH2   . ARG A 1 150 ? 7.220   -14.628 -3.514  1.00 37.86 ? 151 ARG A NH2   1 
ATOM   1003 N N     . LEU A 1 151 ? 9.765   -17.098 2.486   1.00 25.93 ? 152 LEU A N     1 
ATOM   1004 C CA    . LEU A 1 151 ? 9.346   -17.010 3.894   1.00 25.68 ? 152 LEU A CA    1 
ATOM   1005 C C     . LEU A 1 151 ? 10.166  -17.919 4.822   1.00 25.33 ? 152 LEU A C     1 
ATOM   1006 O O     . LEU A 1 151 ? 10.337  -17.617 5.993   1.00 25.36 ? 152 LEU A O     1 
ATOM   1007 C CB    . LEU A 1 151 ? 7.852   -17.364 4.046   1.00 25.79 ? 152 LEU A CB    1 
ATOM   1008 C CG    . LEU A 1 151 ? 6.809   -16.464 3.384   1.00 26.72 ? 152 LEU A CG    1 
ATOM   1009 C CD1   . LEU A 1 151 ? 5.434   -17.074 3.575   1.00 29.41 ? 152 LEU A CD1   1 
ATOM   1010 C CD2   . LEU A 1 151 ? 6.853   -15.101 3.955   1.00 27.99 ? 152 LEU A CD2   1 
ATOM   1011 N N     . ILE A 1 152 ? 10.620  -19.059 4.313   1.00 24.80 ? 153 ILE A N     1 
ATOM   1012 C CA    . ILE A 1 152 ? 11.634  -19.845 4.995   1.00 24.77 ? 153 ILE A CA    1 
ATOM   1013 C C     . ILE A 1 152 ? 12.941  -19.079 5.003   1.00 24.59 ? 153 ILE A C     1 
ATOM   1014 O O     . ILE A 1 152 ? 13.616  -18.975 6.031   1.00 24.75 ? 153 ILE A O     1 
ATOM   1015 C CB    . ILE A 1 152 ? 11.786  -21.207 4.321   1.00 25.14 ? 153 ILE A CB    1 
ATOM   1016 C CG1   . ILE A 1 152 ? 10.473  -21.998 4.462   1.00 26.20 ? 153 ILE A CG1   1 
ATOM   1017 C CG2   . ILE A 1 152 ? 12.963  -21.988 4.914   1.00 24.07 ? 153 ILE A CG2   1 
ATOM   1018 C CD1   . ILE A 1 152 ? 10.405  -23.207 3.585   1.00 26.33 ? 153 ILE A CD1   1 
ATOM   1019 N N     . GLY A 1 153 ? 13.270  -18.489 3.861   1.00 24.14 ? 154 GLY A N     1 
ATOM   1020 C CA    . GLY A 1 153 ? 14.488  -17.703 3.733   1.00 23.37 ? 154 GLY A CA    1 
ATOM   1021 C C     . GLY A 1 153 ? 15.713  -18.498 4.153   1.00 22.41 ? 154 GLY A C     1 
ATOM   1022 O O     . GLY A 1 153 ? 15.876  -19.651 3.737   1.00 22.19 ? 154 GLY A O     1 
ATOM   1023 N N     . ARG A 1 154 ? 16.534  -17.879 4.998   1.00 21.46 ? 155 ARG A N     1 
ATOM   1024 C CA    . ARG A 1 154 ? 17.760  -18.453 5.533   1.00 21.07 ? 155 ARG A CA    1 
ATOM   1025 C C     . ARG A 1 154 ? 17.530  -19.396 6.721   1.00 21.15 ? 155 ARG A C     1 
ATOM   1026 O O     . ARG A 1 154 ? 18.469  -20.002 7.238   1.00 19.67 ? 155 ARG A O     1 
ATOM   1027 C CB    . ARG A 1 154 ? 18.699  -17.314 5.955   1.00 21.04 ? 155 ARG A CB    1 
ATOM   1028 C CG    . ARG A 1 154 ? 19.144  -16.418 4.786   1.00 21.58 ? 155 ARG A CG    1 
ATOM   1029 C CD    . ARG A 1 154 ? 20.162  -17.085 3.888   1.00 21.37 ? 155 ARG A CD    1 
ATOM   1030 N NE    . ARG A 1 154 ? 21.316  -17.514 4.667   1.00 23.25 ? 155 ARG A NE    1 
ATOM   1031 C CZ    . ARG A 1 154 ? 22.429  -16.799 4.857   1.00 23.43 ? 155 ARG A CZ    1 
ATOM   1032 N NH1   . ARG A 1 154 ? 22.572  -15.601 4.295   1.00 23.67 ? 155 ARG A NH1   1 
ATOM   1033 N NH2   . ARG A 1 154 ? 23.409  -17.299 5.599   1.00 21.84 ? 155 ARG A NH2   1 
ATOM   1034 N N     . GLY A 1 155 ? 16.281  -19.516 7.157   1.00 21.97 ? 156 GLY A N     1 
ATOM   1035 C CA    . GLY A 1 155 ? 15.936  -20.449 8.213   1.00 23.13 ? 156 GLY A CA    1 
ATOM   1036 C C     . GLY A 1 155 ? 16.427  -20.041 9.591   1.00 23.58 ? 156 GLY A C     1 
ATOM   1037 O O     . GLY A 1 155 ? 16.743  -20.896 10.402  1.00 24.53 ? 156 GLY A O     1 
ATOM   1038 N N     . THR A 1 156 ? 16.461  -18.736 9.859   1.00 24.50 ? 157 THR A N     1 
ATOM   1039 C CA    . THR A 1 156 ? 16.893  -18.190 11.146  1.00 25.00 ? 157 THR A CA    1 
ATOM   1040 C C     . THR A 1 156 ? 15.723  -17.973 12.136  1.00 25.46 ? 157 THR A C     1 
ATOM   1041 O O     . THR A 1 156 ? 15.921  -17.512 13.249  1.00 25.15 ? 157 THR A O     1 
ATOM   1042 C CB    . THR A 1 156 ? 17.670  -16.848 10.916  1.00 25.36 ? 157 THR A CB    1 
ATOM   1043 O OG1   . THR A 1 156 ? 16.860  -15.904 10.190  1.00 25.76 ? 157 THR A OG1   1 
ATOM   1044 C CG2   . THR A 1 156 ? 18.909  -17.067 10.005  1.00 26.24 ? 157 THR A CG2   1 
ATOM   1045 N N     . GLU A 1 157 ? 14.508  -18.297 11.709  1.00 26.28 ? 158 GLU A N     1 
ATOM   1046 C CA    . GLU A 1 157 ? 13.310  -18.164 12.529  1.00 26.87 ? 158 GLU A CA    1 
ATOM   1047 C C     . GLU A 1 157 ? 12.872  -19.578 12.984  1.00 26.25 ? 158 GLU A C     1 
ATOM   1048 O O     . GLU A 1 157 ? 13.177  -20.550 12.315  1.00 26.15 ? 158 GLU A O     1 
ATOM   1049 C CB    . GLU A 1 157 ? 12.219  -17.422 11.734  1.00 27.11 ? 158 GLU A CB    1 
ATOM   1050 C CG    . GLU A 1 157 ? 12.405  -15.902 11.779  1.00 31.29 ? 158 GLU A CG    1 
ATOM   1051 C CD    . GLU A 1 157 ? 11.758  -15.094 10.638  1.00 35.41 ? 158 GLU A CD    1 
ATOM   1052 O OE1   . GLU A 1 157 ? 10.989  -15.620 9.800   1.00 37.53 ? 158 GLU A OE1   1 
ATOM   1053 O OE2   . GLU A 1 157 ? 12.028  -13.869 10.586  1.00 39.83 ? 158 GLU A OE2   1 
ATOM   1054 N N     . THR A 1 158 ? 12.211  -19.677 14.139  1.00 25.61 ? 159 THR A N     1 
ATOM   1055 C CA    . THR A 1 158 ? 11.711  -20.957 14.672  1.00 24.93 ? 159 THR A CA    1 
ATOM   1056 C C     . THR A 1 158 ? 10.586  -21.520 13.808  1.00 24.96 ? 159 THR A C     1 
ATOM   1057 O O     . THR A 1 158 ? 9.941   -20.797 13.056  1.00 24.70 ? 159 THR A O     1 
ATOM   1058 C CB    . THR A 1 158 ? 11.143  -20.815 16.130  1.00 25.12 ? 159 THR A CB    1 
ATOM   1059 O OG1   . THR A 1 158 ? 10.004  -19.940 16.141  1.00 22.98 ? 159 THR A OG1   1 
ATOM   1060 C CG2   . THR A 1 158 ? 12.162  -20.165 17.143  1.00 25.38 ? 159 THR A CG2   1 
ATOM   1061 N N     . ALA A 1 159 ? 10.351  -22.817 13.961  1.00 24.74 ? 160 ALA A N     1 
ATOM   1062 C CA    . ALA A 1 159 ? 9.253   -23.526 13.313  1.00 24.42 ? 160 ALA A CA    1 
ATOM   1063 C C     . ALA A 1 159 ? 7.870   -22.883 13.543  1.00 23.97 ? 160 ALA A C     1 
ATOM   1064 O O     . ALA A 1 159 ? 7.086   -22.793 12.605  1.00 24.51 ? 160 ALA A O     1 
ATOM   1065 C CB    . ALA A 1 159 ? 9.236   -24.975 13.770  1.00 24.22 ? 160 ALA A CB    1 
ATOM   1066 N N     . ASP A 1 160 ? 7.582   -22.433 14.760  1.00 23.50 ? 161 ASP A N     1 
ATOM   1067 C CA    . ASP A 1 160 ? 6.274   -21.839 15.081  1.00 23.93 ? 161 ASP A CA    1 
ATOM   1068 C C     . ASP A 1 160 ? 6.064   -20.540 14.324  1.00 23.12 ? 161 ASP A C     1 
ATOM   1069 O O     . ASP A 1 160 ? 4.976   -20.296 13.825  1.00 22.44 ? 161 ASP A O     1 
ATOM   1070 C CB    . ASP A 1 160 ? 6.099   -21.572 16.601  1.00 24.17 ? 161 ASP A CB    1 
ATOM   1071 C CG    . ASP A 1 160 ? 5.794   -22.850 17.401  1.00 26.56 ? 161 ASP A CG    1 
ATOM   1072 O OD1   . ASP A 1 160 ? 5.601   -23.930 16.794  1.00 27.63 ? 161 ASP A OD1   1 
ATOM   1073 O OD2   . ASP A 1 160 ? 5.716   -22.868 18.655  1.00 30.61 ? 161 ASP A OD2   1 
ATOM   1074 N N     . VAL A 1 161 ? 7.107   -19.714 14.251  1.00 22.71 ? 162 VAL A N     1 
ATOM   1075 C CA    . VAL A 1 161 ? 7.034   -18.456 13.520  1.00 22.62 ? 162 VAL A CA    1 
ATOM   1076 C C     . VAL A 1 161 ? 6.860   -18.684 12.026  1.00 22.57 ? 162 VAL A C     1 
ATOM   1077 O O     . VAL A 1 161 ? 6.016   -18.068 11.409  1.00 21.92 ? 162 VAL A O     1 
ATOM   1078 C CB    . VAL A 1 161 ? 8.232   -17.516 13.846  1.00 22.90 ? 162 VAL A CB    1 
ATOM   1079 C CG1   . VAL A 1 161 ? 8.252   -16.287 12.947  1.00 22.91 ? 162 VAL A CG1   1 
ATOM   1080 C CG2   . VAL A 1 161 ? 8.155   -17.065 15.312  1.00 22.59 ? 162 VAL A CG2   1 
ATOM   1081 N N     . ILE A 1 162 ? 7.631   -19.601 11.457  1.00 23.40 ? 163 ILE A N     1 
ATOM   1082 C CA    . ILE A 1 162 ? 7.532   -19.911 10.025  1.00 23.40 ? 163 ILE A CA    1 
ATOM   1083 C C     . ILE A 1 162 ? 6.142   -20.454 9.677   1.00 23.17 ? 163 ILE A C     1 
ATOM   1084 O O     . ILE A 1 162 ? 5.587   -20.084 8.657   1.00 24.04 ? 163 ILE A O     1 
ATOM   1085 C CB    . ILE A 1 162 ? 8.632   -20.938 9.598   1.00 23.54 ? 163 ILE A CB    1 
ATOM   1086 C CG1   . ILE A 1 162 ? 10.021  -20.294 9.702   1.00 24.29 ? 163 ILE A CG1   1 
ATOM   1087 C CG2   . ILE A 1 162 ? 8.360   -21.461 8.180   1.00 23.25 ? 163 ILE A CG2   1 
ATOM   1088 C CD1   . ILE A 1 162 ? 11.160  -21.248 9.468   1.00 24.53 ? 163 ILE A CD1   1 
ATOM   1089 N N     . GLN A 1 163 ? 5.614   -21.357 10.496  1.00 22.70 ? 164 GLN A N     1 
ATOM   1090 C CA    . GLN A 1 163 ? 4.283   -21.937 10.282  1.00 22.47 ? 164 GLN A CA    1 
ATOM   1091 C C     . GLN A 1 163 ? 3.230   -20.868 10.278  1.00 22.13 ? 164 GLN A C     1 
ATOM   1092 O O     . GLN A 1 163 ? 2.367   -20.858 9.416   1.00 21.83 ? 164 GLN A O     1 
ATOM   1093 C CB    . GLN A 1 163 ? 3.923   -22.943 11.385  1.00 22.82 ? 164 GLN A CB    1 
ATOM   1094 C CG    . GLN A 1 163 ? 2.612   -23.736 11.129  1.00 24.46 ? 164 GLN A CG    1 
ATOM   1095 C CD    . GLN A 1 163 ? 2.659   -24.575 9.850   1.00 25.56 ? 164 GLN A CD    1 
ATOM   1096 O OE1   . GLN A 1 163 ? 3.037   -25.725 9.907   1.00 28.47 ? 164 GLN A OE1   1 
ATOM   1097 N NE2   . GLN A 1 163 ? 2.258   -23.994 8.702   1.00 28.66 ? 164 GLN A NE2   1 
ATOM   1098 N N     . ARG A 1 164 ? 3.301   -19.970 11.256  1.00 22.09 ? 165 ARG A N     1 
ATOM   1099 C CA    . ARG A 1 164 ? 2.392   -18.827 11.331  1.00 21.86 ? 165 ARG A CA    1 
ATOM   1100 C C     . ARG A 1 164 ? 2.452   -17.932 10.074  1.00 22.12 ? 165 ARG A C     1 
ATOM   1101 O O     . ARG A 1 164 ? 1.406   -17.485 9.603   1.00 21.22 ? 165 ARG A O     1 
ATOM   1102 C CB    . ARG A 1 164 ? 2.684   -17.999 12.585  1.00 22.32 ? 165 ARG A CB    1 
ATOM   1103 C CG    . ARG A 1 164 ? 1.806   -16.773 12.706  1.00 24.02 ? 165 ARG A CG    1 
ATOM   1104 C CD    . ARG A 1 164 ? 2.159   -15.884 13.838  1.00 27.45 ? 165 ARG A CD    1 
ATOM   1105 N NE    . ARG A 1 164 ? 1.332   -14.674 13.835  1.00 30.09 ? 165 ARG A NE    1 
ATOM   1106 C CZ    . ARG A 1 164 ? 0.883   -14.057 14.934  1.00 32.06 ? 165 ARG A CZ    1 
ATOM   1107 N NH1   . ARG A 1 164 ? 1.157   -14.539 16.151  1.00 33.51 ? 165 ARG A NH1   1 
ATOM   1108 N NH2   . ARG A 1 164 ? 0.141   -12.955 14.819  1.00 31.75 ? 165 ARG A NH2   1 
ATOM   1109 N N     . ARG A 1 165 ? 3.655   -17.658 9.557   1.00 22.00 ? 166 ARG A N     1 
ATOM   1110 C CA    . ARG A 1 165 ? 3.808   -16.884 8.317   1.00 23.43 ? 166 ARG A CA    1 
ATOM   1111 C C     . ARG A 1 165 ? 3.209   -17.653 7.100   1.00 23.55 ? 166 ARG A C     1 
ATOM   1112 O O     . ARG A 1 165 ? 2.583   -17.058 6.236   1.00 23.19 ? 166 ARG A O     1 
ATOM   1113 C CB    . ARG A 1 165 ? 5.301   -16.585 8.018   1.00 23.81 ? 166 ARG A CB    1 
ATOM   1114 C CG    . ARG A 1 165 ? 6.011   -15.622 8.938   1.00 25.88 ? 166 ARG A CG    1 
ATOM   1115 C CD    . ARG A 1 165 ? 7.418   -15.166 8.442   1.00 31.09 ? 166 ARG A CD    1 
ATOM   1116 N NE    . ARG A 1 165 ? 8.209   -14.493 9.502   1.00 36.17 ? 166 ARG A NE    1 
ATOM   1117 C CZ    . ARG A 1 165 ? 7.870   -13.343 10.125  1.00 40.09 ? 166 ARG A CZ    1 
ATOM   1118 N NH1   . ARG A 1 165 ? 6.760   -12.675 9.806   1.00 42.86 ? 166 ARG A NH1   1 
ATOM   1119 N NH2   . ARG A 1 165 ? 8.655   -12.844 11.080  1.00 40.39 ? 166 ARG A NH2   1 
ATOM   1120 N N     . LEU A 1 166 ? 3.408   -18.964 7.029   1.00 24.38 ? 167 LEU A N     1 
ATOM   1121 C CA    . LEU A 1 166 ? 2.819   -19.759 5.940   1.00 25.49 ? 167 LEU A CA    1 
ATOM   1122 C C     . LEU A 1 166 ? 1.296   -19.793 6.032   1.00 25.99 ? 167 LEU A C     1 
ATOM   1123 O O     . LEU A 1 166 ? 0.634   -19.647 5.021   1.00 27.64 ? 167 LEU A O     1 
ATOM   1124 C CB    . LEU A 1 166 ? 3.384   -21.167 5.898   1.00 26.09 ? 167 LEU A CB    1 
ATOM   1125 C CG    . LEU A 1 166 ? 4.902   -21.360 5.763   1.00 26.75 ? 167 LEU A CG    1 
ATOM   1126 C CD1   . LEU A 1 166 ? 5.244   -22.843 5.712   1.00 28.19 ? 167 LEU A CD1   1 
ATOM   1127 C CD2   . LEU A 1 166 ? 5.421   -20.701 4.537   1.00 27.08 ? 167 LEU A CD2   1 
ATOM   1128 N N     . ASP A 1 167 ? 0.740   -19.928 7.236   1.00 25.82 ? 168 ASP A N     1 
ATOM   1129 C CA    . ASP A 1 167 ? -0.705  -19.847 7.411   1.00 25.53 ? 168 ASP A CA    1 
ATOM   1130 C C     . ASP A 1 167 ? -1.242  -18.465 6.997   1.00 25.10 ? 168 ASP A C     1 
ATOM   1131 O O     . ASP A 1 167 ? -2.301  -18.351 6.390   1.00 24.63 ? 168 ASP A O     1 
ATOM   1132 C CB    . ASP A 1 167 ? -1.113  -20.079 8.869   1.00 25.57 ? 168 ASP A CB    1 
ATOM   1133 C CG    . ASP A 1 167 ? -1.016  -21.526 9.302   1.00 25.43 ? 168 ASP A CG    1 
ATOM   1134 O OD1   . ASP A 1 167 ? -1.122  -22.462 8.470   1.00 26.08 ? 168 ASP A OD1   1 
ATOM   1135 O OD2   . ASP A 1 167 ? -0.874  -21.800 10.503  1.00 25.68 ? 168 ASP A OD2   1 
ATOM   1136 N N     . THR A 1 168 ? -0.522  -17.422 7.353   1.00 24.31 ? 169 THR A N     1 
ATOM   1137 C CA    . THR A 1 168 ? -0.991  -16.058 7.096   1.00 24.65 ? 169 THR A CA    1 
ATOM   1138 C C     . THR A 1 168 ? -1.072  -15.814 5.575   1.00 24.59 ? 169 THR A C     1 
ATOM   1139 O O     . THR A 1 168 ? -2.056  -15.280 5.083   1.00 23.56 ? 169 THR A O     1 
ATOM   1140 C CB    . THR A 1 168 ? -0.036  -15.041 7.779   1.00 24.74 ? 169 THR A CB    1 
ATOM   1141 O OG1   . THR A 1 168 ? -0.051  -15.221 9.202   1.00 24.48 ? 169 THR A OG1   1 
ATOM   1142 C CG2   . THR A 1 168 ? -0.499  -13.576 7.571   1.00 26.26 ? 169 THR A CG2   1 
ATOM   1143 N N     . ALA A 1 169 ? -0.035  -16.252 4.857   1.00 24.67 ? 170 ALA A N     1 
ATOM   1144 C CA    . ALA A 1 169 ? 0.078   -16.081 3.418   1.00 24.57 ? 170 ALA A CA    1 
ATOM   1145 C C     . ALA A 1 169 ? -1.040  -16.802 2.689   1.00 24.74 ? 170 ALA A C     1 
ATOM   1146 O O     . ALA A 1 169 ? -1.570  -16.291 1.732   1.00 24.44 ? 170 ALA A O     1 
ATOM   1147 C CB    . ALA A 1 169 ? 1.447   -16.589 2.919   1.00 24.61 ? 170 ALA A CB    1 
ATOM   1148 N N     . ARG A 1 170 ? -1.398  -17.990 3.135   1.00 25.46 ? 171 ARG A N     1 
ATOM   1149 C CA    . ARG A 1 170 ? -2.477  -18.727 2.493   1.00 25.71 ? 171 ARG A CA    1 
ATOM   1150 C C     . ARG A 1 170 ? -3.836  -18.023 2.626   1.00 25.22 ? 171 ARG A C     1 
ATOM   1151 O O     . ARG A 1 170 ? -4.594  -17.925 1.659   1.00 24.47 ? 171 ARG A O     1 
ATOM   1152 C CB    . ARG A 1 170 ? -2.573  -20.120 3.069   1.00 26.66 ? 171 ARG A CB    1 
ATOM   1153 C CG    . ARG A 1 170 ? -1.557  -21.106 2.519   1.00 28.40 ? 171 ARG A CG    1 
ATOM   1154 C CD    . ARG A 1 170 ? -2.018  -22.548 2.619   1.00 30.62 ? 171 ARG A CD    1 
ATOM   1155 N NE    . ARG A 1 170 ? -0.977  -23.485 2.196   1.00 34.41 ? 171 ARG A NE    1 
ATOM   1156 C CZ    . ARG A 1 170 ? 0.015   -23.929 2.969   1.00 36.44 ? 171 ARG A CZ    1 
ATOM   1157 N NH1   . ARG A 1 170 ? 0.112   -23.556 4.248   1.00 36.63 ? 171 ARG A NH1   1 
ATOM   1158 N NH2   . ARG A 1 170 ? 0.919   -24.760 2.453   1.00 36.84 ? 171 ARG A NH2   1 
ATOM   1159 N N     . ILE A 1 171 ? -4.130  -17.516 3.822   1.00 24.81 ? 172 ILE A N     1 
ATOM   1160 C CA    . ILE A 1 171 ? -5.335  -16.726 4.049   1.00 23.94 ? 172 ILE A CA    1 
ATOM   1161 C C     . ILE A 1 171 ? -5.372  -15.487 3.138   1.00 24.45 ? 172 ILE A C     1 
ATOM   1162 O O     . ILE A 1 171 ? -6.394  -15.203 2.531   1.00 24.48 ? 172 ILE A O     1 
ATOM   1163 C CB    . ILE A 1 171 ? -5.428  -16.309 5.530   1.00 23.85 ? 172 ILE A CB    1 
ATOM   1164 C CG1   . ILE A 1 171 ? -5.697  -17.550 6.403   1.00 23.77 ? 172 ILE A CG1   1 
ATOM   1165 C CG2   . ILE A 1 171 ? -6.559  -15.249 5.744   1.00 23.20 ? 172 ILE A CG2   1 
ATOM   1166 C CD1   . ILE A 1 171 ? -5.182  -17.448 7.830   1.00 22.82 ? 172 ILE A CD1   1 
ATOM   1167 N N     . GLU A 1 172 ? -4.253  -14.768 3.044   1.00 24.39 ? 173 GLU A N     1 
ATOM   1168 C CA    . GLU A 1 172 ? -4.179  -13.523 2.297   1.00 24.98 ? 173 GLU A CA    1 
ATOM   1169 C C     . GLU A 1 172 ? -4.332  -13.806 0.773   1.00 25.67 ? 173 GLU A C     1 
ATOM   1170 O O     . GLU A 1 172 ? -5.053  -13.111 0.053   1.00 25.57 ? 173 GLU A O     1 
ATOM   1171 C CB    . GLU A 1 172 ? -2.833  -12.815 2.613   1.00 24.87 ? 173 GLU A CB    1 
ATOM   1172 C CG    . GLU A 1 172 ? -2.727  -12.213 4.019   1.00 24.96 ? 173 GLU A CG    1 
ATOM   1173 C CD    . GLU A 1 172 ? -1.373  -11.550 4.310   1.00 25.30 ? 173 GLU A CD    1 
ATOM   1174 O OE1   . GLU A 1 172 ? -0.430  -11.801 3.554   1.00 25.79 ? 173 GLU A OE1   1 
ATOM   1175 O OE2   . GLU A 1 172 ? -1.249  -10.766 5.296   1.00 26.28 ? 173 GLU A OE2   1 
ATOM   1176 N N     . LEU A 1 173 ? -3.642  -14.827 0.288   1.00 26.39 ? 174 LEU A N     1 
ATOM   1177 C CA    . LEU A 1 173 ? -3.755  -15.261 -1.117  1.00 27.27 ? 174 LEU A CA    1 
ATOM   1178 C C     . LEU A 1 173 ? -5.179  -15.685 -1.523  1.00 28.47 ? 174 LEU A C     1 
ATOM   1179 O O     . LEU A 1 173 ? -5.656  -15.322 -2.589  1.00 28.85 ? 174 LEU A O     1 
ATOM   1180 C CB    . LEU A 1 173 ? -2.806  -16.426 -1.347  1.00 27.13 ? 174 LEU A CB    1 
ATOM   1181 C CG    . LEU A 1 173 ? -1.327  -16.033 -1.375  1.00 26.28 ? 174 LEU A CG    1 
ATOM   1182 C CD1   . LEU A 1 173 ? -0.525  -17.327 -1.384  1.00 29.19 ? 174 LEU A CD1   1 
ATOM   1183 C CD2   . LEU A 1 173 ? -0.985  -15.202 -2.615  1.00 26.56 ? 174 LEU A CD2   1 
ATOM   1184 N N     . ALA A 1 174 ? -5.861  -16.407 -0.635  1.00 29.64 ? 175 ALA A N     1 
ATOM   1185 C CA    . ALA A 1 174 ? -7.233  -16.901 -0.861  1.00 30.82 ? 175 ALA A CA    1 
ATOM   1186 C C     . ALA A 1 174 ? -8.300  -15.832 -1.109  1.00 31.55 ? 175 ALA A C     1 
ATOM   1187 O O     . ALA A 1 174 ? -9.424  -16.171 -1.482  1.00 31.74 ? 175 ALA A O     1 
ATOM   1188 C CB    . ALA A 1 174 ? -7.693  -17.795 0.333   1.00 30.87 ? 175 ALA A CB    1 
ATOM   1189 N N     . ALA A 1 175 ? -7.968  -14.561 -0.895  1.00 32.07 ? 176 ALA A N     1 
ATOM   1190 C CA    . ALA A 1 175 ? -8.923  -13.493 -1.110  1.00 31.95 ? 176 ALA A CA    1 
ATOM   1191 C C     . ALA A 1 175 ? -8.379  -12.389 -2.026  1.00 31.94 ? 176 ALA A C     1 
ATOM   1192 O O     . ALA A 1 175 ? -8.749  -11.231 -1.908  1.00 32.50 ? 176 ALA A O     1 
ATOM   1193 C CB    . ALA A 1 175 ? -9.364  -12.940 0.232   1.00 32.99 ? 176 ALA A CB    1 
ATOM   1194 N N     . GLN A 1 176 ? -7.524  -12.770 -2.974  1.00 31.29 ? 177 GLN A N     1 
ATOM   1195 C CA    . GLN A 1 176 ? -7.122  -11.874 -4.056  1.00 30.54 ? 177 GLN A CA    1 
ATOM   1196 C C     . GLN A 1 176 ? -8.273  -11.570 -5.034  1.00 29.83 ? 177 GLN A C     1 
ATOM   1197 O O     . GLN A 1 176 ? -8.201  -10.624 -5.832  1.00 29.45 ? 177 GLN A O     1 
ATOM   1198 C CB    . GLN A 1 176 ? -5.903  -12.452 -4.808  1.00 30.66 ? 177 GLN A CB    1 
ATOM   1199 C CG    . GLN A 1 176 ? -6.116  -13.817 -5.427  1.00 30.13 ? 177 GLN A CG    1 
ATOM   1200 C CD    . GLN A 1 176 ? -4.844  -14.434 -5.995  1.00 30.41 ? 177 GLN A CD    1 
ATOM   1201 O OE1   . GLN A 1 176 ? -4.525  -14.223 -7.157  1.00 31.22 ? 177 GLN A OE1   1 
ATOM   1202 N NE2   . GLN A 1 176 ? -4.154  -15.243 -5.194  1.00 30.36 ? 177 GLN A NE2   1 
ATOM   1203 N N     . GLY A 1 177 ? -9.337  -12.361 -4.976  1.00 29.09 ? 178 GLY A N     1 
ATOM   1204 C CA    . GLY A 1 177 ? -10.517 -12.107 -5.791  1.00 28.39 ? 178 GLY A CA    1 
ATOM   1205 C C     . GLY A 1 177 ? -11.251 -10.813 -5.496  1.00 28.00 ? 178 GLY A C     1 
ATOM   1206 O O     . GLY A 1 177 ? -11.922 -10.293 -6.383  1.00 27.98 ? 178 GLY A O     1 
ATOM   1207 N N     . ASP A 1 178 ? -11.130 -10.279 -4.279  1.00 27.77 ? 179 ASP A N     1 
ATOM   1208 C CA    . ASP A 1 178 ? -11.811 -9.015  -3.926  1.00 28.22 ? 179 ASP A CA    1 
ATOM   1209 C C     . ASP A 1 178 ? -11.275 -7.791  -4.691  1.00 27.24 ? 179 ASP A C     1 
ATOM   1210 O O     . ASP A 1 178 ? -11.913 -6.753  -4.722  1.00 26.73 ? 179 ASP A O     1 
ATOM   1211 C CB    . ASP A 1 178 ? -11.742 -8.718  -2.407  1.00 28.79 ? 179 ASP A CB    1 
ATOM   1212 C CG    . ASP A 1 178 ? -12.088 -9.936  -1.534  1.00 31.88 ? 179 ASP A CG    1 
ATOM   1213 O OD1   . ASP A 1 178 ? -12.824 -10.838 -2.014  1.00 35.80 ? 179 ASP A OD1   1 
ATOM   1214 O OD2   . ASP A 1 178 ? -11.661 -10.081 -0.353  1.00 33.91 ? 179 ASP A OD2   1 
ATOM   1215 N N     . PHE A 1 179 ? -10.106 -7.925  -5.303  1.00 27.35 ? 180 PHE A N     1 
ATOM   1216 C CA    . PHE A 1 179 ? -9.427  -6.812  -5.975  1.00 27.43 ? 180 PHE A CA    1 
ATOM   1217 C C     . PHE A 1 179 ? -9.858  -6.699  -7.437  1.00 26.89 ? 180 PHE A C     1 
ATOM   1218 O O     . PHE A 1 179 ? -10.306 -7.666  -8.008  1.00 27.34 ? 180 PHE A O     1 
ATOM   1219 C CB    . PHE A 1 179 ? -7.898  -6.963  -5.841  1.00 27.39 ? 180 PHE A CB    1 
ATOM   1220 C CG    . PHE A 1 179 ? -7.394  -6.716  -4.449  1.00 28.93 ? 180 PHE A CG    1 
ATOM   1221 C CD1   . PHE A 1 179 ? -7.789  -7.532  -3.398  1.00 30.63 ? 180 PHE A CD1   1 
ATOM   1222 C CD2   . PHE A 1 179 ? -6.548  -5.649  -4.184  1.00 32.88 ? 180 PHE A CD2   1 
ATOM   1223 C CE1   . PHE A 1 179 ? -7.357  -7.302  -2.095  1.00 32.97 ? 180 PHE A CE1   1 
ATOM   1224 C CE2   . PHE A 1 179 ? -6.099  -5.406  -2.878  1.00 34.62 ? 180 PHE A CE2   1 
ATOM   1225 C CZ    . PHE A 1 179 ? -6.517  -6.241  -1.827  1.00 33.70 ? 180 PHE A CZ    1 
ATOM   1226 N N     . ASP A 1 180 ? -9.741  -5.501  -8.014  1.00 27.17 ? 181 ASP A N     1 
ATOM   1227 C CA    . ASP A 1 180 ? -10.023 -5.263  -9.439  1.00 27.04 ? 181 ASP A CA    1 
ATOM   1228 C C     . ASP A 1 180 ? -8.993  -5.921  -10.372 1.00 27.48 ? 181 ASP A C     1 
ATOM   1229 O O     . ASP A 1 180 ? -9.347  -6.401  -11.442 1.00 28.64 ? 181 ASP A O     1 
ATOM   1230 C CB    . ASP A 1 180 ? -10.047 -3.745  -9.767  1.00 26.95 ? 181 ASP A CB    1 
ATOM   1231 C CG    . ASP A 1 180 ? -11.025 -2.919  -8.888  1.00 25.70 ? 181 ASP A CG    1 
ATOM   1232 O OD1   . ASP A 1 180 ? -12.203 -3.312  -8.672  1.00 25.39 ? 181 ASP A OD1   1 
ATOM   1233 O OD2   . ASP A 1 180 ? -10.687 -1.832  -8.381  1.00 23.06 ? 181 ASP A OD2   1 
ATOM   1234 N N     . LYS A 1 181 ? -7.719  -5.906  -9.998  1.00 27.50 ? 182 LYS A N     1 
ATOM   1235 C CA    . LYS A 1 181 ? -6.641  -6.410  -10.868 1.00 27.58 ? 182 LYS A CA    1 
ATOM   1236 C C     . LYS A 1 181 ? -5.617  -7.249  -10.069 1.00 27.21 ? 182 LYS A C     1 
ATOM   1237 O O     . LYS A 1 181 ? -5.310  -6.956  -8.886  1.00 26.96 ? 182 LYS A O     1 
ATOM   1238 C CB    . LYS A 1 181 ? -5.923  -5.235  -11.548 1.00 28.04 ? 182 LYS A CB    1 
ATOM   1239 C CG    . LYS A 1 181 ? -6.769  -4.461  -12.582 1.00 30.29 ? 182 LYS A CG    1 
ATOM   1240 C CD    . LYS A 1 181 ? -6.791  -5.156  -13.953 1.00 31.67 ? 182 LYS A CD    1 
ATOM   1241 C CE    . LYS A 1 181 ? -7.955  -4.684  -14.864 1.00 32.84 ? 182 LYS A CE    1 
ATOM   1242 N NZ    . LYS A 1 181 ? -8.316  -3.266  -14.627 1.00 32.00 ? 182 LYS A NZ    1 
ATOM   1243 N N     . VAL A 1 182 ? -5.121  -8.309  -10.700 1.00 26.70 ? 183 VAL A N     1 
ATOM   1244 C CA    . VAL A 1 182 ? -4.048  -9.123  -10.139 1.00 26.27 ? 183 VAL A CA    1 
ATOM   1245 C C     . VAL A 1 182 ? -2.856  -8.981  -11.072 1.00 25.93 ? 183 VAL A C     1 
ATOM   1246 O O     . VAL A 1 182 ? -2.973  -9.248  -12.263 1.00 27.13 ? 183 VAL A O     1 
ATOM   1247 C CB    . VAL A 1 182 ? -4.472  -10.577 -9.996  1.00 26.68 ? 183 VAL A CB    1 
ATOM   1248 C CG1   . VAL A 1 182 ? -3.254  -11.500 -9.718  1.00 27.19 ? 183 VAL A CG1   1 
ATOM   1249 C CG2   . VAL A 1 182 ? -5.502  -10.711 -8.896  1.00 26.09 ? 183 VAL A CG2   1 
ATOM   1250 N N     . VAL A 1 183 ? -1.739  -8.469  -10.560 1.00 24.69 ? 184 VAL A N     1 
ATOM   1251 C CA    . VAL A 1 183 ? -0.483  -8.462  -11.305 1.00 23.13 ? 184 VAL A CA    1 
ATOM   1252 C C     . VAL A 1 183 ? 0.378   -9.574  -10.670 1.00 22.56 ? 184 VAL A C     1 
ATOM   1253 O O     . VAL A 1 183 ? 0.633   -9.558  -9.466  1.00 21.73 ? 184 VAL A O     1 
ATOM   1254 C CB    . VAL A 1 183 ? 0.212   -7.066  -11.257 1.00 22.53 ? 184 VAL A CB    1 
ATOM   1255 C CG1   . VAL A 1 183 ? 1.643   -7.118  -11.816 1.00 21.82 ? 184 VAL A CG1   1 
ATOM   1256 C CG2   . VAL A 1 183 ? -0.593  -6.033  -12.063 1.00 22.98 ? 184 VAL A CG2   1 
ATOM   1257 N N     . VAL A 1 184 ? 0.772   -10.558 -11.477 1.00 22.01 ? 185 VAL A N     1 
ATOM   1258 C CA    . VAL A 1 184 ? 1.639   -11.637 -11.023 1.00 21.92 ? 185 VAL A CA    1 
ATOM   1259 C C     . VAL A 1 184 ? 3.097   -11.164 -11.108 1.00 22.11 ? 185 VAL A C     1 
ATOM   1260 O O     . VAL A 1 184 ? 3.554   -10.718 -12.149 1.00 23.08 ? 185 VAL A O     1 
ATOM   1261 C CB    . VAL A 1 184 ? 1.384   -12.916 -11.832 1.00 21.88 ? 185 VAL A CB    1 
ATOM   1262 C CG1   . VAL A 1 184 ? 2.314   -14.063 -11.402 1.00 22.78 ? 185 VAL A CG1   1 
ATOM   1263 C CG2   . VAL A 1 184 ? -0.107  -13.364 -11.676 1.00 21.13 ? 185 VAL A CG2   1 
ATOM   1264 N N     . ASN A 1 185 ? 3.814   -11.216 -9.994  1.00 21.59 ? 186 ASN A N     1 
ATOM   1265 C CA    . ASN A 1 185 ? 5.173   -10.735 -9.961  1.00 22.22 ? 186 ASN A CA    1 
ATOM   1266 C C     . ASN A 1 185 ? 6.200   -11.801 -10.392 1.00 22.45 ? 186 ASN A C     1 
ATOM   1267 O O     . ASN A 1 185 ? 6.910   -12.337 -9.569  1.00 22.21 ? 186 ASN A O     1 
ATOM   1268 C CB    . ASN A 1 185 ? 5.496   -10.185 -8.575  1.00 22.43 ? 186 ASN A CB    1 
ATOM   1269 C CG    . ASN A 1 185 ? 6.848   -9.527  -8.526  1.00 25.05 ? 186 ASN A CG    1 
ATOM   1270 O OD1   . ASN A 1 185 ? 7.636   -9.612  -9.484  1.00 31.05 ? 186 ASN A OD1   1 
ATOM   1271 N ND2   . ASN A 1 185 ? 7.139   -8.873  -7.426  1.00 27.50 ? 186 ASN A ND2   1 
ATOM   1272 N N     . ARG A 1 186 ? 6.273   -12.074 -11.696 1.00 23.01 ? 187 ARG A N     1 
ATOM   1273 C CA    . ARG A 1 186 ? 7.162   -13.088 -12.262 1.00 23.99 ? 187 ARG A CA    1 
ATOM   1274 C C     . ARG A 1 186 ? 8.602   -12.591 -12.462 1.00 23.41 ? 187 ARG A C     1 
ATOM   1275 O O     . ARG A 1 186 ? 9.551   -13.374 -12.533 1.00 23.07 ? 187 ARG A O     1 
ATOM   1276 C CB    . ARG A 1 186 ? 6.620   -13.564 -13.631 1.00 25.21 ? 187 ARG A CB    1 
ATOM   1277 C CG    . ARG A 1 186 ? 5.251   -14.226 -13.552 1.00 27.69 ? 187 ARG A CG    1 
ATOM   1278 C CD    . ARG A 1 186 ? 5.035   -15.414 -14.511 1.00 32.47 ? 187 ARG A CD    1 
ATOM   1279 N NE    . ARG A 1 186 ? 3.622   -15.846 -14.548 1.00 34.49 ? 187 ARG A NE    1 
ATOM   1280 C CZ    . ARG A 1 186 ? 2.625   -15.143 -15.116 1.00 34.92 ? 187 ARG A CZ    1 
ATOM   1281 N NH1   . ARG A 1 186 ? 2.866   -13.981 -15.719 1.00 34.09 ? 187 ARG A NH1   1 
ATOM   1282 N NH2   . ARG A 1 186 ? 1.377   -15.605 -15.090 1.00 35.85 ? 187 ARG A NH2   1 
ATOM   1283 N N     . ARG A 1 187 ? 8.741   -11.280 -12.515 1.00 23.44 ? 188 ARG A N     1 
ATOM   1284 C CA    . ARG A 1 187 ? 9.939   -10.629 -12.999 1.00 23.33 ? 188 ARG A CA    1 
ATOM   1285 C C     . ARG A 1 187 ? 9.720   -9.154  -12.700 1.00 23.41 ? 188 ARG A C     1 
ATOM   1286 O O     . ARG A 1 187 ? 8.675   -8.621  -13.029 1.00 23.79 ? 188 ARG A O     1 
ATOM   1287 C CB    . ARG A 1 187 ? 9.990   -10.913 -14.499 1.00 23.53 ? 188 ARG A CB    1 
ATOM   1288 C CG    . ARG A 1 187 ? 10.959  -10.183 -15.267 1.00 22.46 ? 188 ARG A CG    1 
ATOM   1289 C CD    . ARG A 1 187 ? 12.107  -11.015 -15.664 1.00 23.52 ? 188 ARG A CD    1 
ATOM   1290 N NE    . ARG A 1 187 ? 13.215  -10.137 -15.952 1.00 22.33 ? 188 ARG A NE    1 
ATOM   1291 C CZ    . ARG A 1 187 ? 14.025  -10.246 -16.979 1.00 21.85 ? 188 ARG A CZ    1 
ATOM   1292 N NH1   . ARG A 1 187 ? 13.931  -11.243 -17.858 1.00 22.05 ? 188 ARG A NH1   1 
ATOM   1293 N NH2   . ARG A 1 187 ? 14.978  -9.347  -17.102 1.00 22.36 ? 188 ARG A NH2   1 
ATOM   1294 N N     . LEU A 1 188 ? 10.672  -8.491  -12.059 1.00 23.43 ? 189 LEU A N     1 
ATOM   1295 C CA    . LEU A 1 188 ? 10.490  -7.083  -11.703 1.00 23.76 ? 189 LEU A CA    1 
ATOM   1296 C C     . LEU A 1 188 ? 10.073  -6.201  -12.897 1.00 22.59 ? 189 LEU A C     1 
ATOM   1297 O O     . LEU A 1 188 ? 9.192   -5.381  -12.792 1.00 20.94 ? 189 LEU A O     1 
ATOM   1298 C CB    . LEU A 1 188 ? 11.793  -6.521  -11.104 1.00 24.38 ? 189 LEU A CB    1 
ATOM   1299 C CG    . LEU A 1 188 ? 11.732  -5.035  -10.707 1.00 27.04 ? 189 LEU A CG    1 
ATOM   1300 C CD1   . LEU A 1 188 ? 10.608  -4.774  -9.691  1.00 28.40 ? 189 LEU A CD1   1 
ATOM   1301 C CD2   . LEU A 1 188 ? 13.087  -4.566  -10.183 1.00 28.50 ? 189 LEU A CD2   1 
ATOM   1302 N N     . GLU A 1 189 ? 10.720  -6.379  -14.038 1.00 22.42 ? 190 GLU A N     1 
ATOM   1303 C CA    . GLU A 1 189 ? 10.544  -5.415  -15.134 1.00 22.45 ? 190 GLU A CA    1 
ATOM   1304 C C     . GLU A 1 189 ? 9.145   -5.535  -15.780 1.00 21.86 ? 190 GLU A C     1 
ATOM   1305 O O     . GLU A 1 189 ? 8.539   -4.519  -16.126 1.00 20.60 ? 190 GLU A O     1 
ATOM   1306 C CB    . GLU A 1 189 ? 11.675  -5.557  -16.136 1.00 22.57 ? 190 GLU A CB    1 
ATOM   1307 C CG    . GLU A 1 189 ? 13.057  -5.295  -15.514 1.00 24.14 ? 190 GLU A CG    1 
ATOM   1308 C CD    . GLU A 1 189 ? 13.813  -6.561  -15.126 1.00 24.59 ? 190 GLU A CD    1 
ATOM   1309 O OE1   . GLU A 1 189 ? 13.241  -7.458  -14.466 1.00 26.32 ? 190 GLU A OE1   1 
ATOM   1310 O OE2   . GLU A 1 189 ? 14.988  -6.680  -15.514 1.00 29.09 ? 190 GLU A OE2   1 
ATOM   1311 N N     . SER A 1 190 ? 8.606   -6.751  -15.871 1.00 21.14 ? 191 SER A N     1 
ATOM   1312 C CA    . SER A 1 190 ? 7.267   -6.924  -16.445 1.00 21.99 ? 191 SER A CA    1 
ATOM   1313 C C     . SER A 1 190 ? 6.138   -6.587  -15.466 1.00 21.82 ? 191 SER A C     1 
ATOM   1314 O O     . SER A 1 190 ? 5.097   -6.109  -15.871 1.00 20.62 ? 191 SER A O     1 
ATOM   1315 C CB    . SER A 1 190 ? 7.071   -8.314  -17.098 1.00 22.40 ? 191 SER A CB    1 
ATOM   1316 O OG    . SER A 1 190 ? 7.498   -9.390  -16.299 1.00 24.46 ? 191 SER A OG    1 
ATOM   1317 N N     . ALA A 1 191 ? 6.353   -6.821  -14.175 1.00 22.09 ? 192 ALA A N     1 
ATOM   1318 C CA    . ALA A 1 191 ? 5.375   -6.463  -13.174 1.00 22.32 ? 192 ALA A CA    1 
ATOM   1319 C C     . ALA A 1 191 ? 5.274   -4.928  -13.096 1.00 22.28 ? 192 ALA A C     1 
ATOM   1320 O O     . ALA A 1 191 ? 4.169   -4.343  -13.070 1.00 21.51 ? 192 ALA A O     1 
ATOM   1321 C CB    . ALA A 1 191 ? 5.785   -7.062  -11.818 1.00 23.04 ? 192 ALA A CB    1 
ATOM   1322 N N     . CYS A 1 192 ? 6.432   -4.281  -13.074 1.00 22.04 ? 193 CYS A N     1 
ATOM   1323 C CA    . CYS A 1 192 ? 6.500   -2.810  -13.072 1.00 23.66 ? 193 CYS A CA    1 
ATOM   1324 C C     . CYS A 1 192 ? 5.882   -2.263  -14.393 1.00 22.13 ? 193 CYS A C     1 
ATOM   1325 O O     . CYS A 1 192 ? 5.120   -1.306  -14.363 1.00 20.90 ? 193 CYS A O     1 
ATOM   1326 C CB    . CYS A 1 192 ? 7.957   -2.333  -12.815 1.00 24.12 ? 193 CYS A CB    1 
ATOM   1327 S SG    . CYS A 1 192 ? 8.346   -0.505  -12.885 1.00 35.94 ? 193 CYS A SG    1 
ATOM   1328 N N     . ALA A 1 193 ? 6.186   -2.883  -15.537 1.00 20.91 ? 194 ALA A N     1 
ATOM   1329 C CA    . ALA A 1 193 ? 5.564   -2.487  -16.802 1.00 20.78 ? 194 ALA A CA    1 
ATOM   1330 C C     . ALA A 1 193 ? 4.012   -2.538  -16.771 1.00 20.83 ? 194 ALA A C     1 
ATOM   1331 O O     . ALA A 1 193 ? 3.370   -1.618  -17.219 1.00 19.60 ? 194 ALA A O     1 
ATOM   1332 C CB    . ALA A 1 193 ? 6.068   -3.343  -17.918 1.00 20.94 ? 194 ALA A CB    1 
ATOM   1333 N N     . GLU A 1 194 ? 3.434   -3.611  -16.236 1.00 21.27 ? 195 GLU A N     1 
ATOM   1334 C CA    . GLU A 1 194 ? 1.976   -3.741  -16.121 1.00 22.59 ? 195 GLU A CA    1 
ATOM   1335 C C     . GLU A 1 194 ? 1.370   -2.657  -15.251 1.00 22.49 ? 195 GLU A C     1 
ATOM   1336 O O     . GLU A 1 194 ? 0.299   -2.128  -15.576 1.00 23.15 ? 195 GLU A O     1 
ATOM   1337 C CB    . GLU A 1 194 ? 1.574   -5.088  -15.522 1.00 22.66 ? 195 GLU A CB    1 
ATOM   1338 C CG    . GLU A 1 194 ? 1.609   -6.254  -16.480 1.00 25.59 ? 195 GLU A CG    1 
ATOM   1339 C CD    . GLU A 1 194 ? 0.946   -7.505  -15.882 1.00 28.96 ? 195 GLU A CD    1 
ATOM   1340 O OE1   . GLU A 1 194 ? -0.186  -7.407  -15.329 1.00 31.51 ? 195 GLU A OE1   1 
ATOM   1341 O OE2   . GLU A 1 194 ? 1.572   -8.584  -15.951 1.00 29.66 ? 195 GLU A OE2   1 
ATOM   1342 N N     . LEU A 1 195 ? 2.059   -2.321  -14.163 1.00 22.10 ? 196 LEU A N     1 
ATOM   1343 C CA    . LEU A 1 195 ? 1.627   -1.236  -13.289 1.00 22.66 ? 196 LEU A CA    1 
ATOM   1344 C C     . LEU A 1 195 ? 1.697   0.162   -13.933 1.00 22.27 ? 196 LEU A C     1 
ATOM   1345 O O     . LEU A 1 195 ? 0.840   0.993   -13.650 1.00 21.19 ? 196 LEU A O     1 
ATOM   1346 C CB    . LEU A 1 195 ? 2.377   -1.269  -11.937 1.00 22.98 ? 196 LEU A CB    1 
ATOM   1347 C CG    . LEU A 1 195 ? 1.847   -2.411  -11.056 1.00 24.92 ? 196 LEU A CG    1 
ATOM   1348 C CD1   . LEU A 1 195 ? 2.842   -2.875  -9.960  1.00 26.23 ? 196 LEU A CD1   1 
ATOM   1349 C CD2   . LEU A 1 195 ? 0.516   -2.008  -10.446 1.00 28.03 ? 196 LEU A CD2   1 
ATOM   1350 N N     . VAL A 1 196 ? 2.694   0.399   -14.789 1.00 21.97 ? 197 VAL A N     1 
ATOM   1351 C CA    . VAL A 1 196 ? 2.814   1.648   -15.548 1.00 21.55 ? 197 VAL A CA    1 
ATOM   1352 C C     . VAL A 1 196 ? 1.649   1.778   -16.494 1.00 22.48 ? 197 VAL A C     1 
ATOM   1353 O O     . VAL A 1 196 ? 1.104   2.879   -16.639 1.00 21.58 ? 197 VAL A O     1 
ATOM   1354 C CB    . VAL A 1 196 ? 4.144   1.743   -16.345 1.00 21.34 ? 197 VAL A CB    1 
ATOM   1355 C CG1   . VAL A 1 196 ? 4.128   2.876   -17.402 1.00 21.33 ? 197 VAL A CG1   1 
ATOM   1356 C CG2   . VAL A 1 196 ? 5.344   1.917   -15.393 1.00 21.21 ? 197 VAL A CG2   1 
ATOM   1357 N N     . SER A 1 197 ? 1.255   0.675   -17.141 1.00 23.84 ? 198 SER A N     1 
ATOM   1358 C CA    . SER A 1 197 ? 0.094   0.696   -18.066 1.00 25.08 ? 198 SER A CA    1 
ATOM   1359 C C     . SER A 1 197 ? -1.217  1.085   -17.353 1.00 25.79 ? 198 SER A C     1 
ATOM   1360 O O     . SER A 1 197 ? -1.992  1.872   -17.889 1.00 26.87 ? 198 SER A O     1 
ATOM   1361 C CB    . SER A 1 197 ? -0.087  -0.637  -18.806 1.00 24.83 ? 198 SER A CB    1 
ATOM   1362 O OG    . SER A 1 197 ? 1.046   -0.938  -19.621 1.00 27.74 ? 198 SER A OG    1 
ATOM   1363 N N     . LEU A 1 198 ? -1.451  0.539   -16.164 1.00 27.01 ? 199 LEU A N     1 
ATOM   1364 C CA    . LEU A 1 198 ? -2.585  0.931   -15.309 1.00 27.77 ? 199 LEU A CA    1 
ATOM   1365 C C     . LEU A 1 198 ? -2.549  2.404   -14.853 1.00 28.80 ? 199 LEU A C     1 
ATOM   1366 O O     . LEU A 1 198 ? -3.593  3.065   -14.807 1.00 28.45 ? 199 LEU A O     1 
ATOM   1367 C CB    . LEU A 1 198 ? -2.677  0.036   -14.068 1.00 26.87 ? 199 LEU A CB    1 
ATOM   1368 C CG    . LEU A 1 198 ? -3.068  -1.409  -14.409 1.00 28.30 ? 199 LEU A CG    1 
ATOM   1369 C CD1   . LEU A 1 198 ? -2.785  -2.393  -13.274 1.00 26.30 ? 199 LEU A CD1   1 
ATOM   1370 C CD2   . LEU A 1 198 ? -4.554  -1.531  -14.891 1.00 28.85 ? 199 LEU A CD2   1 
ATOM   1371 N N     . LEU A 1 199 ? -1.365  2.919   -14.538 1.00 29.76 ? 200 LEU A N     1 
ATOM   1372 C CA    . LEU A 1 199 ? -1.236  4.270   -14.012 1.00 30.88 ? 200 LEU A CA    1 
ATOM   1373 C C     . LEU A 1 199 ? -1.360  5.394   -15.044 1.00 33.24 ? 200 LEU A C     1 
ATOM   1374 O O     . LEU A 1 199 ? -1.927  6.454   -14.733 1.00 33.81 ? 200 LEU A O     1 
ATOM   1375 C CB    . LEU A 1 199 ? 0.070   4.415   -13.235 1.00 31.11 ? 200 LEU A CB    1 
ATOM   1376 C CG    . LEU A 1 199 ? 0.015   3.918   -11.777 1.00 30.58 ? 200 LEU A CG    1 
ATOM   1377 C CD1   . LEU A 1 199 ? 1.398   3.562   -11.257 1.00 28.91 ? 200 LEU A CD1   1 
ATOM   1378 C CD2   . LEU A 1 199 ? -0.670  4.950   -10.836 1.00 30.25 ? 200 LEU A CD2   1 
ATOM   1379 N N     . VAL A 1 200 ? -0.853  5.186   -16.255 1.00 35.38 ? 201 VAL A N     1 
ATOM   1380 C CA    . VAL A 1 200 ? -0.883  6.213   -17.290 1.00 37.79 ? 201 VAL A CA    1 
ATOM   1381 C C     . VAL A 1 200 ? -1.512  5.784   -18.620 1.00 40.38 ? 201 VAL A C     1 
ATOM   1382 O O     . VAL A 1 200 ? -1.297  6.443   -19.630 1.00 40.07 ? 201 VAL A O     1 
ATOM   1383 C CB    . VAL A 1 200 ? 0.552   6.778   -17.597 1.00 37.70 ? 201 VAL A CB    1 
ATOM   1384 C CG1   . VAL A 1 200 ? 1.133   7.454   -16.388 1.00 38.73 ? 201 VAL A CG1   1 
ATOM   1385 C CG2   . VAL A 1 200 ? 1.499   5.710   -18.112 1.00 37.71 ? 201 VAL A CG2   1 
ATOM   1386 N N     . GLY A 1 201 ? -2.315  4.714   -18.619 1.00 44.48 ? 202 GLY A N     1 
ATOM   1387 C CA    . GLY A 1 201 ? -2.886  4.155   -19.855 1.00 46.40 ? 202 GLY A CA    1 
ATOM   1388 C C     . GLY A 1 201 ? -4.141  4.845   -20.384 1.00 47.76 ? 202 GLY A C     1 
ATOM   1389 O O     . GLY A 1 201 ? -4.446  4.781   -21.608 1.00 50.46 ? 202 GLY A O     1 
HETATM 1390 P PB    . GDP B 2 .   ? 6.466   1.758   6.935   1.00 53.78 ? 300 GDP A PB    1 
HETATM 1391 O O1B   . GDP B 2 .   ? 6.268   0.447   7.589   1.00 52.58 ? 300 GDP A O1B   1 
HETATM 1392 O O2B   . GDP B 2 .   ? 5.165   2.566   6.787   1.00 55.15 ? 300 GDP A O2B   1 
HETATM 1393 O O3B   . GDP B 2 .   ? 7.011   1.531   5.505   1.00 56.23 ? 300 GDP A O3B   1 
HETATM 1394 O O3A   . GDP B 2 .   ? 7.548   2.576   7.814   1.00 53.65 ? 300 GDP A O3A   1 
HETATM 1395 P PA    . GDP B 2 .   ? 7.269   3.043   9.342   1.00 53.83 ? 300 GDP A PA    1 
HETATM 1396 O O1A   . GDP B 2 .   ? 7.618   4.490   9.257   1.00 49.51 ? 300 GDP A O1A   1 
HETATM 1397 O O2A   . GDP B 2 .   ? 8.191   2.207   10.276  1.00 49.90 ? 300 GDP A O2A   1 
HETATM 1398 O "O5'" . GDP B 2 .   ? 5.665   2.727   9.631   1.00 47.37 ? 300 GDP A "O5'" 1 
HETATM 1399 C "C5'" . GDP B 2 .   ? 5.231   1.511   10.270  1.00 42.88 ? 300 GDP A "C5'" 1 
HETATM 1400 C "C4'" . GDP B 2 .   ? 3.797   0.927   10.025  1.00 39.07 ? 300 GDP A "C4'" 1 
HETATM 1401 O "O4'" . GDP B 2 .   ? 2.736   1.865   9.807   1.00 36.19 ? 300 GDP A "O4'" 1 
HETATM 1402 C "C3'" . GDP B 2 .   ? 3.690   -0.091  8.876   1.00 36.85 ? 300 GDP A "C3'" 1 
HETATM 1403 O "O3'" . GDP B 2 .   ? 3.273   -1.339  9.352   1.00 36.51 ? 300 GDP A "O3'" 1 
HETATM 1404 C "C2'" . GDP B 2 .   ? 2.633   0.436   7.921   1.00 35.44 ? 300 GDP A "C2'" 1 
HETATM 1405 O "O2'" . GDP B 2 .   ? 1.818   -0.572  7.358   1.00 32.92 ? 300 GDP A "O2'" 1 
HETATM 1406 C "C1'" . GDP B 2 .   ? 1.845   1.389   8.803   1.00 33.98 ? 300 GDP A "C1'" 1 
HETATM 1407 N N9    . GDP B 2 .   ? 1.354   2.474   7.945   1.00 33.02 ? 300 GDP A N9    1 
HETATM 1408 C C8    . GDP B 2 .   ? 2.107   3.479   7.361   1.00 31.66 ? 300 GDP A C8    1 
HETATM 1409 N N7    . GDP B 2 .   ? 1.271   4.269   6.667   1.00 30.39 ? 300 GDP A N7    1 
HETATM 1410 C C5    . GDP B 2 .   ? 0.017   3.775   6.760   1.00 29.20 ? 300 GDP A C5    1 
HETATM 1411 C C6    . GDP B 2 .   ? -1.200  4.193   6.240   1.00 27.75 ? 300 GDP A C6    1 
HETATM 1412 O O6    . GDP B 2 .   ? -1.265  5.171   5.495   1.00 27.62 ? 300 GDP A O6    1 
HETATM 1413 N N1    . GDP B 2 .   ? -2.339  3.473   6.544   1.00 29.66 ? 300 GDP A N1    1 
HETATM 1414 C C2    . GDP B 2 .   ? -2.297  2.353   7.362   1.00 28.05 ? 300 GDP A C2    1 
HETATM 1415 N N2    . GDP B 2 .   ? -3.307  1.503   7.324   1.00 26.16 ? 300 GDP A N2    1 
HETATM 1416 N N3    . GDP B 2 .   ? -1.086  1.937   7.875   1.00 29.10 ? 300 GDP A N3    1 
HETATM 1417 C C4    . GDP B 2 .   ? 0.048   2.643   7.578   1.00 31.21 ? 300 GDP A C4    1 
HETATM 1418 O O     . HOH C 3 .   ? 8.083   0.020   -17.987 0.50 21.28 ? 301 HOH A O     1 
HETATM 1419 O O     . HOH C 3 .   ? 7.403   8.702   17.487  1.00 36.32 ? 302 HOH A O     1 
HETATM 1420 O O     . HOH C 3 .   ? 6.492   -12.442 -5.481  1.00 41.07 ? 303 HOH A O     1 
HETATM 1421 O O     . HOH C 3 .   ? -3.247  8.777   18.217  1.00 29.55 ? 304 HOH A O     1 
HETATM 1422 O O     . HOH C 3 .   ? 2.287   -3.384  -20.164 0.50 31.11 ? 305 HOH A O     1 
HETATM 1423 O O     . HOH C 3 .   ? 5.601   -7.060  0.355   1.00 30.31 ? 306 HOH A O     1 
HETATM 1424 O O     . HOH C 3 .   ? -1.099  6.879   2.155   1.00 36.10 ? 307 HOH A O     1 
HETATM 1425 O O     . HOH C 3 .   ? -12.519 9.577   7.621   1.00 49.61 ? 308 HOH A O     1 
HETATM 1426 O O     . HOH C 3 .   ? 1.985   -25.377 5.927   1.00 33.09 ? 309 HOH A O     1 
HETATM 1427 O O     . HOH C 3 .   ? 3.880   -24.007 -6.281  1.00 35.29 ? 310 HOH A O     1 
HETATM 1428 O O     . HOH C 3 .   ? 12.012  -16.522 15.316  1.00 48.50 ? 311 HOH A O     1 
HETATM 1429 O O     . HOH C 3 .   ? -0.735  12.386  -0.440  1.00 27.12 ? 312 HOH A O     1 
HETATM 1430 O O     . HOH C 3 .   ? -3.181  8.794   -15.119 1.00 40.78 ? 313 HOH A O     1 
HETATM 1431 O O     . HOH C 3 .   ? -2.443  -22.705 6.279   1.00 36.98 ? 314 HOH A O     1 
HETATM 1432 O O     . HOH C 3 .   ? -0.873  -6.748  3.329   1.00 38.08 ? 315 HOH A O     1 
HETATM 1433 O O     . HOH C 3 .   ? -8.619  14.601  3.618   1.00 40.10 ? 316 HOH A O     1 
HETATM 1434 O O     . HOH C 3 .   ? -6.779  0.565   7.210   1.00 41.75 ? 317 HOH A O     1 
HETATM 1435 O O     . HOH C 3 .   ? 3.053   -6.993  -0.564  1.00 49.54 ? 318 HOH A O     1 
HETATM 1436 O O     . HOH C 3 .   ? 2.974   4.442   10.615  1.00 33.23 ? 319 HOH A O     1 
HETATM 1437 O O     . HOH C 3 .   ? -1.729  -3.298  -17.132 1.00 43.35 ? 320 HOH A O     1 
HETATM 1438 O O     . HOH C 3 .   ? 1.228   5.394   -0.076  1.00 42.28 ? 321 HOH A O     1 
HETATM 1439 O O     . HOH C 3 .   ? 9.462   -23.720 -1.427  1.00 39.68 ? 322 HOH A O     1 
HETATM 1440 O O     . HOH C 3 .   ? -10.190 2.401   7.701   1.00 40.05 ? 323 HOH A O     1 
HETATM 1441 O O     . HOH C 3 .   ? -6.603  -9.098  -13.318 1.00 36.68 ? 324 HOH A O     1 
HETATM 1442 O O     . HOH C 3 .   ? -2.709  11.213  0.376   1.00 39.44 ? 325 HOH A O     1 
HETATM 1443 O O     . HOH C 3 .   ? 5.661   11.415  -5.431  1.00 37.00 ? 326 HOH A O     1 
HETATM 1444 O O     . HOH C 3 .   ? 16.356  -21.152 1.366   1.00 35.68 ? 327 HOH A O     1 
HETATM 1445 O O     . HOH C 3 .   ? -1.782  18.826  14.020  1.00 51.20 ? 328 HOH A O     1 
HETATM 1446 O O     . HOH C 3 .   ? 0.238   -10.259 -14.493 1.00 36.21 ? 329 HOH A O     1 
HETATM 1447 O O     . HOH C 3 .   ? -7.233  -0.446  13.412  1.00 40.90 ? 330 HOH A O     1 
HETATM 1448 O O     . HOH C 3 .   ? 1.656   18.661  6.369   1.00 47.15 ? 331 HOH A O     1 
HETATM 1449 O O     . HOH C 3 .   ? 9.885   19.121  8.117   1.00 41.02 ? 332 HOH A O     1 
HETATM 1450 O O     . HOH C 3 .   ? 0.479   -25.496 -0.747  1.00 44.52 ? 333 HOH A O     1 
HETATM 1451 O O     . HOH C 3 .   ? -2.167  10.656  2.683   1.00 36.98 ? 334 HOH A O     1 
HETATM 1452 O O     . HOH C 3 .   ? 3.092   -14.322 5.897   1.00 32.32 ? 335 HOH A O     1 
HETATM 1453 O O     . HOH C 3 .   ? 0.778   -21.954 -7.029  1.00 40.70 ? 336 HOH A O     1 
HETATM 1454 O O     . HOH C 3 .   ? 1.452   -5.241  3.312   1.00 41.98 ? 337 HOH A O     1 
HETATM 1455 O O     . HOH C 3 .   ? -2.799  -3.105  22.610  1.00 51.89 ? 338 HOH A O     1 
HETATM 1456 O O     . HOH C 3 .   ? -4.289  -6.170  6.597   1.00 37.09 ? 339 HOH A O     1 
HETATM 1457 O O     . HOH C 3 .   ? 7.146   -20.267 -9.826  1.00 44.42 ? 340 HOH A O     1 
HETATM 1458 O O     . HOH C 3 .   ? 16.146  -14.832 5.263   1.00 47.63 ? 341 HOH A O     1 
HETATM 1459 O O     . HOH C 3 .   ? 5.754   -10.364 -14.532 1.00 45.84 ? 342 HOH A O     1 
HETATM 1460 O O     . HOH C 3 .   ? 7.652   -7.242  1.459   1.00 43.22 ? 343 HOH A O     1 
HETATM 1461 O O     . HOH C 3 .   ? 12.864  -10.412 -11.222 1.00 41.74 ? 344 HOH A O     1 
HETATM 1462 O O     . HOH C 3 .   ? 21.066  -14.595 2.190   1.00 52.25 ? 345 HOH A O     1 
HETATM 1463 O O     . HOH C 3 .   ? 3.162   13.961  14.791  1.00 40.18 ? 346 HOH A O     1 
HETATM 1464 O O     . HOH C 3 .   ? -4.682  -1.063  7.779   1.00 38.35 ? 347 HOH A O     1 
HETATM 1465 O O     . HOH C 3 .   ? -6.197  10.128  17.359  1.00 43.66 ? 348 HOH A O     1 
HETATM 1466 O O     . HOH C 3 .   ? -12.913 -4.679  -6.509  1.00 50.83 ? 349 HOH A O     1 
HETATM 1467 O O     . HOH C 3 .   ? 1.008   -2.321  13.647  1.00 40.79 ? 350 HOH A O     1 
HETATM 1468 O O     . HOH C 3 .   ? -8.472  -7.339  5.394   1.00 46.49 ? 351 HOH A O     1 
HETATM 1469 O O     . HOH C 3 .   ? 3.798   -25.333 3.765   1.00 34.36 ? 352 HOH A O     1 
HETATM 1470 O O     . HOH C 3 .   ? -13.826 5.791   10.539  1.00 47.10 ? 353 HOH A O     1 
HETATM 1471 O O     . HOH C 3 .   ? 9.049   -13.518 -6.050  1.00 45.83 ? 354 HOH A O     1 
HETATM 1472 O O     . HOH C 3 .   ? 10.621  -11.777 -4.975  1.00 45.83 ? 355 HOH A O     1 
HETATM 1473 O O     . HOH C 3 .   ? 25.464  -14.820 5.301   1.00 52.26 ? 356 HOH A O     1 
HETATM 1474 O O     . HOH C 3 .   ? 3.569   -9.583  -14.409 1.00 42.22 ? 357 HOH A O     1 
# 
